data_5WQD
#
_entry.id   5WQD
#
_cell.length_a   144.616
_cell.length_b   153.267
_cell.length_c   108.029
_cell.angle_alpha   90.000
_cell.angle_beta   90.000
_cell.angle_gamma   90.000
#
_symmetry.space_group_name_H-M   'P 21 21 2'
#
loop_
_entity.id
_entity.type
_entity.pdbx_description
1 polymer 'Telomeric repeat-binding factor 2'
2 polymer Nibrin
#
loop_
_entity_poly.entity_id
_entity_poly.type
_entity_poly.pdbx_seq_one_letter_code
_entity_poly.pdbx_strand_id
1 'polypeptide(L)'
;GAGEARLEEAVNRWVLKFYFHEALRAFRGSRYGDFRQIRDIMQALLVRPLGKEHTVSRLLRVMQCLSRIEEGENLDCSFD
MEAELTPLESAINVLEMIKTEFTLTEAVVESSRKLVKEAAVIICIKNKEFEKASKILKKHMSKDPTTQKLRNDLLNIIRE
KNLAHPVIQNFSYETFQQKMLRFLESHLDDAEPYLLTMAKKALK
;
A,B,C,D,E,F,G
2 'polypeptide(L)' KMRIPNYQLSPTKLPS H,I,J,K,L,M,N
#
# COMPACT_ATOMS: atom_id res chain seq x y z
N GLY A 3 18.50 11.53 -7.27
CA GLY A 3 19.52 12.31 -7.97
C GLY A 3 19.06 12.80 -9.32
N GLU A 4 18.69 11.87 -10.19
CA GLU A 4 18.22 12.21 -11.54
C GLU A 4 16.80 12.73 -11.55
N ALA A 5 16.08 12.65 -10.43
CA ALA A 5 14.68 13.06 -10.41
C ALA A 5 14.52 14.56 -10.64
N ARG A 6 15.40 15.37 -10.03
CA ARG A 6 15.32 16.81 -10.23
C ARG A 6 15.61 17.18 -11.68
N LEU A 7 16.68 16.61 -12.25
CA LEU A 7 17.02 16.93 -13.63
C LEU A 7 15.89 16.59 -14.59
N GLU A 8 15.10 15.56 -14.27
CA GLU A 8 13.87 15.34 -15.02
C GLU A 8 12.83 16.40 -14.70
N GLU A 9 12.67 16.73 -13.41
CA GLU A 9 11.78 17.81 -13.02
C GLU A 9 12.18 19.13 -13.64
N ALA A 10 13.49 19.35 -13.83
CA ALA A 10 13.96 20.60 -14.38
C ALA A 10 13.51 20.78 -15.82
N VAL A 11 13.77 19.79 -16.67
CA VAL A 11 13.34 19.88 -18.07
C VAL A 11 11.83 19.80 -18.16
N ASN A 12 11.18 19.07 -17.25
CA ASN A 12 9.72 19.00 -17.27
C ASN A 12 9.11 20.38 -17.09
N ARG A 13 9.63 21.18 -16.16
CA ARG A 13 9.22 22.57 -16.05
C ARG A 13 9.51 23.33 -17.34
N TRP A 14 10.71 23.11 -17.91
CA TRP A 14 11.06 23.75 -19.17
C TRP A 14 10.05 23.40 -20.25
N VAL A 15 9.87 22.11 -20.53
CA VAL A 15 8.94 21.68 -21.57
C VAL A 15 7.54 22.21 -21.29
N LEU A 16 7.12 22.20 -20.02
CA LEU A 16 5.79 22.69 -19.68
C LEU A 16 5.67 24.19 -19.96
N LYS A 17 6.68 24.97 -19.57
CA LYS A 17 6.61 26.42 -19.74
C LYS A 17 6.79 26.85 -21.19
N PHE A 18 7.40 26.01 -22.03
CA PHE A 18 7.52 26.35 -23.45
C PHE A 18 6.16 26.27 -24.13
N TYR A 19 5.42 25.18 -23.90
CA TYR A 19 4.12 25.02 -24.53
C TYR A 19 3.05 25.89 -23.90
N PHE A 20 3.23 26.34 -22.66
CA PHE A 20 2.33 27.34 -22.11
C PHE A 20 2.48 28.67 -22.85
N HIS A 21 3.68 28.99 -23.32
CA HIS A 21 3.89 30.20 -24.10
C HIS A 21 3.28 30.07 -25.50
N GLU A 22 3.52 28.94 -26.15
CA GLU A 22 2.95 28.72 -27.48
C GLU A 22 1.44 28.59 -27.44
N ALA A 23 0.87 28.21 -26.30
CA ALA A 23 -0.59 28.13 -26.18
C ALA A 23 -1.21 29.50 -26.15
N LEU A 24 -0.70 30.39 -25.29
CA LEU A 24 -1.20 31.76 -25.27
C LEU A 24 -0.98 32.46 -26.59
N ARG A 25 0.17 32.23 -27.22
CA ARG A 25 0.46 32.85 -28.51
C ARG A 25 -0.50 32.35 -29.58
N ALA A 26 -0.87 31.07 -29.53
CA ALA A 26 -1.89 30.55 -30.42
C ALA A 26 -3.28 31.00 -30.01
N PHE A 27 -3.52 31.12 -28.70
CA PHE A 27 -4.80 31.63 -28.22
C PHE A 27 -4.99 33.09 -28.62
N ARG A 28 -3.92 33.89 -28.53
CA ARG A 28 -4.01 35.30 -28.87
C ARG A 28 -4.33 35.51 -30.35
N GLY A 29 -3.80 34.63 -31.20
CA GLY A 29 -4.06 34.73 -32.63
C GLY A 29 -5.32 34.01 -33.05
N SER A 30 -6.20 33.72 -32.08
CA SER A 30 -7.47 33.05 -32.34
C SER A 30 -7.27 31.71 -33.03
N ARG A 31 -6.13 31.06 -32.78
CA ARG A 31 -5.82 29.77 -33.38
C ARG A 31 -6.05 28.66 -32.35
N TYR A 32 -7.34 28.43 -32.07
CA TYR A 32 -7.72 27.52 -31.00
C TYR A 32 -7.49 26.06 -31.36
N GLY A 33 -7.31 25.74 -32.63
CA GLY A 33 -6.98 24.38 -32.99
C GLY A 33 -5.61 23.96 -32.48
N ASP A 34 -4.60 24.79 -32.71
CA ASP A 34 -3.28 24.53 -32.16
C ASP A 34 -3.26 24.68 -30.64
N PHE A 35 -4.07 25.60 -30.11
CA PHE A 35 -4.22 25.70 -28.66
C PHE A 35 -4.73 24.39 -28.07
N ARG A 36 -5.75 23.81 -28.71
CA ARG A 36 -6.28 22.53 -28.23
C ARG A 36 -5.24 21.43 -28.33
N GLN A 37 -4.45 21.43 -29.42
CA GLN A 37 -3.38 20.44 -29.57
C GLN A 37 -2.33 20.62 -28.48
N ILE A 38 -1.89 21.87 -28.26
CA ILE A 38 -0.89 22.13 -27.24
C ILE A 38 -1.44 21.87 -25.85
N ARG A 39 -2.75 22.10 -25.64
CA ARG A 39 -3.36 21.77 -24.36
C ARG A 39 -3.19 20.31 -24.01
N ASP A 40 -3.40 19.41 -24.99
CA ASP A 40 -3.27 17.99 -24.74
C ASP A 40 -1.85 17.61 -24.37
N ILE A 41 -0.85 18.33 -24.91
CA ILE A 41 0.54 18.06 -24.55
C ILE A 41 0.79 18.43 -23.10
N MET A 42 0.30 19.61 -22.67
CA MET A 42 0.48 20.03 -21.29
C MET A 42 -0.29 19.14 -20.34
N GLN A 43 -1.48 18.68 -20.75
CA GLN A 43 -2.24 17.75 -19.93
C GLN A 43 -1.47 16.44 -19.75
N ALA A 44 -0.77 16.00 -20.80
CA ALA A 44 0.06 14.80 -20.69
C ALA A 44 1.29 15.01 -19.81
N LEU A 45 1.72 16.26 -19.63
CA LEU A 45 2.84 16.55 -18.73
C LEU A 45 2.41 16.69 -17.28
N LEU A 46 1.11 16.86 -17.02
CA LEU A 46 0.65 17.06 -15.65
C LEU A 46 1.01 15.88 -14.75
N VAL A 47 0.91 14.66 -15.28
CA VAL A 47 1.18 13.47 -14.48
C VAL A 47 2.66 13.34 -14.15
N ARG A 48 3.54 13.97 -14.94
CA ARG A 48 4.96 13.80 -14.76
C ARG A 48 5.44 14.53 -13.51
N PRO A 49 6.57 14.09 -12.94
CA PRO A 49 7.14 14.79 -11.78
C PRO A 49 7.54 16.22 -12.09
N LEU A 50 6.71 17.17 -11.69
CA LEU A 50 7.03 18.59 -11.79
C LEU A 50 7.41 19.09 -10.41
N GLY A 51 8.61 19.66 -10.29
CA GLY A 51 9.05 20.16 -9.00
C GLY A 51 8.11 21.23 -8.47
N LYS A 52 7.78 21.12 -7.19
CA LYS A 52 6.85 22.04 -6.54
C LYS A 52 7.36 23.47 -6.60
N GLU A 53 7.04 24.17 -7.68
CA GLU A 53 7.41 25.57 -7.86
C GLU A 53 6.15 26.39 -8.07
N HIS A 54 6.00 27.46 -7.29
CA HIS A 54 4.81 28.29 -7.37
C HIS A 54 4.65 28.96 -8.73
N THR A 55 5.72 29.02 -9.53
CA THR A 55 5.64 29.63 -10.84
C THR A 55 4.76 28.81 -11.79
N VAL A 56 4.87 27.48 -11.73
CA VAL A 56 4.11 26.65 -12.65
C VAL A 56 2.68 26.45 -12.17
N SER A 57 2.45 26.49 -10.86
CA SER A 57 1.07 26.37 -10.35
C SER A 57 0.23 27.56 -10.77
N ARG A 58 0.85 28.73 -10.97
CA ARG A 58 0.12 29.90 -11.41
C ARG A 58 -0.27 29.79 -12.88
N LEU A 59 0.64 29.30 -13.72
CA LEU A 59 0.33 29.19 -15.15
C LEU A 59 -0.61 28.02 -15.43
N LEU A 60 -0.56 26.96 -14.62
CA LEU A 60 -1.47 25.84 -14.82
C LEU A 60 -2.91 26.24 -14.56
N ARG A 61 -3.13 27.10 -13.55
CA ARG A 61 -4.48 27.59 -13.29
C ARG A 61 -4.93 28.54 -14.39
N VAL A 62 -4.02 29.35 -14.91
CA VAL A 62 -4.34 30.20 -16.06
C VAL A 62 -4.67 29.34 -17.27
N MET A 63 -3.93 28.26 -17.47
CA MET A 63 -4.24 27.33 -18.55
C MET A 63 -5.55 26.62 -18.31
N GLN A 64 -5.86 26.31 -17.03
CA GLN A 64 -7.15 25.71 -16.70
C GLN A 64 -8.30 26.60 -17.14
N CYS A 65 -8.21 27.90 -16.85
CA CYS A 65 -9.30 28.81 -17.15
C CYS A 65 -9.47 28.97 -18.66
N LEU A 66 -8.36 29.18 -19.39
CA LEU A 66 -8.47 29.37 -20.83
C LEU A 66 -8.92 28.11 -21.55
N SER A 67 -8.57 26.93 -21.02
CA SER A 67 -9.05 25.69 -21.61
C SER A 67 -10.56 25.59 -21.52
N ARG A 68 -11.14 26.02 -20.40
CA ARG A 68 -12.58 25.97 -20.22
C ARG A 68 -13.29 27.04 -21.04
N ILE A 69 -12.62 28.18 -21.28
CA ILE A 69 -13.23 29.23 -22.08
C ILE A 69 -13.24 28.85 -23.55
N GLU A 70 -12.17 28.22 -24.03
CA GLU A 70 -12.10 27.83 -25.44
C GLU A 70 -13.18 26.82 -25.79
N GLU A 71 -13.48 25.90 -24.87
CA GLU A 71 -14.56 24.95 -25.04
C GLU A 71 -15.87 25.44 -24.42
N GLY A 72 -15.93 26.71 -24.01
CA GLY A 72 -17.12 27.24 -23.35
C GLY A 72 -18.36 27.23 -24.21
N GLU A 73 -18.20 27.22 -25.53
CA GLU A 73 -19.34 27.12 -26.43
C GLU A 73 -19.74 25.68 -26.72
N ASN A 74 -18.98 24.71 -26.24
CA ASN A 74 -19.26 23.29 -26.43
C ASN A 74 -19.83 22.75 -25.12
N LEU A 75 -21.16 22.70 -25.02
CA LEU A 75 -21.82 22.19 -23.84
C LEU A 75 -21.88 20.66 -23.82
N ASP A 76 -21.43 19.99 -24.87
CA ASP A 76 -21.37 18.54 -24.92
C ASP A 76 -20.16 17.97 -24.18
N CYS A 77 -19.48 18.78 -23.38
CA CYS A 77 -18.33 18.34 -22.61
C CYS A 77 -18.28 19.13 -21.31
N SER A 78 -17.66 18.54 -20.30
CA SER A 78 -17.58 19.17 -18.99
C SER A 78 -16.25 18.82 -18.34
N PHE A 79 -15.54 19.85 -17.87
CA PHE A 79 -14.26 19.62 -17.19
C PHE A 79 -14.48 19.08 -15.78
N ASP A 80 -15.32 19.77 -14.99
CA ASP A 80 -15.77 19.23 -13.71
C ASP A 80 -16.83 18.18 -14.01
N MET A 81 -16.37 16.97 -14.32
CA MET A 81 -17.25 15.93 -14.83
C MET A 81 -18.08 15.27 -13.74
N GLU A 82 -17.61 15.31 -12.49
CA GLU A 82 -18.33 14.71 -11.37
C GLU A 82 -19.81 15.11 -11.37
N ALA A 83 -20.08 16.40 -11.49
CA ALA A 83 -21.41 16.89 -11.81
C ALA A 83 -21.43 17.35 -13.27
N GLU A 84 -22.57 17.89 -13.72
CA GLU A 84 -22.66 18.44 -15.06
C GLU A 84 -22.61 19.96 -14.94
N LEU A 85 -21.45 20.53 -15.26
CA LEU A 85 -21.22 21.96 -15.21
C LEU A 85 -20.73 22.43 -16.57
N THR A 86 -21.39 23.43 -17.14
CA THR A 86 -20.93 23.98 -18.40
C THR A 86 -19.51 24.50 -18.26
N PRO A 87 -18.68 24.35 -19.29
CA PRO A 87 -17.28 24.78 -19.20
C PRO A 87 -17.11 26.23 -18.76
N LEU A 88 -18.16 27.04 -18.90
CA LEU A 88 -18.10 28.41 -18.41
C LEU A 88 -18.39 28.49 -16.92
N GLU A 89 -19.29 27.62 -16.40
CA GLU A 89 -19.35 27.41 -14.96
C GLU A 89 -18.02 26.85 -14.45
N SER A 90 -17.35 26.03 -15.26
CA SER A 90 -16.03 25.53 -14.88
C SER A 90 -15.03 26.67 -14.77
N ALA A 91 -15.08 27.62 -15.71
CA ALA A 91 -14.16 28.76 -15.65
C ALA A 91 -14.48 29.68 -14.48
N ILE A 92 -15.69 29.62 -13.93
CA ILE A 92 -16.04 30.45 -12.78
C ILE A 92 -15.30 29.97 -11.54
N ASN A 93 -15.34 28.65 -11.28
CA ASN A 93 -14.66 28.11 -10.11
C ASN A 93 -13.15 28.23 -10.24
N VAL A 94 -12.62 28.06 -11.45
CA VAL A 94 -11.18 28.22 -11.67
C VAL A 94 -10.77 29.67 -11.42
N LEU A 95 -11.57 30.62 -11.93
CA LEU A 95 -11.30 32.03 -11.66
C LEU A 95 -11.38 32.34 -10.18
N GLU A 96 -12.18 31.57 -9.43
CA GLU A 96 -12.22 31.70 -7.97
C GLU A 96 -11.03 31.02 -7.30
N MET A 97 -10.44 30.00 -7.93
CA MET A 97 -9.20 29.45 -7.41
C MET A 97 -8.01 30.31 -7.81
N ILE A 98 -8.06 30.93 -9.00
CA ILE A 98 -7.12 31.98 -9.32
C ILE A 98 -7.32 33.17 -8.40
N LYS A 99 -8.56 33.38 -7.94
CA LYS A 99 -8.86 34.53 -7.08
C LYS A 99 -8.07 34.48 -5.79
N THR A 100 -8.12 33.34 -5.08
CA THR A 100 -7.49 33.26 -3.77
C THR A 100 -5.98 33.07 -3.86
N GLU A 101 -5.53 32.14 -4.72
CA GLU A 101 -4.12 31.79 -4.76
C GLU A 101 -3.27 32.91 -5.34
N PHE A 102 -3.83 33.71 -6.24
CA PHE A 102 -3.08 34.84 -6.79
C PHE A 102 -3.14 36.08 -5.89
N THR A 103 -3.88 36.02 -4.78
CA THR A 103 -3.96 37.10 -3.79
C THR A 103 -4.30 38.44 -4.45
N LEU A 104 -5.42 38.45 -5.15
CA LEU A 104 -5.89 39.63 -5.85
C LEU A 104 -6.92 40.38 -5.02
N THR A 105 -6.86 41.71 -5.09
CA THR A 105 -8.01 42.51 -4.67
C THR A 105 -9.16 42.28 -5.64
N GLU A 106 -10.37 42.17 -5.09
CA GLU A 106 -11.52 41.87 -5.93
C GLU A 106 -11.81 42.98 -6.95
N ALA A 107 -11.22 44.16 -6.78
CA ALA A 107 -11.45 45.25 -7.73
C ALA A 107 -11.04 44.85 -9.14
N VAL A 108 -9.90 44.16 -9.29
CA VAL A 108 -9.45 43.77 -10.61
C VAL A 108 -10.13 42.48 -11.07
N VAL A 109 -10.57 41.64 -10.14
CA VAL A 109 -11.10 40.33 -10.50
C VAL A 109 -12.59 40.42 -10.86
N GLU A 110 -13.38 41.12 -10.03
CA GLU A 110 -14.82 41.08 -10.21
C GLU A 110 -15.24 41.60 -11.58
N SER A 111 -14.47 42.54 -12.16
CA SER A 111 -14.78 43.02 -13.49
C SER A 111 -14.72 41.89 -14.53
N SER A 112 -13.81 40.94 -14.34
CA SER A 112 -13.73 39.81 -15.25
C SER A 112 -14.73 38.72 -14.91
N ARG A 113 -15.05 38.56 -13.61
CA ARG A 113 -16.06 37.58 -13.23
C ARG A 113 -17.45 37.97 -13.72
N LYS A 114 -17.68 39.26 -13.98
CA LYS A 114 -18.91 39.68 -14.66
C LYS A 114 -19.01 39.04 -16.03
N LEU A 115 -17.92 39.09 -16.81
CA LEU A 115 -17.97 38.63 -18.19
C LEU A 115 -18.17 37.12 -18.29
N VAL A 116 -17.62 36.36 -17.35
CA VAL A 116 -17.72 34.90 -17.43
C VAL A 116 -19.14 34.46 -17.05
N LYS A 117 -19.66 34.96 -15.93
CA LYS A 117 -21.02 34.62 -15.53
C LYS A 117 -22.03 35.09 -16.56
N GLU A 118 -21.77 36.24 -17.19
CA GLU A 118 -22.61 36.69 -18.30
C GLU A 118 -22.50 35.72 -19.47
N ALA A 119 -21.28 35.29 -19.79
CA ALA A 119 -21.09 34.33 -20.88
C ALA A 119 -21.67 32.97 -20.55
N ALA A 120 -21.59 32.55 -19.27
CA ALA A 120 -22.10 31.24 -18.90
C ALA A 120 -23.60 31.14 -19.13
N VAL A 121 -24.32 32.24 -18.89
CA VAL A 121 -25.77 32.21 -19.05
C VAL A 121 -26.16 32.39 -20.52
N ILE A 122 -25.51 33.32 -21.22
CA ILE A 122 -25.87 33.60 -22.60
C ILE A 122 -25.62 32.37 -23.49
N ILE A 123 -24.49 31.70 -23.30
CA ILE A 123 -24.19 30.52 -24.09
C ILE A 123 -25.24 29.43 -23.86
N CYS A 124 -25.74 29.31 -22.63
CA CYS A 124 -26.82 28.38 -22.36
C CYS A 124 -28.12 28.81 -23.02
N ILE A 125 -28.29 30.11 -23.26
CA ILE A 125 -29.50 30.59 -23.94
C ILE A 125 -29.44 30.23 -25.42
N LYS A 126 -28.29 30.47 -26.06
CA LYS A 126 -28.15 30.20 -27.48
C LYS A 126 -28.23 28.72 -27.82
N ASN A 127 -28.02 27.84 -26.83
CA ASN A 127 -28.12 26.41 -27.04
C ASN A 127 -29.48 25.84 -26.63
N LYS A 128 -30.43 26.71 -26.27
CA LYS A 128 -31.82 26.32 -26.02
C LYS A 128 -31.95 25.35 -24.84
N GLU A 129 -31.16 25.58 -23.80
CA GLU A 129 -31.31 24.89 -22.51
C GLU A 129 -31.66 25.96 -21.49
N PHE A 130 -32.93 26.38 -21.50
CA PHE A 130 -33.35 27.56 -20.77
C PHE A 130 -33.36 27.33 -19.26
N GLU A 131 -33.66 26.10 -18.82
CA GLU A 131 -33.60 25.81 -17.39
C GLU A 131 -32.18 25.94 -16.87
N LYS A 132 -31.19 25.60 -17.69
CA LYS A 132 -29.79 25.70 -17.27
C LYS A 132 -29.39 27.15 -17.05
N ALA A 133 -29.83 28.05 -17.94
CA ALA A 133 -29.37 29.43 -17.90
C ALA A 133 -29.79 30.12 -16.60
N SER A 134 -31.03 29.94 -16.18
CA SER A 134 -31.52 30.59 -14.97
C SER A 134 -30.88 30.02 -13.71
N LYS A 135 -30.38 28.78 -13.75
CA LYS A 135 -29.69 28.24 -12.59
C LYS A 135 -28.36 28.93 -12.37
N ILE A 136 -27.56 29.07 -13.43
CA ILE A 136 -26.34 29.88 -13.37
C ILE A 136 -26.70 31.33 -13.05
N LEU A 137 -27.90 31.76 -13.46
CA LEU A 137 -28.29 33.15 -13.34
C LEU A 137 -28.59 33.53 -11.90
N LYS A 138 -29.14 32.60 -11.12
CA LYS A 138 -29.43 32.85 -9.71
C LYS A 138 -28.25 32.52 -8.81
N LYS A 139 -27.44 31.53 -9.18
CA LYS A 139 -26.38 31.06 -8.30
C LYS A 139 -25.11 31.90 -8.40
N HIS A 140 -24.92 32.64 -9.50
CA HIS A 140 -23.64 33.30 -9.72
C HIS A 140 -23.77 34.79 -10.03
N MET A 141 -24.87 35.21 -10.64
CA MET A 141 -25.00 36.61 -11.00
C MET A 141 -25.17 37.47 -9.74
N SER A 142 -24.65 38.70 -9.81
CA SER A 142 -24.33 39.44 -8.60
C SER A 142 -25.57 40.02 -7.93
N LYS A 143 -26.57 40.43 -8.72
CA LYS A 143 -27.71 41.22 -8.28
C LYS A 143 -27.31 42.61 -7.78
N ASP A 144 -26.15 43.10 -8.22
CA ASP A 144 -25.73 44.45 -7.93
C ASP A 144 -26.26 45.40 -9.00
N PRO A 145 -26.07 46.71 -8.85
CA PRO A 145 -26.62 47.64 -9.87
C PRO A 145 -26.03 47.47 -11.26
N THR A 146 -24.73 47.25 -11.39
CA THR A 146 -24.12 47.16 -12.72
C THR A 146 -24.76 46.06 -13.55
N THR A 147 -25.07 44.93 -12.93
CA THR A 147 -25.72 43.84 -13.64
C THR A 147 -27.24 43.92 -13.60
N GLN A 148 -27.79 44.74 -12.69
CA GLN A 148 -29.24 44.78 -12.48
C GLN A 148 -30.00 45.04 -13.77
N LYS A 149 -29.45 45.87 -14.66
CA LYS A 149 -30.08 46.08 -15.95
C LYS A 149 -30.01 44.83 -16.81
N LEU A 150 -28.85 44.15 -16.82
CA LEU A 150 -28.71 42.93 -17.59
C LEU A 150 -29.26 41.72 -16.84
N ARG A 151 -29.18 41.73 -15.50
CA ARG A 151 -29.78 40.64 -14.72
C ARG A 151 -31.27 40.53 -15.01
N ASN A 152 -31.98 41.66 -15.01
CA ASN A 152 -33.39 41.65 -15.36
C ASN A 152 -33.60 41.35 -16.84
N ASP A 153 -32.64 41.72 -17.69
CA ASP A 153 -32.81 41.53 -19.13
C ASP A 153 -32.82 40.05 -19.51
N LEU A 154 -31.97 39.25 -18.86
CA LEU A 154 -31.79 37.87 -19.31
C LEU A 154 -33.03 37.02 -19.02
N LEU A 155 -33.54 37.06 -17.78
CA LEU A 155 -34.68 36.22 -17.43
C LEU A 155 -35.86 36.45 -18.34
N ASN A 156 -36.13 37.72 -18.70
CA ASN A 156 -37.20 38.03 -19.64
C ASN A 156 -37.00 37.29 -20.96
N ILE A 157 -35.76 37.22 -21.43
CA ILE A 157 -35.46 36.51 -22.66
C ILE A 157 -35.66 35.00 -22.47
N ILE A 158 -35.20 34.46 -21.34
CA ILE A 158 -35.38 33.04 -21.07
C ILE A 158 -36.86 32.69 -20.96
N ARG A 159 -37.68 33.59 -20.42
CA ARG A 159 -39.12 33.34 -20.37
C ARG A 159 -39.74 33.39 -21.76
N GLU A 160 -39.27 34.32 -22.60
CA GLU A 160 -39.78 34.46 -23.96
C GLU A 160 -39.03 33.60 -24.97
N LYS A 161 -37.95 32.94 -24.56
CA LYS A 161 -37.10 32.17 -25.46
C LYS A 161 -36.67 33.01 -26.66
N ASN A 162 -36.29 34.27 -26.38
CA ASN A 162 -36.04 35.26 -27.42
C ASN A 162 -34.56 35.27 -27.76
N LEU A 163 -34.14 34.28 -28.53
CA LEU A 163 -32.75 34.17 -28.96
C LEU A 163 -32.33 35.26 -29.92
N ALA A 164 -33.25 36.13 -30.35
CA ALA A 164 -32.93 37.19 -31.30
C ALA A 164 -32.79 38.56 -30.64
N HIS A 165 -32.86 38.62 -29.31
CA HIS A 165 -32.66 39.88 -28.61
C HIS A 165 -31.24 40.39 -28.85
N PRO A 166 -31.04 41.67 -29.18
CA PRO A 166 -29.68 42.18 -29.36
C PRO A 166 -28.75 41.87 -28.21
N VAL A 167 -29.24 41.84 -26.96
CA VAL A 167 -28.40 41.51 -25.82
C VAL A 167 -27.74 40.15 -26.02
N ILE A 168 -28.46 39.20 -26.59
CA ILE A 168 -27.91 37.87 -26.82
C ILE A 168 -27.04 37.84 -28.07
N GLN A 169 -27.45 38.53 -29.13
CA GLN A 169 -26.73 38.48 -30.40
C GLN A 169 -25.67 39.55 -30.56
N ASN A 170 -25.63 40.55 -29.68
CA ASN A 170 -24.48 41.47 -29.65
C ASN A 170 -23.28 40.86 -28.94
N PHE A 171 -23.50 39.82 -28.15
CA PHE A 171 -22.41 39.16 -27.43
C PHE A 171 -21.57 38.37 -28.43
N SER A 172 -20.32 38.80 -28.61
CA SER A 172 -19.37 38.11 -29.46
C SER A 172 -18.41 37.31 -28.58
N TYR A 173 -18.32 36.00 -28.85
CA TYR A 173 -17.50 35.15 -28.01
C TYR A 173 -16.00 35.38 -28.23
N GLU A 174 -15.62 35.91 -29.39
CA GLU A 174 -14.20 36.12 -29.67
C GLU A 174 -13.62 37.21 -28.76
N THR A 175 -14.27 38.38 -28.72
CA THR A 175 -13.80 39.45 -27.85
C THR A 175 -13.94 39.10 -26.37
N PHE A 176 -14.84 38.19 -26.02
CA PHE A 176 -14.94 37.73 -24.65
C PHE A 176 -13.72 36.89 -24.26
N GLN A 177 -13.28 36.00 -25.15
CA GLN A 177 -12.10 35.20 -24.88
C GLN A 177 -10.85 36.07 -24.79
N GLN A 178 -10.70 37.00 -25.74
CA GLN A 178 -9.49 37.82 -25.79
C GLN A 178 -9.40 38.74 -24.58
N LYS A 179 -10.53 39.25 -24.10
CA LYS A 179 -10.53 40.04 -22.88
C LYS A 179 -10.11 39.19 -21.68
N MET A 180 -10.59 37.95 -21.62
CA MET A 180 -10.17 37.06 -20.54
C MET A 180 -8.70 36.69 -20.66
N LEU A 181 -8.14 36.70 -21.88
CA LEU A 181 -6.74 36.39 -22.06
C LEU A 181 -5.84 37.46 -21.46
N ARG A 182 -6.00 38.71 -21.92
CA ARG A 182 -5.14 39.79 -21.44
C ARG A 182 -5.34 40.07 -19.95
N PHE A 183 -6.50 39.69 -19.39
CA PHE A 183 -6.66 39.80 -17.95
C PHE A 183 -5.82 38.75 -17.22
N LEU A 184 -5.97 37.48 -17.59
CA LEU A 184 -5.20 36.42 -16.96
C LEU A 184 -3.72 36.55 -17.28
N GLU A 185 -3.39 37.06 -18.47
CA GLU A 185 -1.98 37.18 -18.87
C GLU A 185 -1.29 38.35 -18.19
N SER A 186 -2.01 39.43 -17.91
CA SER A 186 -1.42 40.57 -17.23
C SER A 186 -0.92 40.23 -15.84
N HIS A 187 -1.43 39.15 -15.24
CA HIS A 187 -1.00 38.72 -13.92
C HIS A 187 0.03 37.61 -14.00
N LEU A 188 0.68 37.45 -15.16
CA LEU A 188 1.88 36.64 -15.31
C LEU A 188 2.92 37.49 -16.02
N ASP A 189 4.19 37.18 -15.79
CA ASP A 189 5.27 37.94 -16.41
C ASP A 189 5.66 37.30 -17.74
N ASP A 190 5.90 38.15 -18.74
CA ASP A 190 6.21 37.70 -20.10
C ASP A 190 7.66 37.27 -20.29
N ALA A 191 8.21 36.50 -19.35
CA ALA A 191 9.57 36.00 -19.50
C ALA A 191 9.61 34.96 -20.62
N GLU A 192 10.56 35.12 -21.52
CA GLU A 192 10.67 34.21 -22.65
C GLU A 192 11.13 32.83 -22.18
N PRO A 193 10.45 31.76 -22.59
CA PRO A 193 10.82 30.43 -22.08
C PRO A 193 12.21 30.02 -22.54
N TYR A 194 12.90 29.26 -21.68
CA TYR A 194 14.31 28.98 -21.88
C TYR A 194 14.56 28.23 -23.19
N LEU A 195 13.68 27.27 -23.52
CA LEU A 195 13.89 26.51 -24.75
C LEU A 195 13.63 27.35 -25.98
N LEU A 196 12.80 28.38 -25.86
CA LEU A 196 12.57 29.27 -27.00
C LEU A 196 13.80 30.11 -27.26
N THR A 197 14.40 30.68 -26.22
CA THR A 197 15.67 31.37 -26.39
C THR A 197 16.74 30.42 -26.93
N MET A 198 16.87 29.24 -26.33
CA MET A 198 17.92 28.31 -26.72
C MET A 198 17.70 27.76 -28.13
N ALA A 199 16.47 27.77 -28.62
CA ALA A 199 16.22 27.42 -30.03
C ALA A 199 16.53 28.58 -30.96
N LYS A 200 16.46 29.81 -30.46
CA LYS A 200 16.81 30.97 -31.28
C LYS A 200 18.30 31.02 -31.57
N LYS A 201 19.13 30.59 -30.61
CA LYS A 201 20.57 30.62 -30.79
C LYS A 201 21.04 29.54 -31.76
N ALA A 202 20.43 28.35 -31.68
CA ALA A 202 20.86 27.24 -32.52
C ALA A 202 20.57 27.52 -33.98
N LEU A 203 19.34 27.92 -34.30
CA LEU A 203 18.94 28.18 -35.69
C LEU A 203 19.27 29.60 -36.12
N LYS A 204 20.45 30.09 -35.78
CA LYS A 204 20.90 31.42 -36.21
C LYS A 204 22.31 31.30 -36.78
N ALA B 2 5.54 31.03 -40.08
CA ALA B 2 6.60 30.46 -40.91
C ALA B 2 7.94 30.53 -40.20
N GLY B 3 8.25 31.71 -39.63
CA GLY B 3 9.49 31.85 -38.89
C GLY B 3 9.47 31.20 -37.53
N GLU B 4 8.30 31.16 -36.89
CA GLU B 4 8.15 30.48 -35.60
C GLU B 4 7.86 29.00 -35.76
N ALA B 5 7.30 28.59 -36.89
CA ALA B 5 7.13 27.16 -37.17
C ALA B 5 8.47 26.47 -37.22
N ARG B 6 9.48 27.12 -37.81
CA ARG B 6 10.84 26.57 -37.80
C ARG B 6 11.37 26.43 -36.38
N LEU B 7 10.88 27.27 -35.45
CA LEU B 7 11.41 27.27 -34.09
C LEU B 7 10.75 26.18 -33.24
N GLU B 8 9.43 26.03 -33.34
CA GLU B 8 8.75 24.99 -32.58
C GLU B 8 9.20 23.61 -33.03
N GLU B 9 9.43 23.43 -34.33
CA GLU B 9 9.95 22.16 -34.83
C GLU B 9 11.28 21.81 -34.16
N ALA B 10 12.12 22.82 -33.91
CA ALA B 10 13.40 22.56 -33.25
C ALA B 10 13.18 22.13 -31.80
N VAL B 11 12.27 22.80 -31.08
CA VAL B 11 12.00 22.44 -29.70
C VAL B 11 11.24 21.13 -29.63
N ASN B 12 10.33 20.89 -30.57
CA ASN B 12 9.55 19.66 -30.58
C ASN B 12 10.43 18.43 -30.77
N ARG B 13 11.51 18.57 -31.56
CA ARG B 13 12.43 17.45 -31.71
C ARG B 13 13.31 17.27 -30.49
N TRP B 14 13.63 18.36 -29.78
CA TRP B 14 14.43 18.25 -28.58
C TRP B 14 13.66 17.56 -27.45
N VAL B 15 12.36 17.86 -27.33
CA VAL B 15 11.57 17.24 -26.28
C VAL B 15 11.20 15.81 -26.65
N LEU B 16 10.96 15.53 -27.93
CA LEU B 16 10.63 14.17 -28.34
C LEU B 16 11.82 13.24 -28.13
N LYS B 17 13.03 13.71 -28.45
CA LYS B 17 14.22 12.90 -28.21
C LYS B 17 14.49 12.73 -26.73
N PHE B 18 14.17 13.75 -25.93
CA PHE B 18 14.40 13.65 -24.48
C PHE B 18 13.47 12.62 -23.84
N TYR B 19 12.17 12.71 -24.16
CA TYR B 19 11.22 11.77 -23.56
C TYR B 19 11.39 10.37 -24.15
N PHE B 20 11.84 10.26 -25.40
CA PHE B 20 12.22 8.96 -25.91
C PHE B 20 13.37 8.37 -25.12
N HIS B 21 14.33 9.22 -24.72
CA HIS B 21 15.41 8.76 -23.85
C HIS B 21 14.89 8.41 -22.46
N GLU B 22 13.93 9.18 -21.96
CA GLU B 22 13.41 8.92 -20.61
C GLU B 22 12.55 7.66 -20.58
N ALA B 23 11.85 7.35 -21.67
CA ALA B 23 11.02 6.15 -21.70
C ALA B 23 11.88 4.90 -21.81
N LEU B 24 12.99 4.97 -22.55
CA LEU B 24 13.92 3.85 -22.60
C LEU B 24 14.47 3.55 -21.21
N ARG B 25 14.80 4.59 -20.45
CA ARG B 25 15.27 4.38 -19.08
C ARG B 25 14.15 3.80 -18.21
N ALA B 26 12.93 4.28 -18.39
CA ALA B 26 11.80 3.75 -17.62
C ALA B 26 11.51 2.31 -18.00
N PHE B 27 11.63 1.98 -19.29
CA PHE B 27 11.40 0.60 -19.73
C PHE B 27 12.46 -0.34 -19.17
N ARG B 28 13.71 0.10 -19.15
CA ARG B 28 14.80 -0.75 -18.67
C ARG B 28 14.62 -1.09 -17.18
N GLY B 29 14.13 -0.15 -16.40
CA GLY B 29 13.86 -0.37 -15.00
C GLY B 29 12.52 -1.00 -14.69
N SER B 30 11.82 -1.51 -15.70
CA SER B 30 10.52 -2.13 -15.54
C SER B 30 9.51 -1.17 -14.90
N ARG B 31 9.62 0.10 -15.24
CA ARG B 31 8.72 1.13 -14.76
C ARG B 31 7.76 1.52 -15.89
N TYR B 32 6.89 0.59 -16.25
CA TYR B 32 5.97 0.81 -17.36
C TYR B 32 4.85 1.78 -17.02
N GLY B 33 4.66 2.11 -15.75
CA GLY B 33 3.77 3.21 -15.40
C GLY B 33 4.35 4.55 -15.83
N ASP B 34 5.66 4.74 -15.61
CA ASP B 34 6.33 5.92 -16.14
C ASP B 34 6.39 5.88 -17.66
N PHE B 35 6.64 4.69 -18.22
CA PHE B 35 6.71 4.56 -19.68
C PHE B 35 5.39 4.94 -20.33
N ARG B 36 4.27 4.47 -19.76
CA ARG B 36 2.97 4.79 -20.33
C ARG B 36 2.68 6.28 -20.24
N GLN B 37 3.05 6.92 -19.13
CA GLN B 37 2.86 8.36 -19.01
C GLN B 37 3.73 9.11 -20.01
N ILE B 38 4.95 8.63 -20.25
CA ILE B 38 5.87 9.34 -21.14
C ILE B 38 5.41 9.21 -22.59
N ARG B 39 5.01 8.01 -23.01
CA ARG B 39 4.57 7.84 -24.39
C ARG B 39 3.26 8.56 -24.68
N ASP B 40 2.46 8.82 -23.64
CA ASP B 40 1.27 9.65 -23.82
C ASP B 40 1.66 11.07 -24.21
N ILE B 41 2.78 11.57 -23.66
CA ILE B 41 3.27 12.89 -24.02
C ILE B 41 3.69 12.90 -25.49
N MET B 42 4.50 11.92 -25.88
CA MET B 42 4.98 11.86 -27.26
C MET B 42 3.84 11.62 -28.24
N GLN B 43 2.76 10.97 -27.79
CA GLN B 43 1.59 10.80 -28.64
C GLN B 43 0.91 12.14 -28.90
N ALA B 44 0.71 12.93 -27.85
CA ALA B 44 0.13 14.26 -28.02
C ALA B 44 1.05 15.17 -28.83
N LEU B 45 2.35 14.88 -28.83
CA LEU B 45 3.32 15.66 -29.60
C LEU B 45 3.32 15.30 -31.08
N LEU B 46 2.75 14.16 -31.45
CA LEU B 46 2.85 13.69 -32.83
C LEU B 46 2.05 14.57 -33.78
N VAL B 47 0.96 15.17 -33.31
CA VAL B 47 0.15 16.05 -34.15
C VAL B 47 0.82 17.40 -34.40
N ARG B 48 1.94 17.68 -33.75
CA ARG B 48 2.64 18.94 -33.88
C ARG B 48 3.72 18.87 -34.95
N PRO B 49 4.08 20.01 -35.53
CA PRO B 49 5.18 20.03 -36.51
C PRO B 49 6.46 19.46 -35.91
N LEU B 50 7.04 18.50 -36.63
CA LEU B 50 8.31 17.90 -36.25
C LEU B 50 9.41 18.10 -37.27
N GLY B 51 9.08 18.36 -38.53
CA GLY B 51 10.06 18.47 -39.58
C GLY B 51 10.21 17.17 -40.35
N LYS B 52 10.73 17.29 -41.58
CA LYS B 52 10.90 16.12 -42.42
C LYS B 52 12.18 15.37 -42.06
N GLU B 53 12.56 15.45 -40.78
CA GLU B 53 13.77 14.82 -40.30
C GLU B 53 13.57 13.30 -40.21
N HIS B 54 14.68 12.57 -40.30
CA HIS B 54 14.63 11.11 -40.34
C HIS B 54 15.20 10.41 -39.12
N THR B 55 16.02 11.10 -38.31
CA THR B 55 16.41 10.52 -37.03
C THR B 55 15.21 10.37 -36.11
N VAL B 56 14.26 11.32 -36.19
CA VAL B 56 13.05 11.22 -35.39
C VAL B 56 12.17 10.07 -35.88
N SER B 57 12.29 9.70 -37.16
CA SER B 57 11.50 8.59 -37.68
C SER B 57 12.00 7.26 -37.14
N ARG B 58 13.31 7.13 -36.93
CA ARG B 58 13.85 5.86 -36.43
C ARG B 58 13.55 5.67 -34.94
N LEU B 59 13.50 6.74 -34.16
CA LEU B 59 13.17 6.60 -32.75
C LEU B 59 11.68 6.35 -32.56
N LEU B 60 10.83 6.96 -33.40
CA LEU B 60 9.40 6.74 -33.29
C LEU B 60 9.05 5.30 -33.61
N ARG B 61 9.74 4.69 -34.58
CA ARG B 61 9.48 3.29 -34.91
C ARG B 61 9.85 2.38 -33.74
N VAL B 62 10.96 2.66 -33.08
CA VAL B 62 11.35 1.88 -31.91
C VAL B 62 10.37 2.10 -30.77
N MET B 63 9.91 3.33 -30.59
CA MET B 63 9.02 3.64 -29.47
C MET B 63 7.67 2.96 -29.65
N GLN B 64 7.08 3.02 -30.84
CA GLN B 64 5.80 2.37 -31.06
C GLN B 64 5.92 0.86 -30.96
N CYS B 65 7.09 0.30 -31.30
CA CYS B 65 7.30 -1.14 -31.13
C CYS B 65 7.30 -1.49 -29.64
N LEU B 66 8.03 -0.72 -28.83
CA LEU B 66 8.02 -0.96 -27.39
C LEU B 66 6.65 -0.69 -26.78
N SER B 67 5.90 0.24 -27.34
CA SER B 67 4.58 0.55 -26.81
C SER B 67 3.62 -0.62 -27.00
N ARG B 68 3.67 -1.27 -28.17
CA ARG B 68 2.85 -2.47 -28.37
C ARG B 68 3.31 -3.63 -27.50
N ILE B 69 4.62 -3.70 -27.22
CA ILE B 69 5.12 -4.75 -26.34
C ILE B 69 4.72 -4.48 -24.90
N GLU B 70 4.69 -3.21 -24.50
CA GLU B 70 4.29 -2.86 -23.13
C GLU B 70 2.83 -3.21 -22.88
N GLU B 71 1.98 -3.09 -23.90
CA GLU B 71 0.57 -3.44 -23.81
C GLU B 71 0.29 -4.85 -24.33
N GLY B 72 1.27 -5.75 -24.22
CA GLY B 72 1.15 -7.05 -24.85
C GLY B 72 0.11 -7.94 -24.19
N GLU B 73 0.22 -8.10 -22.86
CA GLU B 73 -0.70 -8.99 -22.15
C GLU B 73 -2.12 -8.42 -22.04
N ASN B 74 -2.38 -7.26 -22.62
CA ASN B 74 -3.71 -6.65 -22.59
C ASN B 74 -4.33 -6.78 -23.97
N LEU B 75 -5.19 -7.79 -24.14
CA LEU B 75 -5.93 -7.97 -25.38
C LEU B 75 -7.18 -7.09 -25.45
N ASP B 76 -7.38 -6.20 -24.46
CA ASP B 76 -8.49 -5.27 -24.45
C ASP B 76 -8.17 -3.96 -25.16
N CYS B 77 -7.23 -3.98 -26.11
CA CYS B 77 -6.88 -2.80 -26.88
C CYS B 77 -6.22 -3.23 -28.17
N SER B 78 -6.17 -2.31 -29.13
CA SER B 78 -5.59 -2.59 -30.44
C SER B 78 -4.89 -1.34 -30.96
N PHE B 79 -3.75 -1.55 -31.63
CA PHE B 79 -3.00 -0.46 -32.26
C PHE B 79 -3.28 -0.35 -33.75
N ASP B 80 -3.62 -1.44 -34.41
CA ASP B 80 -4.01 -1.45 -35.82
C ASP B 80 -5.49 -1.79 -35.89
N MET B 81 -6.33 -0.82 -35.55
CA MET B 81 -7.77 -1.02 -35.65
C MET B 81 -8.18 -1.13 -37.11
N GLU B 82 -9.44 -1.52 -37.33
CA GLU B 82 -10.01 -1.98 -38.60
C GLU B 82 -9.47 -3.35 -38.98
N ALA B 83 -8.69 -4.00 -38.12
CA ALA B 83 -8.27 -5.38 -38.30
C ALA B 83 -8.32 -6.19 -37.02
N GLU B 84 -8.36 -5.55 -35.86
CA GLU B 84 -8.37 -6.19 -34.55
C GLU B 84 -7.29 -7.28 -34.46
N LEU B 85 -6.04 -6.81 -34.53
CA LEU B 85 -4.88 -7.64 -34.29
C LEU B 85 -4.33 -7.33 -32.91
N THR B 86 -3.93 -8.37 -32.20
CA THR B 86 -3.42 -8.22 -30.85
C THR B 86 -2.17 -7.33 -30.85
N PRO B 87 -1.89 -6.67 -29.73
CA PRO B 87 -0.70 -5.80 -29.67
C PRO B 87 0.59 -6.48 -30.08
N LEU B 88 0.74 -7.77 -29.79
CA LEU B 88 1.95 -8.49 -30.23
C LEU B 88 1.98 -8.64 -31.74
N GLU B 89 0.82 -8.85 -32.37
CA GLU B 89 0.76 -8.87 -33.83
C GLU B 89 1.14 -7.51 -34.40
N SER B 90 0.75 -6.44 -33.72
CA SER B 90 1.18 -5.10 -34.15
C SER B 90 2.69 -4.95 -34.02
N ALA B 91 3.28 -5.55 -32.98
CA ALA B 91 4.72 -5.46 -32.80
C ALA B 91 5.48 -6.15 -33.93
N ILE B 92 4.89 -7.19 -34.53
CA ILE B 92 5.54 -7.88 -35.64
C ILE B 92 5.61 -6.97 -36.85
N ASN B 93 4.51 -6.27 -37.16
CA ASN B 93 4.49 -5.41 -38.33
C ASN B 93 5.39 -4.20 -38.14
N VAL B 94 5.39 -3.62 -36.93
CA VAL B 94 6.28 -2.49 -36.66
C VAL B 94 7.74 -2.92 -36.73
N LEU B 95 8.03 -4.15 -36.31
CA LEU B 95 9.42 -4.64 -36.35
C LEU B 95 9.95 -4.70 -37.77
N GLU B 96 9.08 -4.95 -38.75
CA GLU B 96 9.53 -4.99 -40.13
C GLU B 96 9.80 -3.60 -40.68
N MET B 97 9.02 -2.60 -40.25
CA MET B 97 9.35 -1.22 -40.59
C MET B 97 10.68 -0.81 -39.97
N ILE B 98 11.00 -1.33 -38.79
CA ILE B 98 12.32 -1.12 -38.20
C ILE B 98 13.39 -1.73 -39.09
N LYS B 99 13.22 -3.00 -39.45
CA LYS B 99 14.19 -3.68 -40.31
C LYS B 99 14.37 -2.92 -41.63
N THR B 100 13.29 -2.38 -42.17
CA THR B 100 13.36 -1.69 -43.46
C THR B 100 13.99 -0.30 -43.31
N GLU B 101 13.51 0.49 -42.35
CA GLU B 101 13.96 1.87 -42.23
C GLU B 101 15.32 1.98 -41.56
N PHE B 102 15.64 1.07 -40.65
CA PHE B 102 17.00 0.99 -40.11
C PHE B 102 17.97 0.30 -41.06
N THR B 103 17.48 -0.21 -42.20
CA THR B 103 18.28 -0.97 -43.17
C THR B 103 19.04 -2.10 -42.48
N LEU B 104 18.29 -3.01 -41.89
CA LEU B 104 18.84 -4.13 -41.14
C LEU B 104 18.84 -5.41 -41.97
N THR B 105 19.94 -6.16 -41.88
CA THR B 105 20.01 -7.48 -42.47
C THR B 105 18.99 -8.40 -41.81
N GLU B 106 18.43 -9.32 -42.59
CA GLU B 106 17.46 -10.28 -42.05
C GLU B 106 18.04 -11.09 -40.90
N ALA B 107 19.36 -11.33 -40.91
CA ALA B 107 19.97 -12.18 -39.89
C ALA B 107 19.88 -11.56 -38.51
N VAL B 108 20.04 -10.24 -38.41
CA VAL B 108 20.08 -9.61 -37.09
C VAL B 108 18.69 -9.45 -36.48
N VAL B 109 17.63 -9.57 -37.28
CA VAL B 109 16.27 -9.29 -36.82
C VAL B 109 15.56 -10.59 -36.47
N GLU B 110 15.91 -11.67 -37.16
CA GLU B 110 15.19 -12.94 -37.04
C GLU B 110 15.05 -13.38 -35.59
N SER B 111 16.12 -13.24 -34.80
CA SER B 111 16.10 -13.76 -33.42
C SER B 111 15.00 -13.10 -32.59
N SER B 112 14.93 -11.77 -32.63
CA SER B 112 13.94 -11.07 -31.81
C SER B 112 12.53 -11.26 -32.34
N ARG B 113 12.37 -11.45 -33.66
CA ARG B 113 11.04 -11.61 -34.22
C ARG B 113 10.41 -12.93 -33.75
N LYS B 114 11.22 -13.98 -33.62
CA LYS B 114 10.70 -15.24 -33.10
C LYS B 114 10.22 -15.10 -31.67
N LEU B 115 10.85 -14.23 -30.88
CA LEU B 115 10.40 -13.98 -29.52
C LEU B 115 9.01 -13.35 -29.52
N VAL B 116 8.73 -12.49 -30.49
CA VAL B 116 7.42 -11.84 -30.57
C VAL B 116 6.36 -12.86 -30.98
N LYS B 117 6.66 -13.68 -31.99
CA LYS B 117 5.71 -14.70 -32.42
C LYS B 117 5.42 -15.69 -31.29
N GLU B 118 6.46 -16.11 -30.57
CA GLU B 118 6.26 -16.99 -29.42
C GLU B 118 5.38 -16.31 -28.37
N ALA B 119 5.66 -15.04 -28.07
CA ALA B 119 4.85 -14.30 -27.11
C ALA B 119 3.44 -14.07 -27.65
N ALA B 120 3.32 -13.75 -28.94
CA ALA B 120 2.00 -13.49 -29.53
C ALA B 120 1.10 -14.71 -29.41
N VAL B 121 1.63 -15.89 -29.68
CA VAL B 121 0.83 -17.10 -29.61
C VAL B 121 0.51 -17.45 -28.16
N ILE B 122 1.53 -17.42 -27.30
CA ILE B 122 1.34 -17.83 -25.91
C ILE B 122 0.36 -16.90 -25.19
N ILE B 123 0.48 -15.58 -25.43
CA ILE B 123 -0.39 -14.63 -24.75
C ILE B 123 -1.85 -14.90 -25.08
N CYS B 124 -2.15 -15.22 -26.34
CA CYS B 124 -3.52 -15.57 -26.71
C CYS B 124 -3.96 -16.87 -26.05
N ILE B 125 -3.04 -17.81 -25.87
CA ILE B 125 -3.38 -19.07 -25.21
C ILE B 125 -3.73 -18.83 -23.74
N LYS B 126 -2.90 -18.04 -23.04
CA LYS B 126 -3.17 -17.74 -21.64
C LYS B 126 -4.49 -17.00 -21.45
N ASN B 127 -4.98 -16.33 -22.48
CA ASN B 127 -6.28 -15.66 -22.44
C ASN B 127 -7.41 -16.53 -22.96
N LYS B 128 -7.17 -17.83 -23.13
CA LYS B 128 -8.17 -18.77 -23.64
C LYS B 128 -8.68 -18.37 -25.02
N GLU B 129 -7.83 -17.71 -25.81
CA GLU B 129 -8.16 -17.33 -27.18
C GLU B 129 -7.53 -18.31 -28.15
N PHE B 130 -8.03 -19.55 -28.09
CA PHE B 130 -7.42 -20.64 -28.85
C PHE B 130 -7.64 -20.47 -30.34
N GLU B 131 -8.81 -19.95 -30.75
CA GLU B 131 -9.06 -19.73 -32.16
C GLU B 131 -8.12 -18.68 -32.73
N LYS B 132 -7.85 -17.62 -31.97
CA LYS B 132 -6.89 -16.62 -32.41
C LYS B 132 -5.46 -17.11 -32.29
N ALA B 133 -5.16 -17.88 -31.24
CA ALA B 133 -3.81 -18.38 -31.05
C ALA B 133 -3.39 -19.31 -32.18
N SER B 134 -4.32 -20.15 -32.65
CA SER B 134 -4.00 -21.05 -33.76
C SER B 134 -3.78 -20.27 -35.05
N LYS B 135 -4.57 -19.22 -35.29
CA LYS B 135 -4.42 -18.43 -36.50
C LYS B 135 -3.09 -17.68 -36.52
N ILE B 136 -2.71 -17.09 -35.38
CA ILE B 136 -1.43 -16.40 -35.29
C ILE B 136 -0.28 -17.39 -35.46
N LEU B 137 -0.46 -18.63 -34.99
CA LEU B 137 0.61 -19.62 -35.08
C LEU B 137 0.85 -20.03 -36.53
N LYS B 138 -0.22 -20.34 -37.27
CA LYS B 138 -0.06 -20.78 -38.64
C LYS B 138 0.36 -19.64 -39.56
N LYS B 139 0.01 -18.40 -39.20
CA LYS B 139 0.33 -17.26 -40.05
C LYS B 139 1.79 -16.84 -39.91
N HIS B 140 2.33 -16.87 -38.69
CA HIS B 140 3.63 -16.27 -38.40
C HIS B 140 4.72 -17.27 -38.06
N MET B 141 4.42 -18.28 -37.23
CA MET B 141 5.45 -19.20 -36.80
C MET B 141 6.04 -19.97 -37.98
N SER B 142 7.37 -19.99 -38.05
CA SER B 142 8.06 -20.62 -39.16
C SER B 142 7.85 -22.13 -39.15
N LYS B 143 7.86 -22.71 -40.35
CA LYS B 143 7.64 -24.14 -40.53
C LYS B 143 8.94 -24.92 -40.68
N ASP B 144 10.06 -24.34 -40.27
CA ASP B 144 11.37 -24.98 -40.40
C ASP B 144 11.66 -25.85 -39.18
N PRO B 145 12.57 -26.82 -39.31
CA PRO B 145 12.83 -27.74 -38.20
C PRO B 145 13.32 -27.06 -36.92
N THR B 146 14.12 -26.00 -37.04
CA THR B 146 14.70 -25.36 -35.86
C THR B 146 13.64 -24.74 -34.94
N THR B 147 12.40 -24.60 -35.41
CA THR B 147 11.31 -24.07 -34.60
C THR B 147 10.13 -25.04 -34.55
N GLN B 148 10.38 -26.33 -34.79
CA GLN B 148 9.28 -27.27 -34.95
C GLN B 148 8.81 -27.88 -33.64
N LYS B 149 9.71 -28.10 -32.67
CA LYS B 149 9.29 -28.69 -31.41
C LYS B 149 8.44 -27.73 -30.61
N LEU B 150 8.79 -26.44 -30.62
CA LEU B 150 7.96 -25.44 -29.99
C LEU B 150 6.63 -25.28 -30.73
N ARG B 151 6.67 -25.35 -32.07
CA ARG B 151 5.47 -25.10 -32.86
C ARG B 151 4.43 -26.19 -32.64
N ASN B 152 4.80 -27.44 -32.89
CA ASN B 152 3.85 -28.54 -32.69
C ASN B 152 3.52 -28.76 -31.22
N ASP B 153 4.36 -28.28 -30.30
CA ASP B 153 3.99 -28.25 -28.89
C ASP B 153 2.75 -27.38 -28.69
N LEU B 154 2.87 -26.09 -29.02
CA LEU B 154 1.76 -25.17 -28.84
C LEU B 154 0.50 -25.65 -29.54
N LEU B 155 0.65 -26.30 -30.68
CA LEU B 155 -0.50 -26.91 -31.36
C LEU B 155 -1.20 -27.91 -30.45
N ASN B 156 -0.43 -28.69 -29.69
CA ASN B 156 -1.03 -29.65 -28.78
C ASN B 156 -1.66 -28.96 -27.57
N ILE B 157 -1.02 -27.90 -27.07
CA ILE B 157 -1.61 -27.15 -25.96
C ILE B 157 -2.86 -26.41 -26.41
N ILE B 158 -2.85 -25.85 -27.64
CA ILE B 158 -4.05 -25.22 -28.16
C ILE B 158 -5.16 -26.24 -28.33
N ARG B 159 -4.83 -27.42 -28.86
CA ARG B 159 -5.85 -28.44 -29.10
C ARG B 159 -6.42 -28.98 -27.79
N GLU B 160 -5.59 -29.09 -26.76
CA GLU B 160 -6.00 -29.67 -25.48
C GLU B 160 -6.39 -28.63 -24.43
N LYS B 161 -6.26 -27.35 -24.76
CA LYS B 161 -6.58 -26.27 -23.82
C LYS B 161 -5.81 -26.44 -22.50
N ASN B 162 -4.52 -26.78 -22.62
CA ASN B 162 -3.71 -27.16 -21.46
C ASN B 162 -2.86 -25.97 -21.01
N LEU B 163 -3.54 -25.04 -20.33
CA LEU B 163 -2.86 -23.83 -19.86
C LEU B 163 -1.81 -24.13 -18.79
N ALA B 164 -1.88 -25.30 -18.16
CA ALA B 164 -0.93 -25.68 -17.12
C ALA B 164 0.35 -26.28 -17.68
N HIS B 165 0.50 -26.36 -19.00
CA HIS B 165 1.71 -26.92 -19.59
C HIS B 165 2.91 -26.06 -19.21
N PRO B 166 4.06 -26.67 -18.91
CA PRO B 166 5.24 -25.87 -18.56
C PRO B 166 5.62 -24.84 -19.60
N VAL B 167 5.48 -25.18 -20.89
CA VAL B 167 5.80 -24.22 -21.95
C VAL B 167 5.04 -22.92 -21.75
N ILE B 168 3.80 -23.01 -21.29
CA ILE B 168 3.00 -21.82 -21.05
C ILE B 168 3.43 -21.13 -19.75
N GLN B 169 3.50 -21.89 -18.65
CA GLN B 169 3.77 -21.30 -17.35
C GLN B 169 5.24 -20.93 -17.16
N ASN B 170 6.15 -21.49 -17.95
CA ASN B 170 7.54 -21.07 -17.89
C ASN B 170 7.79 -19.76 -18.64
N PHE B 171 6.85 -19.32 -19.46
CA PHE B 171 7.01 -18.10 -20.23
C PHE B 171 6.99 -16.90 -19.29
N SER B 172 8.12 -16.22 -19.16
CA SER B 172 8.24 -15.02 -18.33
C SER B 172 8.17 -13.80 -19.25
N TYR B 173 7.06 -13.06 -19.18
CA TYR B 173 6.86 -11.95 -20.09
C TYR B 173 7.79 -10.78 -19.77
N GLU B 174 8.24 -10.66 -18.53
CA GLU B 174 9.10 -9.54 -18.16
C GLU B 174 10.44 -9.62 -18.87
N THR B 175 11.06 -10.81 -18.87
CA THR B 175 12.33 -10.96 -19.57
C THR B 175 12.15 -10.85 -21.08
N PHE B 176 10.97 -11.21 -21.59
CA PHE B 176 10.70 -11.03 -23.01
C PHE B 176 10.74 -9.55 -23.40
N GLN B 177 10.13 -8.69 -22.58
CA GLN B 177 10.18 -7.26 -22.84
C GLN B 177 11.62 -6.76 -22.78
N GLN B 178 12.38 -7.21 -21.79
CA GLN B 178 13.75 -6.72 -21.64
C GLN B 178 14.63 -7.17 -22.79
N LYS B 179 14.43 -8.39 -23.28
CA LYS B 179 15.20 -8.87 -24.43
C LYS B 179 14.93 -8.03 -25.67
N MET B 180 13.65 -7.74 -25.93
CA MET B 180 13.31 -6.87 -27.05
C MET B 180 13.92 -5.48 -26.89
N LEU B 181 14.10 -5.03 -25.64
CA LEU B 181 14.75 -3.74 -25.41
C LEU B 181 16.21 -3.80 -25.80
N ARG B 182 16.92 -4.85 -25.36
CA ARG B 182 18.35 -4.97 -25.68
C ARG B 182 18.57 -5.04 -27.19
N PHE B 183 17.65 -5.68 -27.91
CA PHE B 183 17.76 -5.74 -29.37
C PHE B 183 17.55 -4.38 -30.00
N LEU B 184 16.45 -3.71 -29.65
CA LEU B 184 16.16 -2.41 -30.24
C LEU B 184 17.16 -1.35 -29.80
N GLU B 185 17.71 -1.47 -28.59
CA GLU B 185 18.68 -0.50 -28.11
C GLU B 185 19.97 -0.55 -28.93
N SER B 186 20.36 -1.75 -29.38
CA SER B 186 21.63 -1.89 -30.08
C SER B 186 21.66 -1.10 -31.38
N HIS B 187 20.50 -0.90 -32.02
CA HIS B 187 20.41 -0.16 -33.26
C HIS B 187 20.09 1.31 -33.05
N LEU B 188 20.23 1.81 -31.82
CA LEU B 188 19.97 3.21 -31.50
C LEU B 188 21.25 3.89 -31.05
N ASP B 189 21.28 5.21 -31.20
CA ASP B 189 22.41 6.01 -30.76
C ASP B 189 22.25 6.34 -29.28
N ASP B 190 23.27 6.02 -28.49
CA ASP B 190 23.22 6.25 -27.06
C ASP B 190 23.70 7.66 -26.74
N ALA B 191 23.54 8.58 -27.69
CA ALA B 191 23.88 9.97 -27.49
C ALA B 191 22.90 10.60 -26.51
N GLU B 192 23.44 11.34 -25.55
CA GLU B 192 22.63 11.96 -24.52
C GLU B 192 21.73 13.04 -25.13
N PRO B 193 20.45 13.09 -24.77
CA PRO B 193 19.55 14.10 -25.34
C PRO B 193 20.00 15.51 -24.99
N TYR B 194 19.76 16.44 -25.92
CA TYR B 194 20.29 17.79 -25.78
C TYR B 194 19.72 18.49 -24.56
N LEU B 195 18.43 18.30 -24.28
CA LEU B 195 17.82 18.98 -23.13
C LEU B 195 18.38 18.45 -21.82
N LEU B 196 18.84 17.20 -21.79
CA LEU B 196 19.43 16.66 -20.57
C LEU B 196 20.79 17.29 -20.30
N THR B 197 21.61 17.46 -21.35
CA THR B 197 22.92 18.09 -21.18
C THR B 197 22.78 19.51 -20.66
N MET B 198 21.79 20.26 -21.17
CA MET B 198 21.61 21.64 -20.72
C MET B 198 21.11 21.69 -19.29
N ALA B 199 20.27 20.74 -18.89
CA ALA B 199 19.83 20.69 -17.49
C ALA B 199 20.96 20.30 -16.58
N LYS B 200 21.84 19.40 -17.04
CA LYS B 200 22.97 18.98 -16.21
C LYS B 200 23.98 20.10 -16.03
N LYS B 201 24.17 20.94 -17.06
CA LYS B 201 25.07 22.08 -16.91
C LYS B 201 24.43 23.23 -16.16
N ALA B 202 23.10 23.30 -16.11
CA ALA B 202 22.42 24.36 -15.38
C ALA B 202 22.48 24.17 -13.87
N LEU B 203 22.96 23.03 -13.39
CA LEU B 203 23.11 22.78 -11.96
C LEU B 203 24.44 22.09 -11.67
N GLY C 1 11.73 -54.90 10.59
CA GLY C 1 11.43 -54.36 11.90
C GLY C 1 11.48 -52.84 11.96
N ALA C 2 12.29 -52.31 12.87
CA ALA C 2 12.41 -50.87 13.01
C ALA C 2 13.17 -50.23 11.85
N GLY C 3 14.02 -50.99 11.16
CA GLY C 3 14.78 -50.44 10.06
C GLY C 3 13.98 -50.17 8.80
N GLU C 4 12.71 -50.60 8.76
CA GLU C 4 11.89 -50.39 7.58
C GLU C 4 11.74 -48.90 7.26
N ALA C 5 11.30 -48.12 8.25
CA ALA C 5 11.11 -46.69 8.02
C ALA C 5 12.41 -45.93 8.06
N ARG C 6 13.38 -46.36 8.88
CA ARG C 6 14.63 -45.62 9.02
C ARG C 6 15.44 -45.62 7.72
N LEU C 7 15.29 -46.66 6.89
CA LEU C 7 15.95 -46.64 5.58
C LEU C 7 15.16 -45.82 4.58
N GLU C 8 13.84 -45.77 4.70
CA GLU C 8 13.05 -45.03 3.72
C GLU C 8 13.14 -43.52 3.96
N GLU C 9 13.21 -43.09 5.22
CA GLU C 9 13.38 -41.66 5.49
C GLU C 9 14.81 -41.20 5.24
N ALA C 10 15.75 -42.13 5.05
CA ALA C 10 17.04 -41.76 4.52
C ALA C 10 16.95 -41.44 3.03
N VAL C 11 16.17 -42.24 2.29
CA VAL C 11 15.96 -41.96 0.88
C VAL C 11 14.97 -40.82 0.69
N ASN C 12 13.98 -40.71 1.58
CA ASN C 12 12.95 -39.68 1.42
C ASN C 12 13.55 -38.28 1.52
N ARG C 13 14.53 -38.08 2.41
CA ARG C 13 15.16 -36.77 2.52
C ARG C 13 16.04 -36.45 1.32
N TRP C 14 16.85 -37.43 0.90
CA TRP C 14 17.70 -37.23 -0.27
C TRP C 14 16.87 -36.94 -1.52
N VAL C 15 15.70 -37.55 -1.63
CA VAL C 15 14.77 -37.19 -2.70
C VAL C 15 14.18 -35.81 -2.44
N LEU C 16 13.88 -35.51 -1.18
CA LEU C 16 13.33 -34.20 -0.84
C LEU C 16 14.33 -33.09 -1.15
N LYS C 17 15.62 -33.35 -0.95
CA LYS C 17 16.64 -32.33 -1.17
C LYS C 17 16.99 -32.17 -2.65
N PHE C 18 16.89 -33.24 -3.44
CA PHE C 18 17.20 -33.12 -4.86
C PHE C 18 16.19 -32.24 -5.57
N TYR C 19 14.90 -32.45 -5.31
CA TYR C 19 13.86 -31.73 -6.04
C TYR C 19 13.82 -30.25 -5.65
N PHE C 20 14.10 -29.93 -4.39
CA PHE C 20 14.21 -28.54 -3.99
C PHE C 20 15.31 -27.83 -4.77
N HIS C 21 16.48 -28.48 -4.88
CA HIS C 21 17.55 -27.96 -5.71
C HIS C 21 17.08 -27.75 -7.15
N GLU C 22 16.35 -28.73 -7.68
CA GLU C 22 15.81 -28.59 -9.03
C GLU C 22 14.72 -27.54 -9.09
N ALA C 23 13.96 -27.37 -8.01
CA ALA C 23 12.92 -26.35 -7.99
C ALA C 23 13.52 -24.95 -7.91
N LEU C 24 14.62 -24.80 -7.18
CA LEU C 24 15.31 -23.51 -7.14
C LEU C 24 15.80 -23.10 -8.52
N ARG C 25 16.47 -24.01 -9.22
CA ARG C 25 16.96 -23.72 -10.56
C ARG C 25 15.82 -23.43 -11.52
N ALA C 26 14.66 -24.07 -11.32
CA ALA C 26 13.49 -23.73 -12.11
C ALA C 26 12.94 -22.35 -11.73
N PHE C 27 12.87 -22.06 -10.42
CA PHE C 27 12.43 -20.75 -9.98
C PHE C 27 13.41 -19.66 -10.41
N ARG C 28 14.72 -19.93 -10.25
CA ARG C 28 15.73 -18.95 -10.64
C ARG C 28 15.69 -18.67 -12.13
N GLY C 29 15.33 -19.66 -12.94
CA GLY C 29 15.26 -19.48 -14.38
C GLY C 29 13.86 -19.11 -14.85
N SER C 30 13.04 -18.60 -13.92
CA SER C 30 11.67 -18.16 -14.22
C SER C 30 10.84 -19.28 -14.86
N ARG C 31 11.14 -20.53 -14.52
CA ARG C 31 10.39 -21.67 -15.03
C ARG C 31 9.38 -22.13 -13.98
N TYR C 32 8.37 -21.28 -13.78
CA TYR C 32 7.36 -21.51 -12.74
C TYR C 32 6.42 -22.66 -13.07
N GLY C 33 6.43 -23.17 -14.30
CA GLY C 33 5.66 -24.36 -14.63
C GLY C 33 6.40 -25.61 -14.19
N ASP C 34 7.71 -25.65 -14.46
CA ASP C 34 8.53 -26.73 -13.94
C ASP C 34 8.56 -26.71 -12.42
N PHE C 35 8.64 -25.52 -11.83
CA PHE C 35 8.71 -25.40 -10.38
C PHE C 35 7.44 -25.93 -9.71
N ARG C 36 6.27 -25.58 -10.28
CA ARG C 36 5.00 -26.03 -9.71
C ARG C 36 4.88 -27.55 -9.76
N GLN C 37 5.35 -28.17 -10.85
CA GLN C 37 5.31 -29.63 -10.94
C GLN C 37 6.26 -30.26 -9.94
N ILE C 38 7.43 -29.66 -9.73
CA ILE C 38 8.36 -30.16 -8.71
C ILE C 38 7.77 -29.95 -7.32
N ARG C 39 7.10 -28.82 -7.11
CA ARG C 39 6.46 -28.56 -5.82
C ARG C 39 5.39 -29.61 -5.53
N ASP C 40 4.67 -30.06 -6.56
CA ASP C 40 3.66 -31.09 -6.36
C ASP C 40 4.30 -32.41 -5.94
N ILE C 41 5.46 -32.73 -6.51
CA ILE C 41 6.18 -33.94 -6.10
C ILE C 41 6.53 -33.88 -4.63
N MET C 42 7.17 -32.78 -4.22
CA MET C 42 7.59 -32.64 -2.83
C MET C 42 6.40 -32.64 -1.89
N GLN C 43 5.31 -31.97 -2.28
CA GLN C 43 4.09 -31.96 -1.47
C GLN C 43 3.58 -33.36 -1.18
N ALA C 44 3.79 -34.30 -2.12
CA ALA C 44 3.39 -35.68 -1.91
C ALA C 44 4.31 -36.44 -0.97
N LEU C 45 5.52 -35.93 -0.73
CA LEU C 45 6.46 -36.59 0.17
C LEU C 45 6.27 -36.20 1.63
N LEU C 46 5.53 -35.12 1.91
CA LEU C 46 5.38 -34.64 3.27
C LEU C 46 4.72 -35.67 4.17
N VAL C 47 3.77 -36.44 3.65
CA VAL C 47 3.09 -37.45 4.46
C VAL C 47 4.02 -38.60 4.82
N ARG C 48 5.07 -38.83 4.03
CA ARG C 48 6.00 -39.92 4.29
C ARG C 48 6.94 -39.58 5.43
N PRO C 49 7.44 -40.59 6.15
CA PRO C 49 8.40 -40.32 7.22
C PRO C 49 9.68 -39.72 6.68
N LEU C 50 10.19 -38.70 7.39
CA LEU C 50 11.44 -38.05 7.01
C LEU C 50 12.41 -37.92 8.19
N GLY C 51 12.11 -38.54 9.32
CA GLY C 51 13.02 -38.57 10.45
C GLY C 51 13.00 -37.35 11.34
N LYS C 52 12.20 -36.33 11.01
CA LYS C 52 12.15 -35.08 11.78
C LYS C 52 13.53 -34.44 11.90
N GLU C 53 14.19 -34.27 10.75
CA GLU C 53 15.51 -33.66 10.71
C GLU C 53 15.39 -32.14 10.67
N HIS C 54 16.39 -31.46 11.23
CA HIS C 54 16.34 -30.01 11.41
C HIS C 54 16.84 -29.23 10.20
N THR C 55 17.58 -29.85 9.28
CA THR C 55 17.98 -29.17 8.06
C THR C 55 16.91 -29.19 6.99
N VAL C 56 16.03 -30.21 7.00
CA VAL C 56 14.90 -30.21 6.07
C VAL C 56 13.78 -29.30 6.56
N SER C 57 13.77 -28.94 7.85
CA SER C 57 12.80 -27.96 8.34
C SER C 57 13.16 -26.56 7.85
N ARG C 58 14.45 -26.19 7.97
CA ARG C 58 14.94 -25.01 7.26
C ARG C 58 14.63 -25.12 5.78
N LEU C 59 14.78 -26.31 5.23
CA LEU C 59 14.60 -26.53 3.80
C LEU C 59 13.15 -26.33 3.36
N LEU C 60 12.20 -26.86 4.14
CA LEU C 60 10.80 -26.78 3.73
C LEU C 60 10.23 -25.38 3.92
N ARG C 61 10.70 -24.64 4.94
CA ARG C 61 10.19 -23.29 5.16
C ARG C 61 10.51 -22.37 3.98
N VAL C 62 11.68 -22.58 3.36
CA VAL C 62 12.05 -21.76 2.21
C VAL C 62 11.10 -22.02 1.04
N MET C 63 10.78 -23.29 0.79
CA MET C 63 9.86 -23.60 -0.31
C MET C 63 8.45 -23.14 0.00
N GLN C 64 8.03 -23.24 1.26
CA GLN C 64 6.73 -22.70 1.66
C GLN C 64 6.59 -21.25 1.22
N CYS C 65 7.63 -20.45 1.46
CA CYS C 65 7.59 -19.04 1.08
C CYS C 65 7.53 -18.88 -0.44
N LEU C 66 8.43 -19.56 -1.16
CA LEU C 66 8.47 -19.43 -2.61
C LEU C 66 7.20 -19.96 -3.26
N SER C 67 6.59 -20.99 -2.68
CA SER C 67 5.39 -21.59 -3.29
C SER C 67 4.24 -20.59 -3.33
N ARG C 68 3.95 -19.95 -2.21
CA ARG C 68 2.90 -18.94 -2.19
C ARG C 68 3.35 -17.60 -2.74
N ILE C 69 4.66 -17.39 -2.92
CA ILE C 69 5.12 -16.24 -3.69
C ILE C 69 4.87 -16.46 -5.17
N GLU C 70 5.13 -17.68 -5.65
CA GLU C 70 4.86 -17.99 -7.06
C GLU C 70 3.36 -17.93 -7.37
N GLU C 71 2.51 -18.22 -6.38
CA GLU C 71 1.06 -18.10 -6.52
C GLU C 71 0.53 -16.78 -5.98
N GLY C 72 1.40 -15.77 -5.84
CA GLY C 72 0.98 -14.52 -5.22
C GLY C 72 -0.01 -13.74 -6.06
N GLU C 73 0.21 -13.70 -7.38
CA GLU C 73 -0.71 -12.96 -8.25
C GLU C 73 -2.05 -13.66 -8.41
N ASN C 74 -2.10 -14.98 -8.20
CA ASN C 74 -3.35 -15.73 -8.32
C ASN C 74 -4.10 -15.61 -7.00
N LEU C 75 -5.08 -14.70 -6.95
CA LEU C 75 -5.89 -14.52 -5.76
C LEU C 75 -7.03 -15.52 -5.66
N ASP C 76 -7.18 -16.41 -6.64
CA ASP C 76 -8.22 -17.43 -6.59
C ASP C 76 -7.84 -18.65 -5.76
N CYS C 77 -6.61 -18.71 -5.26
CA CYS C 77 -6.15 -19.80 -4.43
C CYS C 77 -5.76 -19.29 -3.05
N SER C 78 -5.70 -20.21 -2.09
CA SER C 78 -5.37 -19.85 -0.72
C SER C 78 -4.60 -21.00 -0.08
N PHE C 79 -3.57 -20.65 0.68
CA PHE C 79 -2.74 -21.65 1.36
C PHE C 79 -3.23 -21.89 2.79
N ASP C 80 -3.24 -20.85 3.62
CA ASP C 80 -3.88 -20.91 4.93
C ASP C 80 -5.38 -20.67 4.73
N MET C 81 -6.02 -21.68 4.12
CA MET C 81 -7.39 -21.51 3.64
C MET C 81 -8.42 -21.46 4.76
N GLU C 82 -8.05 -21.88 5.97
CA GLU C 82 -8.98 -21.83 7.10
C GLU C 82 -9.44 -20.39 7.32
N ALA C 83 -8.53 -19.52 7.72
CA ALA C 83 -8.79 -18.08 7.76
C ALA C 83 -8.37 -17.50 6.41
N GLU C 84 -9.36 -17.17 5.58
CA GLU C 84 -9.09 -16.77 4.20
C GLU C 84 -8.16 -15.56 4.15
N LEU C 85 -7.15 -15.65 3.29
CA LEU C 85 -6.19 -14.56 3.12
C LEU C 85 -5.38 -14.81 1.86
N THR C 86 -4.89 -13.71 1.27
CA THR C 86 -4.09 -13.69 0.05
C THR C 86 -2.86 -14.58 0.19
N PRO C 87 -2.42 -15.26 -0.89
CA PRO C 87 -1.17 -16.03 -0.81
C PRO C 87 0.01 -15.24 -0.30
N LEU C 88 0.20 -14.00 -0.76
CA LEU C 88 1.31 -13.18 -0.26
C LEU C 88 1.14 -12.83 1.21
N GLU C 89 -0.09 -12.84 1.73
CA GLU C 89 -0.27 -12.75 3.17
C GLU C 89 0.30 -13.97 3.87
N SER C 90 0.01 -15.16 3.32
CA SER C 90 0.58 -16.38 3.88
C SER C 90 2.10 -16.40 3.77
N ALA C 91 2.64 -15.77 2.71
CA ALA C 91 4.09 -15.66 2.58
C ALA C 91 4.68 -14.83 3.71
N ILE C 92 3.94 -13.85 4.21
CA ILE C 92 4.42 -13.04 5.33
C ILE C 92 4.52 -13.91 6.59
N ASN C 93 3.47 -14.67 6.88
CA ASN C 93 3.48 -15.52 8.08
C ASN C 93 4.56 -16.59 7.97
N VAL C 94 4.73 -17.18 6.78
CA VAL C 94 5.78 -18.17 6.58
C VAL C 94 7.16 -17.51 6.70
N LEU C 95 7.28 -16.25 6.29
CA LEU C 95 8.57 -15.58 6.37
C LEU C 95 8.97 -15.28 7.80
N GLU C 96 7.99 -15.01 8.68
CA GLU C 96 8.33 -14.70 10.06
C GLU C 96 8.74 -15.95 10.84
N MET C 97 8.27 -17.12 10.44
CA MET C 97 8.77 -18.36 11.01
C MET C 97 10.02 -18.87 10.29
N ILE C 98 10.28 -18.38 9.08
CA ILE C 98 11.61 -18.54 8.48
C ILE C 98 12.63 -17.83 9.35
N LYS C 99 12.27 -16.66 9.89
CA LYS C 99 13.20 -15.90 10.72
C LYS C 99 13.57 -16.65 11.99
N THR C 100 12.57 -17.03 12.79
CA THR C 100 12.83 -17.66 14.08
C THR C 100 13.56 -18.99 13.93
N GLU C 101 13.29 -19.72 12.85
CA GLU C 101 13.92 -21.02 12.64
C GLU C 101 15.29 -20.90 12.00
N PHE C 102 15.60 -19.78 11.34
CA PHE C 102 16.92 -19.55 10.79
C PHE C 102 17.81 -18.70 11.69
N THR C 103 17.23 -18.02 12.68
CA THR C 103 17.96 -17.30 13.72
C THR C 103 18.94 -16.28 13.13
N LEU C 104 18.36 -15.23 12.56
CA LEU C 104 19.11 -14.09 12.04
C LEU C 104 18.77 -12.85 12.85
N THR C 105 19.12 -11.69 12.32
CA THR C 105 18.79 -10.41 12.93
C THR C 105 17.72 -9.71 12.11
N GLU C 106 16.92 -8.87 12.78
CA GLU C 106 15.88 -8.13 12.08
C GLU C 106 16.46 -7.16 11.05
N ALA C 107 17.76 -6.88 11.12
CA ALA C 107 18.40 -6.05 10.11
C ALA C 107 18.47 -6.76 8.77
N VAL C 108 18.55 -8.09 8.77
CA VAL C 108 18.66 -8.86 7.52
C VAL C 108 17.29 -9.17 6.92
N VAL C 109 16.23 -9.16 7.72
CA VAL C 109 14.94 -9.68 7.28
C VAL C 109 14.01 -8.57 6.80
N GLU C 110 13.93 -7.44 7.54
CA GLU C 110 13.09 -6.34 7.08
C GLU C 110 13.56 -5.75 5.76
N SER C 111 14.76 -6.10 5.30
CA SER C 111 15.16 -5.73 3.94
C SER C 111 14.36 -6.54 2.90
N SER C 112 13.89 -7.72 3.28
CA SER C 112 13.05 -8.55 2.42
C SER C 112 11.63 -8.73 2.94
N ARG C 113 11.45 -8.65 4.27
CA ARG C 113 10.10 -8.67 4.83
C ARG C 113 9.27 -7.51 4.29
N LYS C 114 9.93 -6.42 3.91
CA LYS C 114 9.25 -5.23 3.41
C LYS C 114 8.77 -5.41 1.98
N LEU C 115 9.49 -6.17 1.16
CA LEU C 115 9.12 -6.34 -0.24
C LEU C 115 7.81 -7.13 -0.37
N VAL C 116 7.63 -8.16 0.46
CA VAL C 116 6.42 -8.97 0.38
C VAL C 116 5.21 -8.17 0.82
N LYS C 117 5.37 -7.35 1.87
CA LYS C 117 4.24 -6.55 2.36
C LYS C 117 3.81 -5.52 1.33
N GLU C 118 4.75 -4.96 0.56
CA GLU C 118 4.38 -4.10 -0.54
C GLU C 118 3.70 -4.89 -1.65
N ALA C 119 4.23 -6.08 -1.96
CA ALA C 119 3.65 -6.90 -3.02
C ALA C 119 2.25 -7.37 -2.64
N ALA C 120 2.06 -7.76 -1.38
CA ALA C 120 0.74 -8.22 -0.94
C ALA C 120 -0.31 -7.13 -1.08
N VAL C 121 0.05 -5.90 -0.74
CA VAL C 121 -0.90 -4.79 -0.84
C VAL C 121 -1.18 -4.43 -2.29
N ILE C 122 -0.13 -4.31 -3.10
CA ILE C 122 -0.28 -3.85 -4.47
C ILE C 122 -1.08 -4.85 -5.30
N ILE C 123 -0.82 -6.15 -5.12
CA ILE C 123 -1.53 -7.18 -5.89
C ILE C 123 -3.03 -7.10 -5.61
N CYS C 124 -3.41 -6.85 -4.35
CA CYS C 124 -4.82 -6.68 -4.03
C CYS C 124 -5.39 -5.45 -4.73
N ILE C 125 -4.59 -4.40 -4.90
CA ILE C 125 -5.07 -3.19 -5.57
C ILE C 125 -5.36 -3.47 -7.04
N LYS C 126 -4.47 -4.19 -7.71
CA LYS C 126 -4.67 -4.47 -9.14
C LYS C 126 -5.94 -5.27 -9.37
N ASN C 127 -6.27 -6.16 -8.45
CA ASN C 127 -7.53 -6.91 -8.53
C ASN C 127 -8.71 -6.14 -7.96
N LYS C 128 -8.54 -4.84 -7.69
CA LYS C 128 -9.62 -3.96 -7.23
C LYS C 128 -10.20 -4.42 -5.89
N GLU C 129 -9.40 -5.10 -5.09
CA GLU C 129 -9.79 -5.48 -3.73
C GLU C 129 -9.22 -4.47 -2.75
N PHE C 130 -9.77 -3.25 -2.83
CA PHE C 130 -9.19 -2.11 -2.13
C PHE C 130 -9.33 -2.24 -0.61
N GLU C 131 -10.45 -2.80 -0.14
CA GLU C 131 -10.64 -2.94 1.30
C GLU C 131 -9.65 -3.94 1.89
N LYS C 132 -9.40 -5.05 1.20
CA LYS C 132 -8.41 -6.00 1.67
C LYS C 132 -7.01 -5.42 1.60
N ALA C 133 -6.72 -4.65 0.55
CA ALA C 133 -5.43 -3.96 0.47
C ALA C 133 -5.27 -2.96 1.61
N SER C 134 -6.38 -2.40 2.10
CA SER C 134 -6.30 -1.50 3.25
C SER C 134 -5.96 -2.26 4.52
N LYS C 135 -6.62 -3.40 4.74
CA LYS C 135 -6.38 -4.18 5.95
C LYS C 135 -4.96 -4.72 5.98
N ILE C 136 -4.46 -5.19 4.84
CA ILE C 136 -3.08 -5.69 4.78
C ILE C 136 -2.10 -4.56 5.05
N LEU C 137 -2.36 -3.38 4.46
CA LEU C 137 -1.47 -2.25 4.62
C LEU C 137 -1.41 -1.79 6.08
N LYS C 138 -2.57 -1.69 6.74
CA LYS C 138 -2.61 -1.18 8.10
C LYS C 138 -2.05 -2.19 9.10
N LYS C 139 -2.37 -3.47 8.91
CA LYS C 139 -1.93 -4.50 9.85
C LYS C 139 -0.44 -4.79 9.74
N HIS C 140 0.21 -4.36 8.67
CA HIS C 140 1.63 -4.68 8.45
C HIS C 140 2.47 -3.43 8.33
N MET C 141 2.34 -2.66 7.25
CA MET C 141 3.15 -1.45 7.06
C MET C 141 2.75 -0.40 8.09
N SER C 142 3.65 -0.08 9.02
CA SER C 142 3.42 0.93 10.04
C SER C 142 4.71 1.17 10.79
N LYS C 143 4.74 2.29 11.54
CA LYS C 143 5.79 2.59 12.51
C LYS C 143 7.18 2.52 11.90
N ASP C 144 7.34 3.18 10.75
CA ASP C 144 8.63 3.19 10.08
C ASP C 144 8.71 4.33 9.07
N PRO C 145 9.66 5.26 9.22
CA PRO C 145 9.86 6.28 8.19
C PRO C 145 10.35 5.72 6.87
N THR C 146 10.95 4.53 6.87
CA THR C 146 11.37 3.90 5.62
C THR C 146 10.18 3.59 4.73
N THR C 147 9.03 3.24 5.34
CA THR C 147 7.84 2.89 4.59
C THR C 147 6.79 3.99 4.57
N GLN C 148 6.97 5.04 5.38
CA GLN C 148 5.94 6.06 5.52
C GLN C 148 5.61 6.71 4.19
N LYS C 149 6.61 6.88 3.33
CA LYS C 149 6.37 7.51 2.03
C LYS C 149 5.41 6.68 1.19
N LEU C 150 5.73 5.40 0.99
CA LEU C 150 4.90 4.55 0.13
C LEU C 150 3.64 4.06 0.83
N ARG C 151 3.68 3.94 2.17
CA ARG C 151 2.47 3.59 2.90
C ARG C 151 1.37 4.63 2.69
N ASN C 152 1.73 5.91 2.79
CA ASN C 152 0.78 6.97 2.49
C ASN C 152 0.50 7.06 0.99
N ASP C 153 1.47 6.69 0.16
CA ASP C 153 1.25 6.66 -1.28
C ASP C 153 0.20 5.61 -1.64
N LEU C 154 0.37 4.39 -1.14
CA LEU C 154 -0.62 3.35 -1.39
C LEU C 154 -1.97 3.70 -0.79
N LEU C 155 -1.97 4.39 0.36
CA LEU C 155 -3.23 4.75 1.00
C LEU C 155 -4.07 5.67 0.09
N ASN C 156 -3.41 6.61 -0.59
CA ASN C 156 -4.13 7.47 -1.53
C ASN C 156 -4.58 6.70 -2.75
N ILE C 157 -3.80 5.71 -3.19
CA ILE C 157 -4.20 4.88 -4.32
C ILE C 157 -5.48 4.10 -3.98
N ILE C 158 -5.59 3.61 -2.76
CA ILE C 158 -6.76 2.84 -2.35
C ILE C 158 -7.99 3.73 -2.32
N ARG C 159 -7.86 4.96 -1.79
CA ARG C 159 -9.00 5.86 -1.71
C ARG C 159 -9.51 6.22 -3.10
N GLU C 160 -8.63 6.72 -3.97
CA GLU C 160 -9.00 7.12 -5.31
C GLU C 160 -9.15 5.94 -6.27
N LYS C 161 -8.83 4.72 -5.83
CA LYS C 161 -8.95 3.52 -6.66
C LYS C 161 -8.19 3.70 -7.97
N ASN C 162 -6.95 4.16 -7.86
CA ASN C 162 -6.16 4.61 -9.00
C ASN C 162 -5.17 3.50 -9.38
N LEU C 163 -5.65 2.57 -10.20
CA LEU C 163 -4.77 1.51 -10.70
C LEU C 163 -3.73 2.02 -11.67
N ALA C 164 -3.91 3.23 -12.21
CA ALA C 164 -3.01 3.79 -13.20
C ALA C 164 -1.82 4.51 -12.59
N HIS C 165 -1.77 4.66 -11.28
CA HIS C 165 -0.64 5.32 -10.65
C HIS C 165 0.64 4.54 -10.93
N PRO C 166 1.70 5.20 -11.42
CA PRO C 166 2.97 4.48 -11.63
C PRO C 166 3.44 3.65 -10.46
N VAL C 167 3.13 4.06 -9.22
CA VAL C 167 3.51 3.27 -8.05
C VAL C 167 2.98 1.85 -8.17
N ILE C 168 1.76 1.70 -8.71
CA ILE C 168 1.20 0.37 -8.90
C ILE C 168 1.72 -0.27 -10.17
N GLN C 169 1.85 0.50 -11.25
CA GLN C 169 2.21 -0.06 -12.55
C GLN C 169 3.72 -0.20 -12.75
N ASN C 170 4.54 0.48 -11.95
CA ASN C 170 5.98 0.25 -12.02
C ASN C 170 6.42 -0.99 -11.26
N PHE C 171 5.54 -1.57 -10.46
CA PHE C 171 5.90 -2.75 -9.67
C PHE C 171 6.09 -3.95 -10.59
N SER C 172 7.30 -4.52 -10.56
CA SER C 172 7.63 -5.69 -11.38
C SER C 172 7.63 -6.91 -10.46
N TYR C 173 6.60 -7.74 -10.58
CA TYR C 173 6.50 -8.90 -9.72
C TYR C 173 7.57 -9.93 -10.02
N GLU C 174 8.03 -9.98 -11.27
CA GLU C 174 9.11 -10.90 -11.63
C GLU C 174 10.40 -10.54 -10.90
N THR C 175 10.76 -9.25 -10.89
CA THR C 175 11.93 -8.83 -10.13
C THR C 175 11.70 -8.99 -8.63
N PHE C 176 10.45 -8.89 -8.18
CA PHE C 176 10.16 -9.09 -6.76
C PHE C 176 10.41 -10.54 -6.35
N GLN C 177 10.05 -11.49 -7.22
CA GLN C 177 10.28 -12.90 -6.90
C GLN C 177 11.76 -13.21 -6.83
N GLN C 178 12.52 -12.84 -7.88
CA GLN C 178 13.93 -13.18 -7.95
C GLN C 178 14.74 -12.51 -6.84
N LYS C 179 14.27 -11.38 -6.31
CA LYS C 179 14.90 -10.79 -5.14
C LYS C 179 14.63 -11.63 -3.89
N MET C 180 13.39 -12.13 -3.76
CA MET C 180 13.04 -12.94 -2.60
C MET C 180 13.84 -14.23 -2.58
N LEU C 181 14.04 -14.85 -3.75
CA LEU C 181 14.84 -16.08 -3.81
C LEU C 181 16.31 -15.79 -3.52
N ARG C 182 16.84 -14.68 -4.05
CA ARG C 182 18.23 -14.32 -3.78
C ARG C 182 18.47 -14.13 -2.29
N PHE C 183 17.45 -13.70 -1.55
CA PHE C 183 17.58 -13.53 -0.11
C PHE C 183 17.50 -14.87 0.61
N LEU C 184 16.51 -15.71 0.27
CA LEU C 184 16.33 -16.97 0.96
C LEU C 184 17.42 -17.97 0.60
N GLU C 185 17.94 -17.92 -0.62
CA GLU C 185 19.04 -18.80 -1.00
C GLU C 185 20.29 -18.53 -0.18
N SER C 186 20.52 -17.25 0.18
CA SER C 186 21.74 -16.87 0.88
C SER C 186 21.79 -17.43 2.29
N HIS C 187 20.72 -18.08 2.76
CA HIS C 187 20.67 -18.69 4.08
C HIS C 187 20.68 -20.21 4.03
N LEU C 188 20.96 -20.79 2.87
CA LEU C 188 21.02 -22.23 2.69
C LEU C 188 22.36 -22.61 2.07
N ASP C 189 22.94 -23.71 2.54
CA ASP C 189 24.21 -24.17 1.99
C ASP C 189 24.01 -24.72 0.58
N ASP C 190 24.88 -24.33 -0.34
CA ASP C 190 24.83 -24.88 -1.69
C ASP C 190 25.56 -26.22 -1.71
N ALA C 191 25.29 -27.07 -0.72
CA ALA C 191 25.74 -28.45 -0.74
C ALA C 191 24.95 -29.20 -1.80
N GLU C 192 25.62 -29.61 -2.87
CA GLU C 192 24.93 -30.26 -3.98
C GLU C 192 24.19 -31.49 -3.47
N PRO C 193 22.91 -31.65 -3.82
CA PRO C 193 22.15 -32.80 -3.31
C PRO C 193 22.76 -34.11 -3.75
N TYR C 194 22.64 -35.11 -2.87
CA TYR C 194 23.35 -36.38 -3.06
C TYR C 194 22.97 -37.02 -4.39
N LEU C 195 21.67 -37.03 -4.71
CA LEU C 195 21.19 -37.73 -5.89
C LEU C 195 21.68 -37.14 -7.20
N LEU C 196 22.11 -35.88 -7.21
CA LEU C 196 22.66 -35.29 -8.43
C LEU C 196 24.13 -35.62 -8.61
N THR C 197 24.90 -35.64 -7.51
CA THR C 197 26.32 -35.99 -7.61
C THR C 197 26.52 -37.38 -8.17
N MET C 198 25.60 -38.30 -7.87
CA MET C 198 25.71 -39.67 -8.36
C MET C 198 25.07 -39.86 -9.72
N ALA C 199 24.15 -38.97 -10.10
CA ALA C 199 23.72 -38.94 -11.49
C ALA C 199 24.87 -38.56 -12.40
N LYS C 200 25.77 -37.70 -11.92
CA LYS C 200 26.94 -37.33 -12.70
C LYS C 200 27.94 -38.47 -12.77
N LYS C 201 28.28 -39.05 -11.61
CA LYS C 201 29.23 -40.16 -11.60
C LYS C 201 28.69 -41.38 -12.33
N ALA C 202 27.37 -41.49 -12.51
CA ALA C 202 26.81 -42.57 -13.32
C ALA C 202 27.03 -42.31 -14.80
N LEU C 203 26.44 -41.23 -15.32
CA LEU C 203 26.55 -40.87 -16.73
C LEU C 203 27.85 -40.16 -17.06
N LYS C 204 28.89 -40.35 -16.24
CA LYS C 204 30.18 -39.73 -16.50
C LYS C 204 30.86 -40.41 -17.68
N ALA D 2 20.17 -28.80 -21.94
CA ALA D 2 19.38 -29.99 -21.63
C ALA D 2 20.21 -31.03 -20.90
N GLY D 3 21.48 -30.71 -20.65
CA GLY D 3 22.33 -31.62 -19.89
C GLY D 3 21.85 -31.80 -18.47
N GLU D 4 21.37 -30.73 -17.85
CA GLU D 4 20.81 -30.84 -16.51
C GLU D 4 19.47 -31.58 -16.50
N ALA D 5 18.84 -31.73 -17.66
CA ALA D 5 17.58 -32.47 -17.73
C ALA D 5 17.81 -33.97 -17.76
N ARG D 6 18.83 -34.42 -18.49
CA ARG D 6 19.15 -35.85 -18.52
C ARG D 6 19.59 -36.35 -17.16
N LEU D 7 20.21 -35.48 -16.36
CA LEU D 7 20.57 -35.88 -15.00
C LEU D 7 19.33 -36.03 -14.13
N GLU D 8 18.37 -35.11 -14.26
CA GLU D 8 17.09 -35.27 -13.58
C GLU D 8 16.35 -36.51 -14.10
N GLU D 9 16.52 -36.82 -15.38
CA GLU D 9 15.89 -38.02 -15.95
C GLU D 9 16.40 -39.28 -15.25
N ALA D 10 17.72 -39.36 -15.03
CA ALA D 10 18.31 -40.57 -14.46
C ALA D 10 17.85 -40.78 -13.03
N VAL D 11 17.82 -39.72 -12.22
CA VAL D 11 17.41 -39.88 -10.83
C VAL D 11 15.89 -40.03 -10.72
N ASN D 12 15.13 -39.39 -11.62
CA ASN D 12 13.68 -39.61 -11.64
C ASN D 12 13.35 -41.09 -11.81
N ARG D 13 14.14 -41.79 -12.64
CA ARG D 13 13.98 -43.24 -12.75
C ARG D 13 14.40 -43.93 -11.45
N TRP D 14 15.48 -43.44 -10.82
CA TRP D 14 15.92 -44.02 -9.56
C TRP D 14 14.87 -43.88 -8.47
N VAL D 15 14.34 -42.67 -8.31
CA VAL D 15 13.35 -42.43 -7.26
C VAL D 15 12.05 -43.16 -7.58
N LEU D 16 11.69 -43.23 -8.86
CA LEU D 16 10.48 -43.96 -9.24
C LEU D 16 10.66 -45.46 -9.03
N LYS D 17 11.83 -45.98 -9.39
CA LYS D 17 12.11 -47.40 -9.15
C LYS D 17 12.18 -47.70 -7.66
N PHE D 18 12.61 -46.74 -6.85
CA PHE D 18 12.69 -46.97 -5.41
C PHE D 18 11.30 -47.00 -4.78
N TYR D 19 10.46 -46.02 -5.09
CA TYR D 19 9.16 -45.93 -4.42
C TYR D 19 8.23 -47.06 -4.82
N PHE D 20 8.41 -47.61 -6.02
CA PHE D 20 7.60 -48.76 -6.41
C PHE D 20 7.92 -49.96 -5.54
N HIS D 21 9.21 -50.21 -5.30
CA HIS D 21 9.60 -51.31 -4.42
C HIS D 21 9.02 -51.12 -3.03
N GLU D 22 8.93 -49.88 -2.56
CA GLU D 22 8.25 -49.58 -1.31
C GLU D 22 6.74 -49.65 -1.43
N ALA D 23 6.20 -49.46 -2.63
CA ALA D 23 4.76 -49.59 -2.83
C ALA D 23 4.31 -51.04 -2.76
N LEU D 24 5.10 -51.96 -3.33
CA LEU D 24 4.78 -53.37 -3.24
C LEU D 24 4.85 -53.86 -1.80
N ARG D 25 5.92 -53.48 -1.09
CA ARG D 25 6.06 -53.88 0.31
C ARG D 25 4.94 -53.30 1.16
N ALA D 26 4.45 -52.12 0.79
CA ALA D 26 3.26 -51.58 1.47
C ALA D 26 2.01 -52.34 1.08
N PHE D 27 1.96 -52.84 -0.15
CA PHE D 27 0.78 -53.58 -0.62
C PHE D 27 0.70 -54.96 0.04
N ARG D 28 1.81 -55.72 -0.02
CA ARG D 28 1.80 -57.06 0.53
C ARG D 28 1.65 -57.06 2.05
N GLY D 29 2.07 -55.98 2.71
CA GLY D 29 1.82 -55.85 4.13
C GLY D 29 0.43 -55.39 4.48
N SER D 30 -0.47 -55.36 3.49
CA SER D 30 -1.85 -54.90 3.66
C SER D 30 -1.91 -53.45 4.13
N ARG D 31 -0.84 -52.68 3.90
CA ARG D 31 -0.80 -51.28 4.27
C ARG D 31 -1.08 -50.42 3.04
N TYR D 32 -2.34 -50.48 2.60
CA TYR D 32 -2.74 -49.75 1.40
C TYR D 32 -2.80 -48.25 1.63
N GLY D 33 -2.95 -47.80 2.88
CA GLY D 33 -2.85 -46.37 3.15
C GLY D 33 -1.46 -45.83 2.85
N ASP D 34 -0.42 -46.58 3.26
CA ASP D 34 0.93 -46.23 2.86
C ASP D 34 1.18 -46.49 1.38
N PHE D 35 0.38 -47.36 0.76
CA PHE D 35 0.55 -47.64 -0.66
C PHE D 35 0.05 -46.47 -1.51
N ARG D 36 -1.13 -45.94 -1.19
CA ARG D 36 -1.67 -44.83 -1.97
C ARG D 36 -0.86 -43.56 -1.77
N GLN D 37 -0.30 -43.35 -0.57
CA GLN D 37 0.58 -42.22 -0.35
C GLN D 37 1.82 -42.31 -1.24
N ILE D 38 2.34 -43.53 -1.41
CA ILE D 38 3.46 -43.72 -2.34
C ILE D 38 2.99 -43.59 -3.78
N ARG D 39 1.79 -44.10 -4.08
CA ARG D 39 1.22 -43.92 -5.41
C ARG D 39 1.04 -42.44 -5.73
N ASP D 40 0.55 -41.67 -4.75
CA ASP D 40 0.36 -40.23 -4.97
C ASP D 40 1.68 -39.53 -5.26
N ILE D 41 2.78 -40.00 -4.68
CA ILE D 41 4.10 -39.50 -5.03
C ILE D 41 4.35 -39.77 -6.50
N MET D 42 4.45 -41.07 -6.85
CA MET D 42 4.76 -41.46 -8.22
C MET D 42 3.83 -40.80 -9.23
N GLN D 43 2.59 -40.53 -8.84
CA GLN D 43 1.65 -39.85 -9.74
C GLN D 43 2.17 -38.46 -10.12
N ALA D 44 2.79 -37.75 -9.16
CA ALA D 44 3.31 -36.43 -9.43
C ALA D 44 4.57 -36.44 -10.29
N LEU D 45 5.12 -37.62 -10.59
CA LEU D 45 6.36 -37.69 -11.35
C LEU D 45 6.19 -38.09 -12.81
N LEU D 46 5.03 -38.63 -13.20
CA LEU D 46 4.81 -38.92 -14.61
C LEU D 46 4.93 -37.66 -15.46
N VAL D 47 4.59 -36.50 -14.89
CA VAL D 47 4.65 -35.26 -15.65
C VAL D 47 6.08 -34.81 -15.88
N ARG D 48 7.03 -35.29 -15.07
CA ARG D 48 8.44 -34.96 -15.24
C ARG D 48 9.08 -35.85 -16.31
N PRO D 49 10.18 -35.41 -16.91
CA PRO D 49 10.87 -36.26 -17.88
C PRO D 49 11.42 -37.52 -17.24
N LEU D 50 11.16 -38.66 -17.89
CA LEU D 50 11.62 -39.96 -17.40
C LEU D 50 12.42 -40.74 -18.42
N GLY D 51 12.58 -40.24 -19.63
CA GLY D 51 13.25 -40.99 -20.68
C GLY D 51 12.29 -41.94 -21.37
N LYS D 52 12.85 -42.73 -22.29
CA LYS D 52 12.09 -43.70 -23.05
C LYS D 52 12.43 -45.13 -22.65
N GLU D 53 12.96 -45.33 -21.44
CA GLU D 53 13.32 -46.67 -21.00
C GLU D 53 12.13 -47.61 -21.10
N HIS D 54 12.42 -48.88 -21.40
CA HIS D 54 11.37 -49.89 -21.51
C HIS D 54 11.02 -50.47 -20.14
N THR D 55 12.00 -50.51 -19.22
CA THR D 55 11.75 -51.10 -17.91
C THR D 55 10.74 -50.27 -17.11
N VAL D 56 10.81 -48.94 -17.22
CA VAL D 56 9.84 -48.10 -16.50
C VAL D 56 8.44 -48.29 -17.07
N SER D 57 8.33 -48.65 -18.35
CA SER D 57 7.03 -48.92 -18.94
C SER D 57 6.40 -50.16 -18.34
N ARG D 58 7.11 -51.29 -18.38
CA ARG D 58 6.63 -52.48 -17.68
C ARG D 58 6.43 -52.21 -16.20
N LEU D 59 7.21 -51.29 -15.64
CA LEU D 59 7.10 -50.96 -14.22
C LEU D 59 5.75 -50.32 -13.92
N LEU D 60 5.43 -49.22 -14.61
CA LEU D 60 4.24 -48.45 -14.28
C LEU D 60 2.96 -49.21 -14.53
N ARG D 61 2.94 -50.08 -15.56
CA ARG D 61 1.73 -50.84 -15.86
C ARG D 61 1.38 -51.78 -14.72
N VAL D 62 2.38 -52.37 -14.08
CA VAL D 62 2.15 -53.15 -12.87
C VAL D 62 1.63 -52.26 -11.76
N MET D 63 2.18 -51.04 -11.65
CA MET D 63 1.71 -50.09 -10.65
C MET D 63 0.30 -49.62 -10.96
N GLN D 64 -0.03 -49.47 -12.25
CA GLN D 64 -1.39 -49.10 -12.64
C GLN D 64 -2.39 -50.15 -12.16
N CYS D 65 -2.14 -51.42 -12.50
CA CYS D 65 -3.09 -52.48 -12.17
C CYS D 65 -3.31 -52.59 -10.66
N LEU D 66 -2.22 -52.51 -9.88
CA LEU D 66 -2.36 -52.58 -8.43
C LEU D 66 -3.09 -51.35 -7.88
N SER D 67 -2.99 -50.21 -8.56
CA SER D 67 -3.66 -49.01 -8.10
C SER D 67 -5.17 -49.14 -8.22
N ARG D 68 -5.66 -49.59 -9.38
CA ARG D 68 -7.09 -49.80 -9.55
C ARG D 68 -7.61 -50.93 -8.66
N ILE D 69 -6.76 -51.92 -8.37
CA ILE D 69 -7.15 -52.99 -7.47
C ILE D 69 -7.23 -52.49 -6.04
N GLU D 70 -6.32 -51.58 -5.65
CA GLU D 70 -6.33 -51.04 -4.30
C GLU D 70 -7.63 -50.32 -4.00
N GLU D 71 -8.23 -49.66 -4.99
CA GLU D 71 -9.51 -48.98 -4.83
C GLU D 71 -10.59 -49.61 -5.70
N GLY D 72 -10.49 -50.92 -5.95
CA GLY D 72 -11.53 -51.60 -6.68
C GLY D 72 -12.83 -51.68 -5.91
N GLU D 73 -12.75 -51.78 -4.58
CA GLU D 73 -13.96 -51.75 -3.75
C GLU D 73 -14.62 -50.38 -3.77
N ASN D 74 -13.88 -49.32 -4.06
CA ASN D 74 -14.40 -47.96 -4.03
C ASN D 74 -14.92 -47.61 -5.42
N LEU D 75 -16.24 -47.71 -5.61
CA LEU D 75 -16.87 -47.42 -6.88
C LEU D 75 -17.21 -45.94 -7.06
N ASP D 76 -16.88 -45.10 -6.09
CA ASP D 76 -17.04 -43.66 -6.21
C ASP D 76 -15.79 -42.98 -6.73
N CYS D 77 -14.92 -43.71 -7.42
CA CYS D 77 -13.78 -43.16 -8.14
C CYS D 77 -13.73 -43.80 -9.52
N SER D 78 -12.90 -43.23 -10.39
CA SER D 78 -12.78 -43.74 -11.75
C SER D 78 -11.42 -43.38 -12.31
N PHE D 79 -10.80 -44.34 -13.00
CA PHE D 79 -9.56 -44.12 -13.72
C PHE D 79 -9.79 -43.89 -15.21
N ASP D 80 -10.98 -44.22 -15.72
CA ASP D 80 -11.37 -43.96 -17.10
C ASP D 80 -12.73 -43.23 -17.04
N MET D 81 -12.67 -41.94 -16.71
CA MET D 81 -13.90 -41.16 -16.51
C MET D 81 -14.70 -41.00 -17.79
N GLU D 82 -14.06 -41.09 -18.96
CA GLU D 82 -14.79 -40.93 -20.22
C GLU D 82 -15.75 -42.09 -20.43
N ALA D 83 -15.27 -43.33 -20.29
CA ALA D 83 -16.11 -44.50 -20.47
C ALA D 83 -16.93 -44.84 -19.23
N GLU D 84 -16.62 -44.24 -18.08
CA GLU D 84 -17.36 -44.48 -16.84
C GLU D 84 -17.24 -45.93 -16.39
N LEU D 85 -16.00 -46.42 -16.37
CA LEU D 85 -15.72 -47.80 -15.98
C LEU D 85 -15.34 -47.85 -14.51
N THR D 86 -15.79 -48.89 -13.82
CA THR D 86 -15.41 -49.10 -12.44
C THR D 86 -13.91 -49.43 -12.36
N PRO D 87 -13.26 -49.09 -11.26
CA PRO D 87 -11.81 -49.37 -11.13
C PRO D 87 -11.43 -50.80 -11.43
N LEU D 88 -12.27 -51.77 -11.04
CA LEU D 88 -11.90 -53.17 -11.24
C LEU D 88 -11.94 -53.58 -12.71
N GLU D 89 -12.92 -53.06 -13.45
CA GLU D 89 -12.94 -53.31 -14.90
C GLU D 89 -11.95 -52.42 -15.64
N SER D 90 -11.45 -51.36 -15.00
CA SER D 90 -10.32 -50.61 -15.53
C SER D 90 -9.01 -51.36 -15.34
N ALA D 91 -8.98 -52.35 -14.44
CA ALA D 91 -7.79 -53.15 -14.24
C ALA D 91 -7.60 -54.20 -15.33
N ILE D 92 -8.70 -54.75 -15.86
CA ILE D 92 -8.59 -55.73 -16.93
C ILE D 92 -8.00 -55.10 -18.18
N ASN D 93 -8.44 -53.87 -18.51
CA ASN D 93 -7.85 -53.15 -19.62
C ASN D 93 -6.35 -52.93 -19.40
N VAL D 94 -5.97 -52.64 -18.16
CA VAL D 94 -4.55 -52.50 -17.83
C VAL D 94 -3.88 -53.86 -17.84
N LEU D 95 -4.56 -54.89 -17.33
CA LEU D 95 -3.99 -56.23 -17.29
C LEU D 95 -3.76 -56.78 -18.69
N GLU D 96 -4.70 -56.51 -19.62
CA GLU D 96 -4.50 -56.92 -21.00
C GLU D 96 -3.27 -56.25 -21.60
N MET D 97 -3.04 -54.98 -21.24
CA MET D 97 -1.82 -54.31 -21.68
C MET D 97 -0.59 -55.03 -21.13
N ILE D 98 -0.63 -55.39 -19.84
CA ILE D 98 0.51 -56.09 -19.23
C ILE D 98 0.87 -57.35 -20.02
N LYS D 99 -0.13 -58.06 -20.52
CA LYS D 99 0.14 -59.30 -21.28
C LYS D 99 0.94 -59.00 -22.54
N THR D 100 0.52 -57.98 -23.30
CA THR D 100 1.19 -57.69 -24.57
C THR D 100 2.59 -57.09 -24.35
N GLU D 101 2.72 -56.18 -23.38
CA GLU D 101 4.02 -55.56 -23.14
C GLU D 101 5.01 -56.56 -22.56
N PHE D 102 4.54 -57.49 -21.73
CA PHE D 102 5.39 -58.50 -21.12
C PHE D 102 5.57 -59.74 -21.99
N THR D 103 4.98 -59.75 -23.19
CA THR D 103 5.00 -60.88 -24.11
C THR D 103 4.43 -62.15 -23.49
N LEU D 104 3.54 -62.02 -22.50
CA LEU D 104 3.02 -63.19 -21.81
C LEU D 104 2.05 -63.98 -22.69
N THR D 105 2.12 -65.30 -22.59
CA THR D 105 1.16 -66.15 -23.26
C THR D 105 -0.18 -66.07 -22.54
N GLU D 106 -1.25 -66.37 -23.29
CA GLU D 106 -2.59 -66.30 -22.72
C GLU D 106 -2.76 -67.24 -21.53
N ALA D 107 -2.16 -68.44 -21.63
CA ALA D 107 -2.37 -69.46 -20.61
C ALA D 107 -1.95 -69.00 -19.22
N VAL D 108 -0.95 -68.12 -19.13
CA VAL D 108 -0.51 -67.62 -17.84
C VAL D 108 -1.45 -66.54 -17.33
N VAL D 109 -1.81 -65.59 -18.19
CA VAL D 109 -2.67 -64.49 -17.77
C VAL D 109 -4.15 -64.89 -17.73
N GLU D 110 -4.51 -66.00 -18.38
CA GLU D 110 -5.92 -66.43 -18.38
C GLU D 110 -6.39 -66.76 -16.98
N SER D 111 -5.55 -67.43 -16.19
CA SER D 111 -5.94 -67.80 -14.84
C SER D 111 -6.18 -66.56 -13.98
N SER D 112 -5.25 -65.60 -14.01
CA SER D 112 -5.34 -64.43 -13.14
C SER D 112 -6.47 -63.50 -13.58
N ARG D 113 -6.79 -63.46 -14.87
CA ARG D 113 -7.82 -62.54 -15.35
C ARG D 113 -9.19 -62.91 -14.81
N LYS D 114 -9.44 -64.19 -14.55
CA LYS D 114 -10.75 -64.61 -14.04
C LYS D 114 -11.05 -63.97 -12.69
N LEU D 115 -10.04 -63.79 -11.86
CA LEU D 115 -10.27 -63.31 -10.50
C LEU D 115 -10.77 -61.87 -10.49
N VAL D 116 -10.22 -61.01 -11.34
CA VAL D 116 -10.62 -59.60 -11.33
C VAL D 116 -11.99 -59.42 -11.97
N LYS D 117 -12.28 -60.15 -13.05
CA LYS D 117 -13.63 -60.14 -13.61
C LYS D 117 -14.64 -60.65 -12.59
N GLU D 118 -14.29 -61.72 -11.87
CA GLU D 118 -15.10 -62.15 -10.74
C GLU D 118 -15.23 -61.03 -9.72
N ALA D 119 -14.11 -60.43 -9.33
CA ALA D 119 -14.13 -59.34 -8.36
C ALA D 119 -14.93 -58.15 -8.89
N ALA D 120 -14.75 -57.81 -10.17
CA ALA D 120 -15.45 -56.66 -10.74
C ALA D 120 -16.96 -56.85 -10.66
N VAL D 121 -17.45 -58.04 -11.02
CA VAL D 121 -18.88 -58.30 -10.97
C VAL D 121 -19.36 -58.34 -9.53
N ILE D 122 -18.61 -59.05 -8.66
CA ILE D 122 -19.03 -59.22 -7.27
C ILE D 122 -19.16 -57.87 -6.57
N ILE D 123 -18.17 -56.99 -6.77
CA ILE D 123 -18.16 -55.71 -6.07
C ILE D 123 -19.36 -54.87 -6.47
N CYS D 124 -19.76 -54.95 -7.74
CA CYS D 124 -20.93 -54.20 -8.19
C CYS D 124 -22.20 -54.68 -7.51
N ILE D 125 -22.34 -56.00 -7.32
CA ILE D 125 -23.52 -56.52 -6.65
C ILE D 125 -23.52 -56.14 -5.17
N LYS D 126 -22.34 -56.19 -4.54
CA LYS D 126 -22.26 -55.77 -3.14
C LYS D 126 -22.62 -54.31 -2.97
N ASN D 127 -22.39 -53.48 -3.99
CA ASN D 127 -22.84 -52.11 -4.01
C ASN D 127 -24.22 -51.94 -4.62
N LYS D 128 -24.90 -53.06 -4.91
CA LYS D 128 -26.26 -53.06 -5.46
C LYS D 128 -26.33 -52.35 -6.81
N GLU D 129 -25.23 -52.37 -7.56
CA GLU D 129 -25.23 -51.87 -8.93
C GLU D 129 -25.41 -53.05 -9.89
N PHE D 130 -26.61 -53.63 -9.81
CA PHE D 130 -26.91 -54.84 -10.57
C PHE D 130 -26.84 -54.58 -12.07
N GLU D 131 -27.28 -53.40 -12.51
CA GLU D 131 -27.23 -53.07 -13.94
C GLU D 131 -25.79 -53.07 -14.45
N LYS D 132 -24.89 -52.41 -13.73
CA LYS D 132 -23.47 -52.45 -14.07
C LYS D 132 -22.92 -53.86 -13.91
N ALA D 133 -23.38 -54.58 -12.89
CA ALA D 133 -22.89 -55.94 -12.66
C ALA D 133 -23.25 -56.85 -13.82
N SER D 134 -24.49 -56.76 -14.32
CA SER D 134 -24.90 -57.57 -15.44
C SER D 134 -24.19 -57.16 -16.72
N LYS D 135 -23.99 -55.85 -16.92
CA LYS D 135 -23.31 -55.37 -18.12
C LYS D 135 -21.85 -55.83 -18.14
N ILE D 136 -21.20 -55.84 -16.97
CA ILE D 136 -19.83 -56.36 -16.89
C ILE D 136 -19.82 -57.86 -17.13
N LEU D 137 -20.79 -58.58 -16.52
CA LEU D 137 -20.85 -60.03 -16.64
C LEU D 137 -21.04 -60.47 -18.09
N LYS D 138 -21.68 -59.65 -18.91
CA LYS D 138 -21.90 -60.00 -20.31
C LYS D 138 -20.64 -59.85 -21.15
N LYS D 139 -19.98 -58.69 -21.05
CA LYS D 139 -18.85 -58.40 -21.93
C LYS D 139 -17.68 -59.32 -21.66
N HIS D 140 -17.41 -59.62 -20.39
CA HIS D 140 -16.14 -60.23 -20.00
C HIS D 140 -16.24 -61.71 -19.64
N MET D 141 -17.33 -62.16 -19.03
CA MET D 141 -17.42 -63.51 -18.52
C MET D 141 -18.16 -64.47 -19.45
N SER D 142 -18.64 -64.00 -20.60
CA SER D 142 -19.34 -64.87 -21.52
C SER D 142 -18.35 -65.64 -22.40
N LYS D 143 -18.86 -66.68 -23.06
CA LYS D 143 -18.11 -67.47 -24.03
C LYS D 143 -16.91 -68.17 -23.42
N ASP D 144 -17.14 -68.85 -22.28
CA ASP D 144 -16.12 -69.70 -21.69
C ASP D 144 -16.76 -70.65 -20.69
N PRO D 145 -16.68 -71.96 -20.92
CA PRO D 145 -17.34 -72.92 -20.01
C PRO D 145 -16.60 -73.15 -18.71
N THR D 146 -15.33 -72.77 -18.62
CA THR D 146 -14.60 -72.91 -17.36
C THR D 146 -15.15 -71.96 -16.30
N THR D 147 -15.80 -70.87 -16.70
CA THR D 147 -16.40 -69.94 -15.78
C THR D 147 -17.93 -70.00 -15.74
N GLN D 148 -18.54 -70.83 -16.61
CA GLN D 148 -19.99 -70.79 -16.77
C GLN D 148 -20.72 -71.06 -15.46
N LYS D 149 -20.23 -72.00 -14.65
CA LYS D 149 -20.86 -72.29 -13.37
C LYS D 149 -20.89 -71.05 -12.49
N LEU D 150 -19.73 -70.44 -12.27
CA LEU D 150 -19.67 -69.17 -11.55
C LEU D 150 -20.38 -68.06 -12.32
N ARG D 151 -20.34 -68.13 -13.66
CA ARG D 151 -21.02 -67.11 -14.46
C ARG D 151 -22.52 -67.20 -14.31
N ASN D 152 -23.08 -68.42 -14.34
CA ASN D 152 -24.52 -68.58 -14.14
C ASN D 152 -24.92 -68.29 -12.70
N ASP D 153 -24.02 -68.57 -11.74
CA ASP D 153 -24.33 -68.31 -10.34
C ASP D 153 -24.58 -66.82 -10.10
N LEU D 154 -23.68 -65.97 -10.60
CA LEU D 154 -23.83 -64.53 -10.41
C LEU D 154 -25.07 -64.02 -11.12
N LEU D 155 -25.40 -64.57 -12.29
CA LEU D 155 -26.59 -64.14 -13.02
C LEU D 155 -27.84 -64.31 -12.17
N ASN D 156 -27.93 -65.42 -11.43
CA ASN D 156 -29.09 -65.64 -10.57
C ASN D 156 -29.03 -64.74 -9.33
N ILE D 157 -27.82 -64.35 -8.91
CA ILE D 157 -27.68 -63.47 -7.76
C ILE D 157 -28.03 -62.04 -8.13
N ILE D 158 -27.57 -61.58 -9.30
CA ILE D 158 -27.96 -60.26 -9.80
C ILE D 158 -29.48 -60.19 -9.93
N ARG D 159 -30.11 -61.28 -10.35
CA ARG D 159 -31.54 -61.29 -10.61
C ARG D 159 -32.35 -61.29 -9.32
N GLU D 160 -31.98 -62.14 -8.36
CA GLU D 160 -32.68 -62.19 -7.08
C GLU D 160 -32.22 -61.11 -6.12
N LYS D 161 -31.22 -60.31 -6.49
CA LYS D 161 -30.66 -59.28 -5.60
C LYS D 161 -30.28 -59.87 -4.25
N ASN D 162 -29.77 -61.10 -4.26
CA ASN D 162 -29.52 -61.87 -3.06
C ASN D 162 -28.09 -61.61 -2.61
N LEU D 163 -27.92 -60.58 -1.78
CA LEU D 163 -26.60 -60.23 -1.27
C LEU D 163 -26.14 -61.12 -0.13
N ALA D 164 -27.04 -61.92 0.45
CA ALA D 164 -26.69 -62.85 1.50
C ALA D 164 -26.21 -64.18 0.97
N HIS D 165 -26.08 -64.32 -0.34
CA HIS D 165 -25.68 -65.60 -0.92
C HIS D 165 -24.22 -65.90 -0.57
N PRO D 166 -23.88 -67.16 -0.29
CA PRO D 166 -22.50 -67.48 0.06
C PRO D 166 -21.48 -67.08 -1.00
N VAL D 167 -21.81 -67.25 -2.28
CA VAL D 167 -20.82 -67.04 -3.34
C VAL D 167 -20.22 -65.65 -3.27
N ILE D 168 -21.02 -64.63 -2.98
CA ILE D 168 -20.49 -63.28 -3.02
C ILE D 168 -19.89 -62.85 -1.69
N GLN D 169 -20.33 -63.40 -0.56
CA GLN D 169 -19.74 -63.06 0.72
C GLN D 169 -18.82 -64.16 1.26
N ASN D 170 -18.63 -65.25 0.52
CA ASN D 170 -17.42 -66.04 0.69
C ASN D 170 -16.23 -65.39 0.00
N PHE D 171 -16.48 -64.41 -0.86
CA PHE D 171 -15.42 -63.72 -1.60
C PHE D 171 -14.78 -62.69 -0.69
N SER D 172 -13.54 -62.95 -0.28
CA SER D 172 -12.77 -62.01 0.52
C SER D 172 -11.89 -61.19 -0.39
N TYR D 173 -12.08 -59.87 -0.39
CA TYR D 173 -11.31 -59.00 -1.27
C TYR D 173 -9.83 -58.99 -0.91
N GLU D 174 -9.50 -59.26 0.35
CA GLU D 174 -8.11 -59.26 0.79
C GLU D 174 -7.30 -60.35 0.09
N THR D 175 -7.87 -61.56 0.02
CA THR D 175 -7.16 -62.66 -0.65
C THR D 175 -7.01 -62.41 -2.15
N PHE D 176 -7.96 -61.68 -2.75
CA PHE D 176 -7.88 -61.43 -4.18
C PHE D 176 -6.73 -60.50 -4.53
N GLN D 177 -6.51 -59.46 -3.73
CA GLN D 177 -5.41 -58.53 -4.01
C GLN D 177 -4.06 -59.23 -3.91
N GLN D 178 -3.83 -59.97 -2.83
CA GLN D 178 -2.56 -60.65 -2.63
C GLN D 178 -2.32 -61.74 -3.67
N LYS D 179 -3.39 -62.30 -4.25
CA LYS D 179 -3.21 -63.20 -5.39
C LYS D 179 -2.77 -62.44 -6.63
N MET D 180 -3.34 -61.26 -6.87
CA MET D 180 -2.95 -60.46 -8.02
C MET D 180 -1.52 -59.95 -7.87
N LEU D 181 -1.15 -59.47 -6.68
CA LEU D 181 0.20 -58.99 -6.45
C LEU D 181 1.21 -60.12 -6.65
N ARG D 182 0.92 -61.30 -6.08
CA ARG D 182 1.83 -62.43 -6.23
C ARG D 182 2.03 -62.80 -7.70
N PHE D 183 1.02 -62.59 -8.54
CA PHE D 183 1.15 -62.90 -9.96
C PHE D 183 1.91 -61.80 -10.69
N LEU D 184 1.68 -60.53 -10.33
CA LEU D 184 2.36 -59.44 -11.01
C LEU D 184 3.85 -59.40 -10.69
N GLU D 185 4.25 -59.92 -9.53
CA GLU D 185 5.66 -60.02 -9.18
C GLU D 185 6.35 -61.20 -9.86
N SER D 186 5.59 -62.14 -10.41
CA SER D 186 6.18 -63.31 -11.06
C SER D 186 6.90 -62.96 -12.36
N HIS D 187 6.72 -61.75 -12.90
CA HIS D 187 7.30 -61.38 -14.17
C HIS D 187 8.00 -60.02 -14.13
N LEU D 188 8.42 -59.58 -12.96
CA LEU D 188 9.26 -58.38 -12.82
C LEU D 188 10.50 -58.72 -12.01
N ASP D 189 11.62 -58.14 -12.39
CA ASP D 189 12.89 -58.45 -11.75
C ASP D 189 12.89 -57.95 -10.31
N ASP D 190 13.33 -58.81 -9.38
CA ASP D 190 13.46 -58.42 -7.97
C ASP D 190 14.84 -57.88 -7.66
N ALA D 191 15.46 -57.18 -8.62
CA ALA D 191 16.65 -56.42 -8.31
C ALA D 191 16.29 -55.27 -7.39
N GLU D 192 16.88 -55.24 -6.20
CA GLU D 192 16.48 -54.24 -5.22
C GLU D 192 16.87 -52.85 -5.71
N PRO D 193 16.07 -51.84 -5.38
CA PRO D 193 16.28 -50.50 -5.95
C PRO D 193 17.63 -49.92 -5.59
N TYR D 194 18.15 -49.08 -6.48
CA TYR D 194 19.50 -48.53 -6.32
C TYR D 194 19.59 -47.67 -5.07
N LEU D 195 18.67 -46.72 -4.92
CA LEU D 195 18.70 -45.82 -3.76
C LEU D 195 18.49 -46.57 -2.46
N LEU D 196 17.96 -47.79 -2.50
CA LEU D 196 17.88 -48.61 -1.29
C LEU D 196 19.18 -49.33 -1.02
N THR D 197 19.88 -49.76 -2.06
CA THR D 197 21.17 -50.43 -1.89
C THR D 197 22.17 -49.54 -1.16
N MET D 198 22.18 -48.25 -1.48
CA MET D 198 23.12 -47.31 -0.90
C MET D 198 22.49 -46.39 0.14
N ALA D 199 21.24 -46.67 0.52
CA ALA D 199 20.77 -46.23 1.83
C ALA D 199 21.35 -47.09 2.94
N LYS D 200 21.97 -48.22 2.59
CA LYS D 200 22.65 -49.10 3.51
C LYS D 200 24.12 -48.71 3.68
N LYS D 201 24.81 -48.47 2.56
CA LYS D 201 26.20 -47.99 2.63
C LYS D 201 26.30 -46.68 3.39
N ALA D 202 25.25 -45.85 3.35
CA ALA D 202 25.25 -44.62 4.12
C ALA D 202 25.04 -44.89 5.61
N LEU D 203 24.02 -45.70 5.94
CA LEU D 203 23.67 -45.99 7.33
C LEU D 203 24.38 -47.24 7.85
N LYS D 204 25.68 -47.40 7.58
CA LYS D 204 26.42 -48.55 8.06
C LYS D 204 27.00 -48.30 9.45
N ALA E 5 0.69 13.04 29.76
CA ALA E 5 1.18 14.33 30.22
C ALA E 5 2.56 14.20 30.84
N ARG E 6 2.94 12.97 31.18
CA ARG E 6 4.21 12.74 31.87
C ARG E 6 5.39 12.68 30.91
N LEU E 7 5.15 12.39 29.63
CA LEU E 7 6.23 12.29 28.65
C LEU E 7 6.00 13.14 27.41
N GLU E 8 4.83 13.74 27.22
CA GLU E 8 4.67 14.73 26.16
C GLU E 8 5.40 16.02 26.50
N GLU E 9 5.56 16.31 27.80
CA GLU E 9 6.45 17.39 28.22
C GLU E 9 7.90 17.09 27.85
N ALA E 10 8.24 15.81 27.71
CA ALA E 10 9.60 15.42 27.36
C ALA E 10 9.87 15.51 25.88
N VAL E 11 8.84 15.36 25.04
CA VAL E 11 9.05 15.52 23.60
C VAL E 11 8.99 16.99 23.20
N ASN E 12 8.27 17.82 23.96
CA ASN E 12 8.30 19.25 23.71
C ASN E 12 9.65 19.84 24.07
N ARG E 13 10.39 19.19 24.98
CA ARG E 13 11.80 19.57 25.17
C ARG E 13 12.62 19.22 23.95
N TRP E 14 12.32 18.08 23.31
CA TRP E 14 13.05 17.69 22.11
C TRP E 14 12.76 18.65 20.95
N VAL E 15 11.47 18.93 20.71
CA VAL E 15 11.11 19.83 19.62
C VAL E 15 11.67 21.22 19.86
N LEU E 16 11.69 21.66 21.11
CA LEU E 16 12.29 22.95 21.43
C LEU E 16 13.81 22.91 21.29
N LYS E 17 14.45 21.86 21.79
CA LYS E 17 15.91 21.79 21.71
C LYS E 17 16.38 21.57 20.28
N PHE E 18 15.54 20.99 19.43
CA PHE E 18 15.93 20.77 18.04
C PHE E 18 15.90 22.09 17.26
N TYR E 19 14.82 22.84 17.38
CA TYR E 19 14.70 24.08 16.59
C TYR E 19 15.63 25.16 17.10
N PHE E 20 15.98 25.13 18.39
CA PHE E 20 17.01 26.04 18.88
C PHE E 20 18.34 25.78 18.17
N HIS E 21 18.70 24.51 18.00
CA HIS E 21 19.91 24.16 17.26
C HIS E 21 19.84 24.66 15.82
N GLU E 22 18.65 24.61 15.22
CA GLU E 22 18.49 25.11 13.86
C GLU E 22 18.46 26.63 13.82
N ALA E 23 18.04 27.28 14.91
CA ALA E 23 18.02 28.73 14.94
C ALA E 23 19.43 29.30 15.10
N LEU E 24 20.29 28.62 15.87
CA LEU E 24 21.68 29.04 15.97
C LEU E 24 22.36 28.93 14.61
N ARG E 25 22.21 27.79 13.94
CA ARG E 25 22.79 27.62 12.61
C ARG E 25 22.21 28.62 11.62
N ALA E 26 20.95 29.00 11.79
CA ALA E 26 20.39 30.09 10.98
C ALA E 26 21.04 31.41 11.36
N PHE E 27 21.25 31.64 12.66
CA PHE E 27 21.94 32.85 13.11
C PHE E 27 23.40 32.82 12.68
N ARG E 28 24.07 31.68 12.83
CA ARG E 28 25.48 31.58 12.48
C ARG E 28 25.69 31.77 10.98
N GLY E 29 24.74 31.36 10.16
CA GLY E 29 24.80 31.57 8.74
C GLY E 29 24.17 32.86 8.26
N SER E 30 23.84 33.77 9.16
CA SER E 30 23.21 35.06 8.79
C SER E 30 21.90 34.84 8.06
N ARG E 31 21.12 33.86 8.51
CA ARG E 31 19.81 33.57 7.93
C ARG E 31 18.72 33.99 8.92
N TYR E 32 18.59 35.30 9.10
CA TYR E 32 17.62 35.82 10.06
C TYR E 32 16.19 35.65 9.60
N GLY E 33 15.95 35.41 8.31
CA GLY E 33 14.63 35.05 7.87
C GLY E 33 14.21 33.68 8.37
N ASP E 34 15.13 32.71 8.30
CA ASP E 34 14.86 31.39 8.87
C ASP E 34 14.85 31.45 10.40
N PHE E 35 15.81 32.16 10.99
CA PHE E 35 15.88 32.29 12.45
C PHE E 35 14.58 32.85 13.01
N ARG E 36 14.01 33.86 12.34
CA ARG E 36 12.78 34.47 12.82
C ARG E 36 11.62 33.47 12.77
N GLN E 37 11.48 32.78 11.63
CA GLN E 37 10.43 31.77 11.51
C GLN E 37 10.58 30.67 12.55
N ILE E 38 11.82 30.25 12.82
CA ILE E 38 12.06 29.27 13.87
C ILE E 38 11.75 29.86 15.23
N ARG E 39 12.06 31.14 15.43
CA ARG E 39 11.79 31.78 16.71
C ARG E 39 10.30 31.78 17.03
N ASP E 40 9.46 32.07 16.04
CA ASP E 40 8.01 32.04 16.26
C ASP E 40 7.55 30.64 16.65
N ILE E 41 8.20 29.60 16.12
CA ILE E 41 7.87 28.24 16.53
C ILE E 41 8.22 28.03 17.99
N MET E 42 9.42 28.47 18.39
CA MET E 42 9.91 28.22 19.74
C MET E 42 9.02 28.89 20.78
N GLN E 43 8.55 30.10 20.51
CA GLN E 43 7.71 30.81 21.48
C GLN E 43 6.36 30.11 21.66
N ALA E 44 5.81 29.55 20.58
CA ALA E 44 4.53 28.86 20.68
C ALA E 44 4.62 27.60 21.53
N LEU E 45 5.83 27.10 21.77
CA LEU E 45 6.03 25.91 22.60
C LEU E 45 6.10 26.22 24.09
N LEU E 46 6.40 27.45 24.48
CA LEU E 46 6.63 27.77 25.89
C LEU E 46 5.34 27.69 26.68
N VAL E 47 4.23 28.13 26.09
CA VAL E 47 2.95 28.16 26.80
C VAL E 47 2.53 26.74 27.19
N ARG E 48 2.85 25.75 26.35
CA ARG E 48 2.58 24.36 26.66
C ARG E 48 3.58 23.84 27.69
N PRO E 49 3.26 22.73 28.37
CA PRO E 49 4.14 22.27 29.45
C PRO E 49 5.45 21.69 28.91
N LEU E 50 6.56 22.23 29.41
CA LEU E 50 7.87 21.60 29.36
C LEU E 50 8.31 21.35 30.79
N GLY E 51 8.74 20.13 31.09
CA GLY E 51 9.20 19.78 32.42
C GLY E 51 10.19 20.79 32.99
N LYS E 52 9.80 21.47 34.07
CA LYS E 52 10.64 22.48 34.68
C LYS E 52 12.04 21.94 34.94
N GLU E 53 13.02 22.53 34.27
CA GLU E 53 14.37 21.97 34.24
C GLU E 53 15.37 23.12 34.18
N HIS E 54 16.54 22.89 34.77
CA HIS E 54 17.49 23.98 34.98
C HIS E 54 18.26 24.33 33.71
N THR E 55 18.62 23.33 32.89
CA THR E 55 19.43 23.59 31.71
C THR E 55 18.60 24.16 30.56
N VAL E 56 17.31 23.83 30.48
CA VAL E 56 16.51 24.32 29.36
C VAL E 56 16.26 25.83 29.49
N SER E 57 16.02 26.31 30.72
CA SER E 57 15.82 27.74 30.95
C SER E 57 17.01 28.54 30.41
N ARG E 58 18.23 28.07 30.68
CA ARG E 58 19.43 28.71 30.13
C ARG E 58 19.38 28.76 28.61
N LEU E 59 19.04 27.64 27.97
CA LEU E 59 18.98 27.59 26.51
C LEU E 59 17.98 28.60 25.98
N LEU E 60 16.84 28.75 26.66
CA LEU E 60 15.87 29.76 26.25
C LEU E 60 16.43 31.16 26.45
N ARG E 61 17.10 31.40 27.58
CA ARG E 61 17.65 32.72 27.85
C ARG E 61 18.67 33.12 26.79
N VAL E 62 19.46 32.15 26.31
CA VAL E 62 20.35 32.42 25.19
C VAL E 62 19.53 32.75 23.94
N MET E 63 18.53 31.90 23.65
CA MET E 63 17.62 32.18 22.54
C MET E 63 16.83 33.46 22.78
N GLN E 64 16.46 33.71 24.04
CA GLN E 64 15.82 34.97 24.38
C GLN E 64 16.72 36.15 24.04
N CYS E 65 18.02 36.02 24.31
CA CYS E 65 18.95 37.13 24.09
C CYS E 65 19.13 37.42 22.61
N LEU E 66 19.37 36.38 21.80
CA LEU E 66 19.60 36.60 20.37
C LEU E 66 18.35 37.13 19.67
N SER E 67 17.16 36.85 20.22
CA SER E 67 15.95 37.41 19.65
C SER E 67 15.92 38.92 19.76
N ARG E 68 16.55 39.48 20.81
CA ARG E 68 16.68 40.93 20.91
C ARG E 68 17.62 41.47 19.84
N ILE E 69 18.67 40.70 19.50
CA ILE E 69 19.71 41.21 18.64
C ILE E 69 19.28 41.19 17.18
N GLU E 70 18.54 40.15 16.78
CA GLU E 70 18.09 40.07 15.39
C GLU E 70 17.16 41.23 15.05
N GLU E 71 16.28 41.59 15.98
CA GLU E 71 15.38 42.72 15.81
C GLU E 71 15.99 44.04 16.30
N GLY E 72 17.30 44.06 16.56
CA GLY E 72 17.89 45.24 17.17
C GLY E 72 17.85 46.47 16.29
N GLU E 73 18.02 46.29 14.97
CA GLU E 73 17.95 47.42 14.05
C GLU E 73 16.53 47.84 13.73
N ASN E 74 15.53 47.08 14.15
CA ASN E 74 14.13 47.42 13.93
C ASN E 74 13.59 48.04 15.22
N LEU E 75 13.68 49.36 15.30
CA LEU E 75 13.18 50.08 16.47
C LEU E 75 11.67 50.31 16.44
N ASP E 76 10.98 49.77 15.43
CA ASP E 76 9.53 49.87 15.35
C ASP E 76 8.81 48.75 16.10
N CYS E 77 9.54 47.72 16.54
CA CYS E 77 9.04 46.68 17.43
C CYS E 77 9.77 46.79 18.77
N SER E 78 9.30 46.00 19.74
CA SER E 78 9.91 46.07 21.07
C SER E 78 9.43 44.91 21.93
N PHE E 79 10.36 44.35 22.70
CA PHE E 79 10.04 43.51 23.84
C PHE E 79 9.93 44.39 25.09
N ASP E 80 9.56 43.78 26.21
CA ASP E 80 9.39 44.48 27.47
C ASP E 80 8.52 45.73 27.28
N MET E 81 7.28 45.48 26.87
CA MET E 81 6.44 46.54 26.33
C MET E 81 6.14 47.61 27.36
N GLU E 82 5.96 47.22 28.62
CA GLU E 82 5.50 48.15 29.65
C GLU E 82 6.45 49.32 29.87
N ALA E 83 7.70 49.20 29.44
CA ALA E 83 8.69 50.27 29.59
C ALA E 83 9.04 50.95 28.27
N GLU E 84 8.45 50.51 27.16
CA GLU E 84 8.68 51.11 25.83
C GLU E 84 10.17 51.16 25.48
N LEU E 85 10.89 50.08 25.80
CA LEU E 85 12.31 49.99 25.45
C LEU E 85 12.46 49.70 23.96
N THR E 86 13.70 49.70 23.50
CA THR E 86 14.03 49.20 22.17
C THR E 86 14.65 47.82 22.27
N PRO E 87 14.55 47.01 21.20
CA PRO E 87 15.05 45.62 21.25
C PRO E 87 16.43 45.47 21.86
N LEU E 88 17.39 46.28 21.42
CA LEU E 88 18.75 46.16 21.96
C LEU E 88 18.83 46.55 23.43
N GLU E 89 17.96 47.46 23.88
CA GLU E 89 17.89 47.75 25.31
C GLU E 89 17.43 46.55 26.11
N SER E 90 16.43 45.83 25.59
CA SER E 90 15.97 44.60 26.23
C SER E 90 17.05 43.53 26.27
N ALA E 91 18.02 43.60 25.36
CA ALA E 91 19.10 42.61 25.38
C ALA E 91 19.96 42.76 26.62
N ILE E 92 20.20 43.99 27.07
CA ILE E 92 21.00 44.22 28.27
C ILE E 92 20.33 43.58 29.48
N ASN E 93 19.02 43.79 29.63
CA ASN E 93 18.29 43.25 30.77
C ASN E 93 18.41 41.72 30.81
N VAL E 94 18.24 41.06 29.66
CA VAL E 94 18.35 39.61 29.64
C VAL E 94 19.81 39.18 29.76
N LEU E 95 20.73 39.98 29.21
CA LEU E 95 22.14 39.60 29.27
C LEU E 95 22.65 39.47 30.69
N GLU E 96 22.24 40.40 31.57
CA GLU E 96 22.62 40.28 32.97
C GLU E 96 21.75 39.29 33.72
N MET E 97 20.57 38.96 33.20
CA MET E 97 19.85 37.80 33.70
C MET E 97 20.59 36.52 33.35
N ILE E 98 21.22 36.47 32.18
CA ILE E 98 22.16 35.40 31.86
C ILE E 98 23.36 35.45 32.80
N LYS E 99 23.73 36.64 33.26
CA LYS E 99 24.87 36.75 34.17
C LYS E 99 24.59 36.08 35.51
N THR E 100 23.38 36.26 36.04
CA THR E 100 23.04 35.65 37.32
C THR E 100 22.81 34.15 37.17
N GLU E 101 22.08 33.75 36.14
CA GLU E 101 21.64 32.36 36.05
C GLU E 101 22.75 31.42 35.56
N PHE E 102 23.65 31.91 34.72
CA PHE E 102 24.76 31.12 34.21
C PHE E 102 25.98 31.15 35.13
N THR E 103 25.85 31.73 36.33
CA THR E 103 26.92 31.95 37.32
C THR E 103 28.30 32.10 36.68
N LEU E 104 28.51 33.18 35.93
CA LEU E 104 29.77 33.46 35.26
C LEU E 104 30.32 34.80 35.74
N THR E 105 31.61 34.81 36.05
CA THR E 105 32.24 36.02 36.58
C THR E 105 32.13 37.18 35.59
N GLU E 106 32.07 38.40 36.12
CA GLU E 106 31.89 39.59 35.30
C GLU E 106 33.13 39.86 34.45
N ALA E 107 34.19 39.09 34.67
CA ALA E 107 35.37 39.18 33.82
C ALA E 107 35.07 38.72 32.40
N VAL E 108 34.22 37.70 32.23
CA VAL E 108 33.84 37.24 30.89
C VAL E 108 32.63 37.99 30.33
N VAL E 109 31.83 38.63 31.17
CA VAL E 109 30.63 39.32 30.70
C VAL E 109 30.93 40.77 30.36
N GLU E 110 31.65 41.48 31.24
CA GLU E 110 31.93 42.90 31.03
C GLU E 110 32.55 43.16 29.66
N SER E 111 33.34 42.21 29.15
CA SER E 111 33.86 42.33 27.79
C SER E 111 32.73 42.57 26.80
N SER E 112 31.75 41.66 26.77
CA SER E 112 30.63 41.74 25.85
C SER E 112 29.44 42.51 26.42
N ARG E 113 29.51 42.96 27.68
CA ARG E 113 28.43 43.78 28.22
C ARG E 113 28.31 45.10 27.46
N LYS E 114 29.45 45.74 27.16
CA LYS E 114 29.42 47.07 26.59
C LYS E 114 29.15 47.07 25.08
N LEU E 115 29.45 45.97 24.38
CA LEU E 115 29.25 45.95 22.94
C LEU E 115 27.78 46.12 22.58
N VAL E 116 26.88 45.46 23.32
CA VAL E 116 25.47 45.65 23.06
C VAL E 116 25.00 46.99 23.62
N LYS E 117 25.64 47.50 24.68
CA LYS E 117 25.35 48.84 25.15
C LYS E 117 25.79 49.89 24.13
N GLU E 118 26.94 49.67 23.50
CA GLU E 118 27.36 50.54 22.40
C GLU E 118 26.44 50.38 21.20
N ALA E 119 25.98 49.16 20.93
CA ALA E 119 25.10 48.93 19.79
C ALA E 119 23.72 49.53 20.04
N ALA E 120 23.24 49.49 21.28
CA ALA E 120 21.89 49.96 21.57
C ALA E 120 21.74 51.45 21.31
N VAL E 121 22.76 52.23 21.67
CA VAL E 121 22.66 53.69 21.56
C VAL E 121 22.86 54.14 20.11
N ILE E 122 23.89 53.62 19.45
CA ILE E 122 24.24 54.12 18.12
C ILE E 122 23.35 53.56 17.02
N ILE E 123 22.49 52.59 17.33
CA ILE E 123 21.43 52.24 16.41
C ILE E 123 20.35 53.31 16.42
N CYS E 124 20.08 53.89 17.60
CA CYS E 124 19.12 54.98 17.69
C CYS E 124 19.58 56.22 16.95
N ILE E 125 20.90 56.47 16.94
CA ILE E 125 21.41 57.64 16.23
C ILE E 125 21.25 57.46 14.73
N LYS E 126 21.53 56.26 14.22
CA LYS E 126 21.34 56.00 12.79
C LYS E 126 19.89 56.08 12.37
N ASN E 127 18.95 56.00 13.32
CA ASN E 127 17.54 56.17 13.04
C ASN E 127 17.05 57.58 13.35
N LYS E 128 17.97 58.52 13.59
CA LYS E 128 17.66 59.93 13.78
C LYS E 128 16.75 60.19 14.97
N GLU E 129 16.79 59.31 15.98
CA GLU E 129 16.07 59.53 17.23
C GLU E 129 17.09 59.83 18.33
N PHE E 130 17.68 61.03 18.24
CA PHE E 130 18.71 61.45 19.18
C PHE E 130 18.16 61.61 20.59
N GLU E 131 16.85 61.80 20.75
CA GLU E 131 16.26 61.87 22.07
C GLU E 131 16.45 60.55 22.82
N LYS E 132 16.06 59.44 22.20
CA LYS E 132 16.18 58.14 22.86
C LYS E 132 17.64 57.72 23.00
N ALA E 133 18.51 58.14 22.07
CA ALA E 133 19.91 57.74 22.14
C ALA E 133 20.61 58.35 23.35
N SER E 134 20.20 59.55 23.75
CA SER E 134 20.84 60.20 24.89
C SER E 134 20.52 59.49 26.19
N LYS E 135 19.30 58.95 26.32
CA LYS E 135 18.89 58.32 27.57
C LYS E 135 19.58 56.98 27.76
N ILE E 136 19.69 56.19 26.70
CA ILE E 136 20.48 54.95 26.77
C ILE E 136 21.92 55.28 27.11
N LEU E 137 22.45 56.34 26.52
CA LEU E 137 23.82 56.77 26.81
C LEU E 137 23.95 57.21 28.27
N LYS E 138 23.00 57.99 28.77
CA LYS E 138 23.13 58.53 30.12
C LYS E 138 22.83 57.48 31.19
N LYS E 139 22.08 56.43 30.85
CA LYS E 139 21.63 55.45 31.84
C LYS E 139 22.38 54.12 31.75
N HIS E 140 23.33 53.97 30.84
CA HIS E 140 24.02 52.69 30.69
C HIS E 140 25.52 52.81 30.48
N MET E 141 26.08 54.03 30.41
CA MET E 141 27.54 54.15 30.38
C MET E 141 28.00 55.48 30.96
N SER E 142 27.28 56.01 31.94
CA SER E 142 27.73 57.18 32.69
C SER E 142 28.47 56.77 33.96
N LYS E 143 27.98 55.75 34.66
CA LYS E 143 28.62 55.21 35.85
C LYS E 143 29.70 54.20 35.53
N ASP E 144 30.21 54.19 34.29
CA ASP E 144 31.28 53.30 33.87
C ASP E 144 32.50 54.12 33.46
N PRO E 145 33.68 53.85 34.03
CA PRO E 145 34.85 54.68 33.72
C PRO E 145 35.52 54.33 32.41
N THR E 146 35.46 53.05 32.02
CA THR E 146 36.19 52.58 30.85
C THR E 146 35.56 53.03 29.53
N THR E 147 34.36 53.61 29.57
CA THR E 147 33.68 54.08 28.37
C THR E 147 33.59 55.60 28.32
N GLN E 148 34.58 56.29 28.89
CA GLN E 148 34.55 57.75 28.91
C GLN E 148 34.79 58.33 27.53
N LYS E 149 35.85 57.89 26.85
CA LYS E 149 36.14 58.41 25.52
C LYS E 149 35.05 58.02 24.52
N LEU E 150 34.39 56.88 24.72
CA LEU E 150 33.30 56.49 23.84
C LEU E 150 32.08 57.37 24.07
N ARG E 151 31.74 57.64 25.34
CA ARG E 151 30.60 58.51 25.64
C ARG E 151 30.83 59.90 25.06
N ASN E 152 31.89 60.58 25.51
CA ASN E 152 32.18 61.93 25.04
C ASN E 152 32.25 62.00 23.52
N ASP E 153 32.68 60.92 22.88
CA ASP E 153 32.63 60.85 21.42
C ASP E 153 31.18 60.86 20.94
N LEU E 154 30.32 60.08 21.60
CA LEU E 154 28.95 59.90 21.11
C LEU E 154 28.10 61.14 21.36
N LEU E 155 28.21 61.74 22.55
CA LEU E 155 27.42 62.94 22.86
C LEU E 155 27.63 64.03 21.83
N ASN E 156 28.87 64.22 21.37
CA ASN E 156 29.14 65.21 20.34
C ASN E 156 28.69 64.77 18.96
N ILE E 157 28.40 63.48 18.77
CA ILE E 157 27.74 63.05 17.55
C ILE E 157 26.23 63.24 17.65
N ILE E 158 25.67 63.08 18.86
CA ILE E 158 24.23 63.26 19.05
C ILE E 158 23.86 64.74 18.93
N ARG E 159 24.63 65.61 19.58
CA ARG E 159 24.31 67.03 19.54
C ARG E 159 24.59 67.63 18.16
N GLU E 160 25.67 67.20 17.51
CA GLU E 160 25.94 67.65 16.15
C GLU E 160 25.14 66.88 15.10
N LYS E 161 24.47 65.79 15.48
CA LYS E 161 23.60 65.03 14.60
C LYS E 161 24.34 64.57 13.34
N ASN E 162 25.61 64.21 13.51
CA ASN E 162 26.49 63.85 12.40
C ASN E 162 26.54 62.33 12.28
N LEU E 163 25.61 61.78 11.50
CA LEU E 163 25.59 60.34 11.25
C LEU E 163 26.77 59.89 10.40
N ALA E 164 27.57 60.82 9.88
CA ALA E 164 28.66 60.49 8.97
C ALA E 164 29.98 60.26 9.68
N HIS E 165 30.05 60.45 10.99
CA HIS E 165 31.28 60.18 11.73
C HIS E 165 31.61 58.69 11.63
N PRO E 166 32.87 58.33 11.29
CA PRO E 166 33.25 56.91 11.16
C PRO E 166 32.71 56.00 12.26
N VAL E 167 32.90 56.37 13.53
CA VAL E 167 32.51 55.47 14.63
C VAL E 167 31.02 55.14 14.58
N ILE E 168 30.22 55.95 13.89
CA ILE E 168 28.82 55.59 13.64
C ILE E 168 28.70 54.72 12.40
N GLN E 169 29.41 55.07 11.33
CA GLN E 169 29.31 54.36 10.06
C GLN E 169 30.38 53.28 9.89
N ASN E 170 31.23 53.07 10.89
CA ASN E 170 32.13 51.92 10.89
C ASN E 170 31.51 50.72 11.61
N PHE E 171 30.46 50.94 12.39
CA PHE E 171 29.84 49.86 13.16
C PHE E 171 29.18 48.87 12.22
N SER E 172 29.80 47.71 12.06
CA SER E 172 29.22 46.61 11.28
C SER E 172 28.30 45.82 12.20
N TYR E 173 27.00 45.95 11.99
CA TYR E 173 26.04 45.28 12.87
C TYR E 173 26.12 43.76 12.74
N GLU E 174 26.44 43.25 11.54
CA GLU E 174 26.55 41.81 11.37
C GLU E 174 27.72 41.24 12.17
N THR E 175 28.86 41.92 12.15
CA THR E 175 29.99 41.49 12.97
C THR E 175 29.70 41.63 14.45
N PHE E 176 28.69 42.42 14.83
CA PHE E 176 28.34 42.58 16.23
C PHE E 176 27.52 41.40 16.73
N GLN E 177 26.50 40.98 15.96
CA GLN E 177 25.64 39.90 16.42
C GLN E 177 26.33 38.55 16.32
N GLN E 178 27.26 38.38 15.38
CA GLN E 178 27.99 37.12 15.30
C GLN E 178 29.01 36.98 16.42
N LYS E 179 29.57 38.10 16.88
CA LYS E 179 30.43 38.05 18.07
C LYS E 179 29.62 37.78 19.32
N MET E 180 28.45 38.41 19.44
CA MET E 180 27.57 38.12 20.56
C MET E 180 27.04 36.69 20.49
N LEU E 181 26.95 36.13 19.28
CA LEU E 181 26.62 34.71 19.16
C LEU E 181 27.80 33.84 19.57
N ARG E 182 29.00 34.18 19.10
CA ARG E 182 30.20 33.43 19.47
C ARG E 182 30.42 33.45 20.98
N PHE E 183 29.89 34.47 21.67
CA PHE E 183 30.03 34.55 23.12
C PHE E 183 28.94 33.74 23.82
N LEU E 184 27.68 33.93 23.41
CA LEU E 184 26.58 33.20 24.03
C LEU E 184 26.66 31.71 23.74
N GLU E 185 27.17 31.33 22.57
CA GLU E 185 27.23 29.91 22.20
C GLU E 185 28.32 29.18 22.95
N SER E 186 29.37 29.88 23.37
CA SER E 186 30.50 29.25 24.05
C SER E 186 30.13 28.71 25.42
N HIS E 187 28.99 29.14 25.98
CA HIS E 187 28.60 28.74 27.33
C HIS E 187 27.63 27.57 27.36
N LEU E 188 27.17 27.09 26.21
CA LEU E 188 26.20 26.02 26.13
C LEU E 188 26.83 24.73 25.62
N ASP E 189 26.09 23.64 25.78
CA ASP E 189 26.51 22.35 25.27
C ASP E 189 26.27 22.27 23.77
N ASP E 190 27.24 21.75 23.04
CA ASP E 190 27.15 21.57 21.60
C ASP E 190 26.79 20.15 21.20
N ALA E 191 26.12 19.42 22.10
CA ALA E 191 25.72 18.06 21.79
C ALA E 191 24.70 18.05 20.67
N GLU E 192 24.84 17.09 19.75
CA GLU E 192 23.88 16.94 18.67
C GLU E 192 22.51 16.67 19.25
N PRO E 193 21.46 17.39 18.82
CA PRO E 193 20.10 17.09 19.29
C PRO E 193 19.70 15.66 19.00
N TYR E 194 18.54 15.28 19.52
CA TYR E 194 18.07 13.91 19.37
C TYR E 194 17.18 13.75 18.14
N LEU E 195 16.42 14.78 17.78
CA LEU E 195 15.48 14.67 16.68
C LEU E 195 16.16 14.57 15.32
N LEU E 196 17.40 15.05 15.19
CA LEU E 196 18.09 14.95 13.92
C LEU E 196 19.04 13.75 13.87
N THR E 197 19.35 13.13 15.00
CA THR E 197 19.99 11.82 14.96
C THR E 197 19.05 10.77 14.42
N MET E 198 17.74 10.92 14.68
CA MET E 198 16.76 9.99 14.14
C MET E 198 16.52 10.24 12.66
N ALA E 199 16.43 11.51 12.26
CA ALA E 199 16.31 11.84 10.85
C ALA E 199 17.56 11.43 10.07
N LYS E 200 18.72 11.45 10.72
CA LYS E 200 19.93 10.92 10.11
C LYS E 200 19.86 9.40 9.97
N LYS E 201 19.20 8.74 10.92
CA LYS E 201 19.04 7.29 10.82
C LYS E 201 18.02 6.91 9.76
N ALA E 202 16.99 7.73 9.60
CA ALA E 202 15.94 7.47 8.61
C ALA E 202 16.49 7.61 7.19
N ALA F 2 23.69 21.58 1.43
CA ALA F 2 22.44 21.51 0.70
C ALA F 2 21.70 20.21 1.00
N GLY F 3 22.19 19.47 2.00
CA GLY F 3 21.58 18.21 2.36
C GLY F 3 20.79 18.27 3.65
N GLU F 4 21.05 19.29 4.47
CA GLU F 4 20.36 19.43 5.75
C GLU F 4 18.90 19.80 5.58
N ALA F 5 18.43 20.06 4.35
CA ALA F 5 17.03 20.39 4.13
C ALA F 5 16.15 19.16 4.34
N ARG F 6 16.52 18.03 3.75
CA ARG F 6 15.74 16.81 3.91
C ARG F 6 15.69 16.36 5.36
N LEU F 7 16.72 16.69 6.14
CA LEU F 7 16.72 16.35 7.56
C LEU F 7 15.70 17.19 8.32
N GLU F 8 15.72 18.50 8.10
CA GLU F 8 14.75 19.37 8.77
C GLU F 8 13.34 19.15 8.23
N GLU F 9 13.21 18.99 6.91
CA GLU F 9 11.88 18.76 6.33
C GLU F 9 11.27 17.46 6.84
N ALA F 10 12.10 16.50 7.25
CA ALA F 10 11.57 15.28 7.84
C ALA F 10 11.05 15.53 9.25
N VAL F 11 11.80 16.27 10.06
CA VAL F 11 11.35 16.59 11.41
C VAL F 11 10.15 17.51 11.37
N ASN F 12 10.12 18.43 10.40
CA ASN F 12 8.97 19.32 10.26
C ASN F 12 7.70 18.54 10.01
N ARG F 13 7.76 17.52 9.15
CA ARG F 13 6.60 16.64 8.96
C ARG F 13 6.33 15.83 10.21
N TRP F 14 7.38 15.31 10.86
CA TRP F 14 7.22 14.63 12.13
C TRP F 14 6.53 15.53 13.14
N VAL F 15 7.16 16.68 13.46
CA VAL F 15 6.64 17.57 14.49
C VAL F 15 5.20 17.98 14.17
N LEU F 16 4.90 18.20 12.88
CA LEU F 16 3.55 18.62 12.49
C LEU F 16 2.54 17.49 12.72
N LYS F 17 2.87 16.28 12.29
CA LYS F 17 1.95 15.16 12.44
C LYS F 17 1.80 14.76 13.91
N PHE F 18 2.80 15.03 14.74
CA PHE F 18 2.66 14.78 16.17
C PHE F 18 1.67 15.74 16.80
N TYR F 19 1.91 17.05 16.64
CA TYR F 19 1.09 18.04 17.32
C TYR F 19 -0.35 18.03 16.84
N PHE F 20 -0.60 17.53 15.62
CA PHE F 20 -1.98 17.37 15.17
C PHE F 20 -2.68 16.29 15.99
N HIS F 21 -2.04 15.14 16.17
CA HIS F 21 -2.62 14.06 16.95
C HIS F 21 -2.97 14.53 18.37
N GLU F 22 -2.04 15.25 19.00
CA GLU F 22 -2.29 15.79 20.32
C GLU F 22 -3.32 16.92 20.31
N ALA F 23 -3.75 17.37 19.14
CA ALA F 23 -4.74 18.44 19.03
C ALA F 23 -6.16 17.93 19.03
N LEU F 24 -6.46 16.84 18.30
CA LEU F 24 -7.80 16.27 18.39
C LEU F 24 -8.03 15.65 19.75
N ARG F 25 -7.00 14.98 20.30
CA ARG F 25 -7.10 14.46 21.65
C ARG F 25 -7.32 15.59 22.65
N ALA F 26 -6.90 16.80 22.31
CA ALA F 26 -7.31 17.98 23.05
C ALA F 26 -8.72 18.41 22.67
N PHE F 27 -9.05 18.35 21.38
CA PHE F 27 -10.41 18.68 20.95
C PHE F 27 -11.41 17.66 21.47
N ARG F 28 -11.05 16.38 21.44
CA ARG F 28 -11.92 15.33 22.00
C ARG F 28 -12.12 15.55 23.49
N GLY F 29 -11.02 15.73 24.23
CA GLY F 29 -11.08 15.86 25.68
C GLY F 29 -11.58 17.21 26.14
N SER F 30 -12.04 18.02 25.18
CA SER F 30 -12.59 19.35 25.43
C SER F 30 -11.56 20.24 26.13
N ARG F 31 -10.31 20.17 25.67
CA ARG F 31 -9.25 21.01 26.21
C ARG F 31 -8.86 22.07 25.21
N TYR F 32 -9.83 22.92 24.83
CA TYR F 32 -9.58 23.93 23.79
C TYR F 32 -8.56 24.96 24.23
N GLY F 33 -8.37 25.15 25.54
CA GLY F 33 -7.28 25.98 26.00
C GLY F 33 -5.93 25.47 25.53
N ASP F 34 -5.72 24.16 25.64
CA ASP F 34 -4.50 23.54 25.12
C ASP F 34 -4.57 23.31 23.62
N PHE F 35 -5.77 23.22 23.04
CA PHE F 35 -5.88 22.95 21.61
C PHE F 35 -5.39 24.13 20.78
N ARG F 36 -5.92 25.33 21.05
CA ARG F 36 -5.56 26.50 20.26
C ARG F 36 -4.07 26.80 20.36
N GLN F 37 -3.44 26.47 21.50
CA GLN F 37 -2.01 26.69 21.65
C GLN F 37 -1.21 25.71 20.83
N ILE F 38 -1.64 24.44 20.78
CA ILE F 38 -1.02 23.50 19.85
C ILE F 38 -1.36 23.89 18.41
N ARG F 39 -2.57 24.41 18.18
CA ARG F 39 -2.93 24.94 16.86
C ARG F 39 -2.01 26.10 16.47
N ASP F 40 -1.57 26.90 17.45
CA ASP F 40 -0.61 27.95 17.16
C ASP F 40 0.75 27.39 16.81
N ILE F 41 1.12 26.26 17.43
CA ILE F 41 2.42 25.64 17.14
C ILE F 41 2.46 25.16 15.69
N MET F 42 1.39 24.47 15.26
CA MET F 42 1.33 24.00 13.88
C MET F 42 1.28 25.16 12.90
N GLN F 43 0.57 26.23 13.25
CA GLN F 43 0.57 27.42 12.42
C GLN F 43 1.99 27.98 12.26
N ALA F 44 2.76 27.98 13.34
CA ALA F 44 4.14 28.45 13.27
C ALA F 44 4.99 27.54 12.39
N LEU F 45 4.61 26.27 12.26
CA LEU F 45 5.36 25.33 11.45
C LEU F 45 5.01 25.40 9.97
N LEU F 46 3.87 26.00 9.62
CA LEU F 46 3.43 26.01 8.22
C LEU F 46 4.37 26.81 7.33
N VAL F 47 5.14 27.75 7.89
CA VAL F 47 6.06 28.55 7.09
C VAL F 47 7.37 27.82 6.80
N ARG F 48 7.64 26.72 7.50
CA ARG F 48 8.88 25.98 7.31
C ARG F 48 8.70 24.92 6.23
N PRO F 49 9.79 24.51 5.58
CA PRO F 49 9.69 23.51 4.50
C PRO F 49 9.16 22.16 4.97
N LEU F 50 7.97 21.78 4.51
CA LEU F 50 7.43 20.47 4.77
C LEU F 50 7.54 19.52 3.58
N GLY F 51 7.80 20.05 2.39
CA GLY F 51 7.89 19.23 1.20
C GLY F 51 6.57 19.11 0.47
N LYS F 52 6.27 17.91 -0.04
CA LYS F 52 5.03 17.66 -0.75
C LYS F 52 4.53 16.27 -0.38
N GLU F 53 3.26 16.18 0.00
CA GLU F 53 2.64 14.94 0.42
C GLU F 53 1.14 15.16 0.57
N HIS F 54 0.34 14.18 0.13
CA HIS F 54 -1.10 14.30 0.26
C HIS F 54 -1.56 14.04 1.69
N THR F 55 -0.92 13.10 2.38
CA THR F 55 -1.33 12.77 3.75
C THR F 55 -1.04 13.89 4.74
N VAL F 56 -0.17 14.85 4.37
CA VAL F 56 0.10 16.00 5.24
C VAL F 56 -0.76 17.21 4.87
N SER F 57 -1.23 17.31 3.62
CA SER F 57 -2.11 18.39 3.23
C SER F 57 -3.57 18.07 3.50
N ARG F 58 -3.96 16.80 3.42
CA ARG F 58 -5.24 16.39 3.98
C ARG F 58 -5.31 16.69 5.47
N LEU F 59 -4.15 16.78 6.12
CA LEU F 59 -4.10 16.96 7.56
C LEU F 59 -4.47 18.39 7.94
N LEU F 60 -3.81 19.37 7.32
CA LEU F 60 -3.97 20.76 7.69
C LEU F 60 -5.38 21.28 7.46
N ARG F 61 -6.15 20.62 6.60
CA ARG F 61 -7.50 21.09 6.29
C ARG F 61 -8.55 20.50 7.22
N VAL F 62 -8.35 19.28 7.71
CA VAL F 62 -9.09 18.84 8.89
C VAL F 62 -8.66 19.67 10.10
N MET F 63 -7.37 20.03 10.15
CA MET F 63 -6.91 20.98 11.17
C MET F 63 -7.50 22.36 10.92
N GLN F 64 -7.66 22.74 9.66
CA GLN F 64 -8.33 24.00 9.32
C GLN F 64 -9.75 24.02 9.86
N CYS F 65 -10.54 23.00 9.52
CA CYS F 65 -11.96 23.01 9.83
C CYS F 65 -12.21 23.09 11.33
N LEU F 66 -11.47 22.29 12.11
CA LEU F 66 -11.66 22.29 13.55
C LEU F 66 -11.30 23.63 14.18
N SER F 67 -10.30 24.32 13.61
CA SER F 67 -9.93 25.63 14.14
C SER F 67 -11.00 26.68 13.82
N ARG F 68 -11.68 26.54 12.68
CA ARG F 68 -12.70 27.51 12.32
C ARG F 68 -13.95 27.36 13.19
N ILE F 69 -14.30 26.13 13.56
CA ILE F 69 -15.50 25.95 14.38
C ILE F 69 -15.19 26.18 15.85
N GLU F 70 -13.93 26.02 16.27
CA GLU F 70 -13.56 26.31 17.65
C GLU F 70 -13.77 27.79 17.97
N GLU F 71 -13.21 28.67 17.14
CA GLU F 71 -13.48 30.10 17.23
C GLU F 71 -14.84 30.47 16.66
N GLY F 72 -15.68 29.49 16.34
CA GLY F 72 -17.01 29.80 15.83
C GLY F 72 -17.87 30.54 16.82
N GLU F 73 -17.68 30.27 18.12
CA GLU F 73 -18.36 31.05 19.14
C GLU F 73 -17.84 32.49 19.21
N ASN F 74 -16.60 32.72 18.77
CA ASN F 74 -15.98 34.05 18.81
C ASN F 74 -16.23 34.71 17.46
N LEU F 75 -17.33 35.46 17.37
CA LEU F 75 -17.64 36.18 16.14
C LEU F 75 -16.76 37.41 15.92
N ASP F 76 -15.89 37.74 16.88
CA ASP F 76 -14.98 38.87 16.74
C ASP F 76 -13.66 38.47 16.08
N CYS F 77 -13.69 37.50 15.17
CA CYS F 77 -12.52 37.12 14.39
C CYS F 77 -13.01 36.52 13.09
N SER F 78 -12.12 36.50 12.10
CA SER F 78 -12.50 36.03 10.76
C SER F 78 -11.34 35.27 10.14
N PHE F 79 -11.67 34.16 9.49
CA PHE F 79 -10.73 33.40 8.67
C PHE F 79 -10.88 33.84 7.22
N ASP F 80 -9.77 34.17 6.58
CA ASP F 80 -9.77 34.84 5.28
C ASP F 80 -10.60 36.13 5.36
N MET F 81 -10.14 37.02 6.23
CA MET F 81 -10.88 38.22 6.59
C MET F 81 -10.97 39.26 5.47
N GLU F 82 -10.42 38.96 4.29
CA GLU F 82 -10.60 39.86 3.14
C GLU F 82 -12.08 40.05 2.87
N ALA F 83 -12.76 38.97 2.50
CA ALA F 83 -14.23 38.94 2.49
C ALA F 83 -14.66 38.42 3.85
N GLU F 84 -15.02 39.33 4.74
CA GLU F 84 -15.24 38.99 6.15
C GLU F 84 -16.47 38.09 6.29
N LEU F 85 -16.28 36.93 6.90
CA LEU F 85 -17.35 36.02 7.24
C LEU F 85 -17.18 35.55 8.67
N THR F 86 -18.25 35.03 9.25
CA THR F 86 -18.16 34.44 10.58
C THR F 86 -17.34 33.15 10.51
N PRO F 87 -16.69 32.76 11.62
CA PRO F 87 -15.82 31.57 11.57
C PRO F 87 -16.52 30.31 11.09
N LEU F 88 -17.82 30.15 11.35
CA LEU F 88 -18.51 28.97 10.85
C LEU F 88 -18.63 29.00 9.33
N GLU F 89 -18.81 30.20 8.76
CA GLU F 89 -18.91 30.31 7.30
C GLU F 89 -17.63 29.85 6.63
N SER F 90 -16.48 30.15 7.23
CA SER F 90 -15.21 29.65 6.70
C SER F 90 -15.11 28.14 6.84
N ALA F 91 -15.70 27.57 7.88
CA ALA F 91 -15.66 26.12 8.06
C ALA F 91 -16.50 25.41 7.00
N ILE F 92 -17.57 26.06 6.51
CA ILE F 92 -18.36 25.47 5.44
C ILE F 92 -17.53 25.33 4.16
N ASN F 93 -16.74 26.36 3.85
CA ASN F 93 -15.83 26.28 2.72
C ASN F 93 -14.89 25.08 2.86
N VAL F 94 -14.15 25.02 3.97
CA VAL F 94 -13.18 23.96 4.19
C VAL F 94 -13.86 22.59 4.14
N LEU F 95 -15.08 22.50 4.65
CA LEU F 95 -15.78 21.21 4.67
C LEU F 95 -16.07 20.72 3.26
N GLU F 96 -16.76 21.53 2.45
CA GLU F 96 -17.01 21.17 1.06
C GLU F 96 -15.72 21.17 0.25
N MET F 97 -14.70 21.90 0.70
CA MET F 97 -13.42 21.90 -0.01
C MET F 97 -12.70 20.58 0.16
N ILE F 98 -12.63 20.07 1.40
CA ILE F 98 -12.03 18.75 1.62
C ILE F 98 -12.90 17.64 1.09
N LYS F 99 -14.14 17.95 0.73
CA LYS F 99 -14.98 16.97 0.04
C LYS F 99 -14.36 16.59 -1.29
N THR F 100 -13.80 17.57 -2.00
CA THR F 100 -13.10 17.28 -3.25
C THR F 100 -11.79 16.56 -2.98
N GLU F 101 -11.04 17.03 -1.98
CA GLU F 101 -9.71 16.48 -1.73
C GLU F 101 -9.77 15.04 -1.26
N PHE F 102 -10.69 14.72 -0.35
CA PHE F 102 -10.83 13.36 0.16
C PHE F 102 -11.51 12.43 -0.84
N THR F 103 -11.97 12.95 -1.97
CA THR F 103 -12.56 12.16 -3.05
C THR F 103 -13.65 11.23 -2.52
N LEU F 104 -14.69 11.85 -1.95
CA LEU F 104 -15.79 11.14 -1.32
C LEU F 104 -17.11 11.73 -1.80
N THR F 105 -18.17 10.94 -1.67
CA THR F 105 -19.46 11.28 -2.28
C THR F 105 -20.11 12.48 -1.57
N GLU F 106 -21.09 13.07 -2.25
CA GLU F 106 -21.89 14.12 -1.63
C GLU F 106 -22.79 13.59 -0.53
N ALA F 107 -23.00 12.27 -0.48
CA ALA F 107 -23.91 11.69 0.49
C ALA F 107 -23.29 11.60 1.89
N VAL F 108 -21.98 11.38 1.99
CA VAL F 108 -21.38 11.29 3.31
C VAL F 108 -21.16 12.68 3.91
N VAL F 109 -20.98 13.70 3.07
CA VAL F 109 -20.76 15.03 3.61
C VAL F 109 -22.08 15.74 3.90
N GLU F 110 -23.15 15.41 3.17
CA GLU F 110 -24.40 16.16 3.29
C GLU F 110 -25.03 16.04 4.67
N SER F 111 -24.81 14.91 5.36
CA SER F 111 -25.31 14.77 6.73
C SER F 111 -24.64 15.78 7.66
N SER F 112 -23.33 15.96 7.51
CA SER F 112 -22.56 16.88 8.34
C SER F 112 -22.37 18.25 7.69
N ARG F 113 -22.78 18.42 6.44
CA ARG F 113 -22.70 19.74 5.81
C ARG F 113 -23.75 20.68 6.40
N LYS F 114 -24.93 20.18 6.72
CA LYS F 114 -25.99 21.03 7.23
C LYS F 114 -25.82 21.32 8.72
N LEU F 115 -25.15 20.43 9.45
CA LEU F 115 -25.03 20.59 10.90
C LEU F 115 -24.33 21.90 11.25
N VAL F 116 -23.22 22.19 10.57
CA VAL F 116 -22.54 23.47 10.80
C VAL F 116 -23.29 24.60 10.10
N LYS F 117 -23.98 24.31 8.99
CA LYS F 117 -24.77 25.34 8.33
C LYS F 117 -25.89 25.82 9.24
N GLU F 118 -26.50 24.91 10.00
CA GLU F 118 -27.49 25.33 11.00
C GLU F 118 -26.82 26.04 12.16
N ALA F 119 -25.67 25.54 12.62
CA ALA F 119 -24.95 26.20 13.69
C ALA F 119 -24.50 27.60 13.29
N ALA F 120 -24.18 27.79 12.01
CA ALA F 120 -23.72 29.10 11.55
C ALA F 120 -24.84 30.14 11.64
N VAL F 121 -26.08 29.74 11.34
CA VAL F 121 -27.16 30.70 11.31
C VAL F 121 -27.73 30.95 12.71
N ILE F 122 -27.53 30.03 13.66
CA ILE F 122 -28.03 30.26 15.01
C ILE F 122 -26.96 30.85 15.92
N ILE F 123 -25.68 30.71 15.58
CA ILE F 123 -24.64 31.31 16.41
C ILE F 123 -24.70 32.82 16.32
N CYS F 124 -25.23 33.34 15.20
CA CYS F 124 -25.40 34.78 15.08
C CYS F 124 -26.70 35.25 15.73
N ILE F 125 -27.71 34.39 15.78
CA ILE F 125 -28.94 34.72 16.49
C ILE F 125 -28.64 34.98 17.96
N LYS F 126 -27.87 34.06 18.58
CA LYS F 126 -27.52 34.23 19.99
C LYS F 126 -26.64 35.45 20.21
N ASN F 127 -25.85 35.84 19.22
CA ASN F 127 -24.97 36.99 19.31
C ASN F 127 -25.64 38.29 18.89
N LYS F 128 -26.95 38.27 18.65
CA LYS F 128 -27.73 39.46 18.31
C LYS F 128 -27.23 40.12 17.03
N GLU F 129 -26.78 39.30 16.09
CA GLU F 129 -26.39 39.75 14.75
C GLU F 129 -27.33 39.07 13.75
N PHE F 130 -28.57 39.55 13.70
CA PHE F 130 -29.62 38.86 12.98
C PHE F 130 -29.48 39.00 11.48
N GLU F 131 -28.96 40.14 11.01
CA GLU F 131 -28.82 40.34 9.56
C GLU F 131 -27.86 39.34 8.96
N LYS F 132 -26.76 39.05 9.64
CA LYS F 132 -25.82 38.05 9.13
C LYS F 132 -26.40 36.64 9.24
N ALA F 133 -27.16 36.38 10.31
CA ALA F 133 -27.82 35.09 10.45
C ALA F 133 -28.85 34.88 9.33
N SER F 134 -29.61 35.94 9.02
CA SER F 134 -30.56 35.91 7.92
C SER F 134 -29.92 35.98 6.56
N LYS F 135 -28.64 36.35 6.48
CA LYS F 135 -27.92 36.44 5.21
C LYS F 135 -27.31 35.13 4.77
N ILE F 136 -27.46 34.06 5.55
CA ILE F 136 -26.95 32.75 5.16
C ILE F 136 -28.07 31.99 4.47
N LEU F 137 -28.29 32.28 3.19
CA LEU F 137 -29.36 31.66 2.43
C LEU F 137 -28.93 30.38 1.72
N LYS F 138 -27.64 30.08 1.69
CA LYS F 138 -27.15 28.88 1.02
C LYS F 138 -26.71 27.82 2.02
N THR F 146 -36.09 20.15 1.27
CA THR F 146 -35.80 18.88 1.91
C THR F 146 -35.66 19.03 3.42
N THR F 147 -34.72 19.86 3.84
CA THR F 147 -34.43 20.08 5.25
C THR F 147 -34.91 21.44 5.75
N GLN F 148 -35.65 22.18 4.93
CA GLN F 148 -35.96 23.58 5.20
C GLN F 148 -37.11 23.77 6.17
N LYS F 149 -37.75 22.69 6.63
CA LYS F 149 -39.00 22.86 7.39
C LYS F 149 -38.76 23.25 8.84
N LEU F 150 -37.53 23.10 9.36
CA LEU F 150 -37.16 23.79 10.58
C LEU F 150 -36.50 25.12 10.30
N ARG F 151 -35.96 25.30 9.09
CA ARG F 151 -35.54 26.63 8.64
C ARG F 151 -36.71 27.58 8.49
N ASN F 152 -37.94 27.04 8.36
CA ASN F 152 -39.13 27.87 8.44
C ASN F 152 -39.32 28.47 9.82
N ASP F 153 -38.76 27.84 10.85
CA ASP F 153 -38.83 28.37 12.21
C ASP F 153 -37.72 29.37 12.50
N LEU F 154 -36.54 29.20 11.88
CA LEU F 154 -35.46 30.16 12.08
C LEU F 154 -35.79 31.50 11.46
N LEU F 155 -36.30 31.49 10.22
CA LEU F 155 -36.67 32.75 9.56
C LEU F 155 -37.71 33.52 10.37
N ASN F 156 -38.50 32.82 11.16
CA ASN F 156 -39.40 33.49 12.10
C ASN F 156 -38.65 34.02 13.31
N ILE F 157 -37.70 33.25 13.82
CA ILE F 157 -37.00 33.61 15.05
C ILE F 157 -36.14 34.85 14.84
N ILE F 158 -35.47 34.95 13.70
CA ILE F 158 -34.66 36.13 13.41
C ILE F 158 -35.54 37.36 13.35
N ARG F 159 -36.75 37.23 12.81
CA ARG F 159 -37.67 38.36 12.74
C ARG F 159 -38.23 38.72 14.10
N GLU F 160 -38.72 37.73 14.85
CA GLU F 160 -39.28 37.98 16.17
C GLU F 160 -38.22 38.26 17.23
N LYS F 161 -36.94 38.07 16.91
CA LYS F 161 -35.84 38.17 17.88
C LYS F 161 -36.03 37.21 19.05
N ASN F 162 -36.81 36.14 18.84
CA ASN F 162 -37.12 35.17 19.89
C ASN F 162 -35.89 34.31 20.17
N LEU F 163 -35.04 34.78 21.09
CA LEU F 163 -33.77 34.12 21.34
C LEU F 163 -33.90 32.94 22.30
N ALA F 164 -34.96 32.88 23.09
CA ALA F 164 -35.14 31.83 24.08
C ALA F 164 -35.91 30.63 23.54
N HIS F 165 -36.13 30.56 22.23
CA HIS F 165 -36.83 29.43 21.65
C HIS F 165 -35.97 28.16 21.76
N PRO F 166 -36.60 26.99 21.91
CA PRO F 166 -35.82 25.76 22.12
C PRO F 166 -34.67 25.54 21.14
N VAL F 167 -34.91 25.72 19.83
CA VAL F 167 -33.89 25.39 18.84
C VAL F 167 -32.62 26.21 19.02
N ILE F 168 -32.69 27.33 19.75
CA ILE F 168 -31.49 28.09 20.08
C ILE F 168 -30.88 27.62 21.40
N GLN F 169 -31.69 27.54 22.47
CA GLN F 169 -31.16 27.22 23.79
C GLN F 169 -30.98 25.73 24.03
N ASN F 170 -31.68 24.87 23.30
CA ASN F 170 -31.40 23.44 23.39
C ASN F 170 -30.11 23.08 22.68
N PHE F 171 -29.77 23.82 21.62
CA PHE F 171 -28.53 23.61 20.88
C PHE F 171 -27.33 23.83 21.80
N SER F 172 -26.66 22.74 22.16
CA SER F 172 -25.43 22.82 22.95
C SER F 172 -24.24 22.81 22.01
N TYR F 173 -23.42 23.86 22.07
CA TYR F 173 -22.27 23.96 21.18
C TYR F 173 -21.27 22.85 21.41
N GLU F 174 -21.27 22.24 22.59
CA GLU F 174 -20.35 21.14 22.85
C GLU F 174 -20.74 19.90 22.06
N THR F 175 -22.00 19.48 22.18
CA THR F 175 -22.49 18.35 21.38
C THR F 175 -22.36 18.63 19.89
N PHE F 176 -22.49 19.91 19.51
CA PHE F 176 -22.26 20.29 18.11
C PHE F 176 -20.81 20.07 17.71
N GLN F 177 -19.87 20.38 18.61
CA GLN F 177 -18.46 20.40 18.25
C GLN F 177 -17.93 19.01 17.95
N GLN F 178 -18.10 18.08 18.90
CA GLN F 178 -17.55 16.73 18.73
C GLN F 178 -18.21 15.98 17.59
N LYS F 179 -19.44 16.34 17.21
CA LYS F 179 -20.09 15.67 16.09
C LYS F 179 -19.30 15.84 14.80
N MET F 180 -18.83 17.06 14.53
CA MET F 180 -17.98 17.27 13.37
C MET F 180 -16.61 16.63 13.55
N LEU F 181 -16.07 16.69 14.76
CA LEU F 181 -14.75 16.12 15.02
C LEU F 181 -14.75 14.61 14.84
N ARG F 182 -15.71 13.92 15.48
CA ARG F 182 -15.78 12.47 15.34
C ARG F 182 -16.09 12.03 13.92
N PHE F 183 -16.67 12.93 13.11
CA PHE F 183 -16.83 12.63 11.69
C PHE F 183 -15.55 12.92 10.90
N LEU F 184 -14.85 14.00 11.26
CA LEU F 184 -13.68 14.41 10.50
C LEU F 184 -12.57 13.38 10.61
N GLU F 185 -12.29 12.91 11.83
CA GLU F 185 -11.26 11.89 12.01
C GLU F 185 -11.73 10.51 11.56
N SER F 186 -12.99 10.35 11.15
CA SER F 186 -13.45 9.11 10.56
C SER F 186 -12.95 8.94 9.13
N HIS F 187 -12.20 9.91 8.61
CA HIS F 187 -11.63 9.85 7.27
C HIS F 187 -10.10 9.99 7.30
N LEU F 188 -9.49 9.90 8.48
CA LEU F 188 -8.05 10.02 8.64
C LEU F 188 -7.47 8.70 9.14
N ASP F 189 -6.34 8.32 8.58
CA ASP F 189 -5.63 7.12 9.04
C ASP F 189 -5.09 7.41 10.44
N ASP F 190 -5.81 6.92 11.46
CA ASP F 190 -5.47 7.20 12.85
C ASP F 190 -4.36 6.26 13.34
N ALA F 191 -3.22 6.33 12.65
CA ALA F 191 -2.02 5.62 13.05
C ALA F 191 -1.18 6.53 13.94
N GLU F 192 -0.74 6.01 15.07
CA GLU F 192 0.01 6.81 16.04
C GLU F 192 1.27 7.37 15.38
N PRO F 193 1.51 8.67 15.46
CA PRO F 193 2.64 9.27 14.73
C PRO F 193 3.98 8.79 15.27
N TYR F 194 5.03 9.15 14.53
CA TYR F 194 6.33 8.53 14.75
C TYR F 194 6.96 8.95 16.08
N LEU F 195 6.76 10.21 16.49
CA LEU F 195 7.46 10.70 17.67
C LEU F 195 6.85 10.14 18.95
N LEU F 196 5.53 10.00 18.99
CA LEU F 196 4.89 9.40 20.16
C LEU F 196 5.36 7.97 20.37
N THR F 197 5.73 7.27 19.30
CA THR F 197 6.33 5.95 19.43
C THR F 197 7.67 6.02 20.15
N MET F 198 8.47 7.04 19.85
CA MET F 198 9.80 7.15 20.45
C MET F 198 9.74 7.67 21.88
N ALA F 199 8.69 8.41 22.22
CA ALA F 199 8.56 8.92 23.58
C ALA F 199 8.43 7.79 24.59
N LYS F 200 7.65 6.77 24.24
CA LYS F 200 7.40 5.67 25.16
C LYS F 200 8.61 4.76 25.29
N LYS F 201 9.46 4.68 24.27
CA LYS F 201 10.65 3.87 24.35
C LYS F 201 11.63 4.42 25.38
N ALA F 202 11.61 5.74 25.61
CA ALA F 202 12.39 6.31 26.69
C ALA F 202 11.79 6.03 28.05
N LEU F 203 10.52 5.62 28.10
CA LEU F 203 9.86 5.30 29.36
C LEU F 203 9.83 3.80 29.61
N ALA G 2 20.74 -39.28 24.88
CA ALA G 2 19.58 -39.47 24.03
C ALA G 2 18.88 -40.80 24.34
N GLY G 3 19.16 -41.34 25.52
CA GLY G 3 18.58 -42.60 25.93
C GLY G 3 17.42 -42.42 26.89
N GLU G 4 17.34 -41.27 27.53
CA GLU G 4 16.28 -40.95 28.48
C GLU G 4 15.75 -39.55 28.20
N ALA G 5 15.29 -39.33 26.97
CA ALA G 5 14.71 -38.05 26.58
C ALA G 5 13.20 -38.10 26.42
N ARG G 6 12.62 -39.31 26.31
CA ARG G 6 11.22 -39.46 26.00
C ARG G 6 10.43 -40.34 26.97
N LEU G 7 11.07 -41.18 27.79
CA LEU G 7 10.30 -41.87 28.82
C LEU G 7 10.08 -41.01 30.06
N GLU G 8 10.47 -39.73 30.01
CA GLU G 8 9.90 -38.68 30.85
C GLU G 8 9.00 -37.73 30.07
N GLU G 9 9.21 -37.59 28.76
CA GLU G 9 8.32 -36.77 27.95
C GLU G 9 6.87 -37.21 28.09
N ALA G 10 6.65 -38.50 28.35
CA ALA G 10 5.29 -39.01 28.48
C ALA G 10 4.66 -38.61 29.82
N VAL G 11 5.40 -38.80 30.92
CA VAL G 11 4.87 -38.49 32.23
C VAL G 11 4.65 -36.99 32.42
N ASN G 12 5.36 -36.15 31.65
CA ASN G 12 5.10 -34.72 31.70
C ASN G 12 3.69 -34.41 31.20
N ARG G 13 3.25 -35.09 30.14
CA ARG G 13 1.89 -34.89 29.66
C ARG G 13 0.86 -35.36 30.68
N TRP G 14 1.11 -36.51 31.31
CA TRP G 14 0.17 -37.06 32.28
C TRP G 14 0.18 -36.35 33.62
N VAL G 15 1.05 -35.36 33.80
CA VAL G 15 0.92 -34.39 34.88
C VAL G 15 0.48 -33.02 34.37
N LEU G 16 0.92 -32.63 33.17
CA LEU G 16 0.43 -31.38 32.58
C LEU G 16 -1.07 -31.47 32.34
N LYS G 17 -1.53 -32.60 31.79
CA LYS G 17 -2.95 -32.75 31.49
C LYS G 17 -3.78 -32.81 32.76
N PHE G 18 -3.22 -33.34 33.84
CA PHE G 18 -3.96 -33.38 35.09
C PHE G 18 -4.18 -31.98 35.65
N TYR G 19 -3.08 -31.24 35.86
CA TYR G 19 -3.18 -29.92 36.48
C TYR G 19 -4.03 -28.96 35.65
N PHE G 20 -4.17 -29.23 34.35
CA PHE G 20 -5.10 -28.44 33.55
C PHE G 20 -6.55 -28.71 33.96
N HIS G 21 -6.89 -29.98 34.16
CA HIS G 21 -8.25 -30.34 34.55
C HIS G 21 -8.66 -29.62 35.83
N GLU G 22 -7.76 -29.54 36.80
CA GLU G 22 -8.09 -28.91 38.08
C GLU G 22 -8.02 -27.40 38.02
N ALA G 23 -7.42 -26.83 36.96
CA ALA G 23 -7.39 -25.39 36.82
C ALA G 23 -8.71 -24.85 36.28
N LEU G 24 -9.32 -25.54 35.32
CA LEU G 24 -10.66 -25.16 34.87
C LEU G 24 -11.67 -25.31 35.99
N ARG G 25 -11.58 -26.40 36.74
CA ARG G 25 -12.50 -26.60 37.86
C ARG G 25 -12.27 -25.56 38.94
N ALA G 26 -11.02 -25.15 39.17
CA ALA G 26 -10.76 -23.99 40.01
C ALA G 26 -11.28 -22.71 39.37
N PHE G 27 -11.21 -22.62 38.04
CA PHE G 27 -11.81 -21.49 37.34
C PHE G 27 -13.33 -21.54 37.43
N ARG G 28 -13.91 -22.75 37.36
CA ARG G 28 -15.35 -22.88 37.47
C ARG G 28 -15.86 -22.45 38.84
N GLY G 29 -15.11 -22.75 39.89
CA GLY G 29 -15.52 -22.42 41.23
C GLY G 29 -15.08 -21.04 41.68
N SER G 30 -14.74 -20.19 40.72
CA SER G 30 -14.30 -18.81 40.99
C SER G 30 -13.10 -18.78 41.92
N ARG G 31 -12.24 -19.79 41.85
CA ARG G 31 -11.03 -19.85 42.67
C ARG G 31 -9.83 -19.50 41.79
N TYR G 32 -9.75 -18.22 41.45
CA TYR G 32 -8.73 -17.72 40.54
C TYR G 32 -7.35 -17.62 41.19
N GLY G 33 -7.28 -17.65 42.52
CA GLY G 33 -5.99 -17.74 43.18
C GLY G 33 -5.40 -19.14 43.04
N ASP G 34 -6.23 -20.17 43.19
CA ASP G 34 -5.78 -21.53 42.90
C ASP G 34 -5.47 -21.69 41.42
N PHE G 35 -6.28 -21.07 40.55
CA PHE G 35 -6.00 -21.10 39.13
C PHE G 35 -4.64 -20.48 38.81
N ARG G 36 -4.31 -19.37 39.46
CA ARG G 36 -3.03 -18.72 39.21
C ARG G 36 -1.87 -19.57 39.70
N GLN G 37 -2.05 -20.27 40.83
CA GLN G 37 -1.00 -21.13 41.36
C GLN G 37 -0.75 -22.32 40.44
N ILE G 38 -1.81 -22.95 39.94
CA ILE G 38 -1.67 -24.11 39.08
C ILE G 38 -1.11 -23.70 37.72
N ARG G 39 -1.54 -22.53 37.22
CA ARG G 39 -1.02 -22.03 35.95
C ARG G 39 0.50 -21.87 36.00
N ASP G 40 1.03 -21.45 37.15
CA ASP G 40 2.47 -21.31 37.30
C ASP G 40 3.16 -22.68 37.25
N ILE G 41 2.53 -23.70 37.84
CA ILE G 41 3.06 -25.06 37.75
C ILE G 41 3.09 -25.51 36.29
N MET G 42 1.99 -25.27 35.57
CA MET G 42 1.95 -25.61 34.15
C MET G 42 2.89 -24.73 33.34
N GLN G 43 3.05 -23.46 33.74
CA GLN G 43 4.02 -22.60 33.07
C GLN G 43 5.44 -23.14 33.22
N ALA G 44 5.76 -23.70 34.38
CA ALA G 44 7.08 -24.27 34.61
C ALA G 44 7.28 -25.60 33.88
N LEU G 45 6.20 -26.28 33.51
CA LEU G 45 6.32 -27.54 32.78
C LEU G 45 6.65 -27.30 31.31
N LEU G 46 6.28 -26.15 30.76
CA LEU G 46 6.41 -25.90 29.33
C LEU G 46 7.85 -25.71 28.89
N VAL G 47 8.79 -25.50 29.82
CA VAL G 47 10.20 -25.46 29.45
C VAL G 47 10.79 -26.86 29.35
N ARG G 48 10.16 -27.86 29.97
CA ARG G 48 10.59 -29.24 29.91
C ARG G 48 10.20 -29.86 28.56
N PRO G 49 10.81 -30.98 28.17
CA PRO G 49 10.45 -31.58 26.88
C PRO G 49 9.03 -32.12 26.88
N LEU G 50 8.26 -31.69 25.87
CA LEU G 50 6.86 -32.11 25.71
C LEU G 50 6.60 -32.96 24.48
N GLY G 51 7.44 -32.88 23.43
CA GLY G 51 7.27 -33.74 22.28
C GLY G 51 6.33 -33.16 21.23
N LYS G 52 6.04 -33.98 20.23
CA LYS G 52 5.26 -33.49 19.10
C LYS G 52 3.75 -33.58 19.34
N GLU G 53 3.31 -34.50 20.20
CA GLU G 53 1.90 -34.74 20.48
C GLU G 53 1.14 -33.44 20.68
N HIS G 54 0.04 -33.28 19.94
CA HIS G 54 -0.60 -31.97 19.82
C HIS G 54 -2.11 -31.98 20.11
N THR G 55 -2.62 -32.98 20.83
CA THR G 55 -3.88 -32.71 21.54
C THR G 55 -3.62 -31.75 22.68
N VAL G 56 -2.38 -31.75 23.20
CA VAL G 56 -1.94 -30.72 24.13
C VAL G 56 -1.93 -29.36 23.45
N SER G 57 -1.67 -29.32 22.14
CA SER G 57 -1.61 -28.04 21.44
C SER G 57 -2.95 -27.31 21.52
N ARG G 58 -4.04 -28.02 21.27
CA ARG G 58 -5.36 -27.45 21.50
C ARG G 58 -5.63 -27.28 23.00
N LEU G 59 -4.93 -28.07 23.82
CA LEU G 59 -5.14 -28.08 25.27
C LEU G 59 -4.50 -26.88 25.96
N LEU G 60 -3.20 -26.68 25.76
CA LEU G 60 -2.51 -25.56 26.41
C LEU G 60 -2.82 -24.22 25.76
N ARG G 61 -3.59 -24.20 24.67
CA ARG G 61 -3.98 -22.95 24.04
C ARG G 61 -5.23 -22.35 24.66
N VAL G 62 -6.17 -23.18 25.12
CA VAL G 62 -7.31 -22.64 25.86
C VAL G 62 -6.87 -22.15 27.23
N MET G 63 -5.80 -22.73 27.78
CA MET G 63 -5.26 -22.24 29.03
C MET G 63 -4.69 -20.83 28.87
N GLN G 64 -4.13 -20.54 27.70
CA GLN G 64 -3.72 -19.16 27.40
C GLN G 64 -4.90 -18.21 27.53
N CYS G 65 -6.06 -18.61 26.98
CA CYS G 65 -7.22 -17.72 26.97
C CYS G 65 -7.68 -17.37 28.38
N LEU G 66 -7.92 -18.38 29.21
CA LEU G 66 -8.38 -18.12 30.57
C LEU G 66 -7.31 -17.39 31.39
N SER G 67 -6.03 -17.58 31.07
CA SER G 67 -4.98 -16.85 31.77
C SER G 67 -5.05 -15.36 31.45
N ARG G 68 -5.38 -15.00 30.22
CA ARG G 68 -5.62 -13.60 29.89
C ARG G 68 -6.86 -13.07 30.60
N ILE G 69 -7.89 -13.91 30.74
CA ILE G 69 -9.15 -13.46 31.32
C ILE G 69 -9.02 -13.29 32.83
N GLU G 70 -8.26 -14.18 33.48
CA GLU G 70 -8.04 -14.03 34.92
C GLU G 70 -7.32 -12.73 35.23
N GLU G 71 -6.46 -12.26 34.33
CA GLU G 71 -5.81 -10.97 34.44
C GLU G 71 -6.49 -9.90 33.61
N GLY G 72 -7.70 -10.16 33.11
CA GLY G 72 -8.35 -9.23 32.21
C GLY G 72 -8.68 -7.90 32.88
N GLU G 73 -9.09 -7.93 34.13
CA GLU G 73 -9.35 -6.70 34.88
C GLU G 73 -8.08 -6.05 35.41
N ASN G 74 -6.91 -6.66 35.19
CA ASN G 74 -5.63 -6.15 35.66
C ASN G 74 -4.89 -5.57 34.45
N LEU G 75 -5.02 -4.26 34.24
CA LEU G 75 -4.40 -3.61 33.09
C LEU G 75 -2.92 -3.27 33.32
N ASP G 76 -2.42 -3.38 34.55
CA ASP G 76 -1.02 -3.15 34.86
C ASP G 76 -0.13 -4.36 34.59
N CYS G 77 -0.58 -5.26 33.71
CA CYS G 77 0.22 -6.38 33.25
C CYS G 77 -0.20 -6.71 31.82
N SER G 78 0.69 -7.37 31.09
CA SER G 78 0.40 -7.68 29.69
C SER G 78 1.09 -8.98 29.29
N PHE G 79 0.55 -9.62 28.25
CA PHE G 79 1.12 -10.84 27.70
C PHE G 79 1.85 -10.63 26.39
N ASP G 80 1.76 -9.45 25.78
CA ASP G 80 2.41 -9.15 24.52
C ASP G 80 3.76 -8.51 24.80
N MET G 81 4.84 -9.20 24.41
CA MET G 81 6.18 -8.68 24.64
C MET G 81 6.55 -7.53 23.72
N GLU G 82 5.68 -7.17 22.77
CA GLU G 82 5.97 -6.11 21.82
C GLU G 82 5.45 -4.75 22.30
N ALA G 83 4.13 -4.61 22.38
CA ALA G 83 3.49 -3.35 22.72
C ALA G 83 2.69 -3.50 24.01
N GLU G 84 1.98 -2.42 24.36
CA GLU G 84 1.15 -2.39 25.57
C GLU G 84 -0.25 -2.87 25.22
N LEU G 85 -0.38 -4.19 25.11
CA LEU G 85 -1.65 -4.83 24.80
C LEU G 85 -2.31 -5.27 26.10
N THR G 86 -3.51 -4.76 26.37
CA THR G 86 -4.21 -5.13 27.59
C THR G 86 -4.54 -6.63 27.57
N PRO G 87 -4.62 -7.26 28.74
CA PRO G 87 -4.81 -8.72 28.77
C PRO G 87 -6.06 -9.19 28.03
N LEU G 88 -7.12 -8.39 28.00
CA LEU G 88 -8.35 -8.84 27.36
C LEU G 88 -8.21 -8.84 25.83
N GLU G 89 -7.62 -7.79 25.26
CA GLU G 89 -7.38 -7.80 23.83
C GLU G 89 -6.28 -8.77 23.44
N SER G 90 -5.47 -9.21 24.42
CA SER G 90 -4.57 -10.33 24.18
C SER G 90 -5.32 -11.65 24.09
N ALA G 91 -6.54 -11.71 24.60
CA ALA G 91 -7.32 -12.95 24.56
C ALA G 91 -8.02 -13.15 23.23
N ILE G 92 -8.44 -12.06 22.57
CA ILE G 92 -9.03 -12.20 21.23
C ILE G 92 -7.97 -12.60 20.23
N ASN G 93 -6.74 -12.08 20.39
CA ASN G 93 -5.64 -12.52 19.54
C ASN G 93 -5.40 -14.02 19.68
N VAL G 94 -5.58 -14.55 20.89
CA VAL G 94 -5.44 -15.98 21.10
C VAL G 94 -6.69 -16.72 20.63
N LEU G 95 -7.87 -16.14 20.86
CA LEU G 95 -9.11 -16.82 20.47
C LEU G 95 -9.23 -16.96 18.96
N GLU G 96 -8.63 -16.05 18.20
CA GLU G 96 -8.57 -16.22 16.76
C GLU G 96 -7.73 -17.44 16.38
N MET G 97 -6.80 -17.83 17.25
CA MET G 97 -5.98 -19.01 17.02
C MET G 97 -6.62 -20.29 17.54
N ILE G 98 -7.46 -20.21 18.57
CA ILE G 98 -8.26 -21.36 18.97
C ILE G 98 -9.22 -21.75 17.86
N LYS G 99 -9.68 -20.76 17.08
CA LYS G 99 -10.60 -21.03 15.98
C LYS G 99 -9.98 -21.98 14.95
N THR G 100 -8.72 -21.73 14.59
CA THR G 100 -8.08 -22.51 13.54
C THR G 100 -7.69 -23.90 14.04
N GLU G 101 -6.94 -23.95 15.15
CA GLU G 101 -6.38 -25.21 15.63
C GLU G 101 -7.44 -26.19 16.13
N PHE G 102 -8.68 -25.75 16.30
CA PHE G 102 -9.77 -26.62 16.75
C PHE G 102 -10.65 -27.09 15.60
N THR G 103 -10.36 -26.70 14.37
CA THR G 103 -11.18 -27.05 13.19
C THR G 103 -12.64 -26.64 13.39
N LEU G 104 -12.84 -25.49 14.02
CA LEU G 104 -14.17 -24.96 14.28
C LEU G 104 -14.72 -24.21 13.08
N THR G 105 -16.05 -24.16 13.00
CA THR G 105 -16.72 -23.22 12.12
C THR G 105 -16.78 -21.86 12.79
N GLU G 106 -16.60 -20.79 12.01
CA GLU G 106 -16.62 -19.45 12.57
C GLU G 106 -18.01 -19.05 13.05
N ALA G 107 -19.05 -19.80 12.63
CA ALA G 107 -20.40 -19.52 13.10
C ALA G 107 -20.52 -19.69 14.61
N VAL G 108 -19.71 -20.56 15.21
CA VAL G 108 -19.69 -20.73 16.66
C VAL G 108 -18.49 -20.07 17.31
N VAL G 109 -17.49 -19.66 16.53
CA VAL G 109 -16.25 -19.13 17.10
C VAL G 109 -16.49 -17.79 17.78
N GLU G 110 -17.12 -16.86 17.08
CA GLU G 110 -17.14 -15.46 17.48
C GLU G 110 -18.36 -15.06 18.29
N SER G 111 -19.28 -15.99 18.57
CA SER G 111 -20.45 -15.65 19.37
C SER G 111 -20.06 -15.22 20.77
N SER G 112 -18.92 -15.72 21.28
CA SER G 112 -18.43 -15.35 22.60
C SER G 112 -17.32 -14.31 22.56
N ARG G 113 -16.62 -14.16 21.44
CA ARG G 113 -15.65 -13.08 21.34
C ARG G 113 -16.32 -11.73 21.13
N LYS G 114 -17.62 -11.70 20.83
CA LYS G 114 -18.39 -10.47 21.01
C LYS G 114 -18.34 -10.03 22.46
N LEU G 115 -18.43 -10.98 23.39
CA LEU G 115 -18.32 -10.66 24.81
C LEU G 115 -16.94 -10.16 25.17
N VAL G 116 -15.89 -10.81 24.65
CA VAL G 116 -14.53 -10.38 24.96
C VAL G 116 -14.26 -9.01 24.37
N LYS G 117 -14.76 -8.75 23.17
CA LYS G 117 -14.68 -7.41 22.60
C LYS G 117 -15.49 -6.41 23.42
N GLU G 118 -16.68 -6.83 23.86
CA GLU G 118 -17.48 -5.99 24.75
C GLU G 118 -16.80 -5.84 26.11
N ALA G 119 -16.18 -6.91 26.61
CA ALA G 119 -15.51 -6.84 27.91
C ALA G 119 -14.26 -5.97 27.84
N ALA G 120 -13.50 -6.07 26.75
CA ALA G 120 -12.24 -5.34 26.65
C ALA G 120 -12.48 -3.83 26.69
N VAL G 121 -13.51 -3.36 25.99
CA VAL G 121 -13.78 -1.92 25.96
C VAL G 121 -14.28 -1.44 27.32
N ILE G 122 -15.22 -2.19 27.92
CA ILE G 122 -15.82 -1.76 29.18
C ILE G 122 -14.79 -1.74 30.30
N ILE G 123 -13.91 -2.75 30.35
CA ILE G 123 -12.91 -2.81 31.42
C ILE G 123 -12.00 -1.59 31.37
N CYS G 124 -11.67 -1.12 30.17
CA CYS G 124 -10.89 0.12 30.06
C CYS G 124 -11.71 1.32 30.49
N ILE G 125 -13.01 1.32 30.18
CA ILE G 125 -13.89 2.41 30.59
C ILE G 125 -14.01 2.46 32.11
N LYS G 126 -14.12 1.29 32.75
CA LYS G 126 -14.26 1.24 34.20
C LYS G 126 -13.01 1.72 34.92
N ASN G 127 -11.85 1.72 34.25
CA ASN G 127 -10.61 2.19 34.85
C ASN G 127 -10.26 3.60 34.41
N LYS G 128 -11.22 4.34 33.88
CA LYS G 128 -11.07 5.74 33.48
C LYS G 128 -9.95 5.93 32.45
N GLU G 129 -9.55 4.86 31.78
CA GLU G 129 -8.59 4.93 30.68
C GLU G 129 -9.39 4.93 29.39
N PHE G 130 -9.84 6.12 28.99
CA PHE G 130 -10.65 6.26 27.78
C PHE G 130 -9.83 6.38 26.52
N GLU G 131 -8.52 6.66 26.64
CA GLU G 131 -7.67 6.79 25.46
C GLU G 131 -7.59 5.48 24.70
N LYS G 132 -7.25 4.38 25.39
CA LYS G 132 -7.26 3.08 24.73
C LYS G 132 -8.68 2.59 24.51
N ALA G 133 -9.58 2.80 25.48
CA ALA G 133 -10.95 2.30 25.35
C ALA G 133 -11.59 2.74 24.05
N SER G 134 -11.29 3.97 23.60
CA SER G 134 -11.83 4.45 22.34
C SER G 134 -11.18 3.77 21.15
N LYS G 135 -9.95 3.26 21.30
CA LYS G 135 -9.21 2.71 20.18
C LYS G 135 -9.66 1.29 19.86
N ILE G 136 -9.69 0.41 20.87
CA ILE G 136 -10.07 -0.98 20.62
C ILE G 136 -11.51 -1.08 20.11
N LEU G 137 -12.39 -0.19 20.57
CA LEU G 137 -13.77 -0.21 20.11
C LEU G 137 -13.87 0.04 18.62
N LYS G 138 -12.95 0.85 18.07
CA LYS G 138 -12.92 1.05 16.62
C LYS G 138 -12.11 -0.02 15.90
N LYS G 139 -11.17 -0.65 16.59
CA LYS G 139 -10.30 -1.64 15.95
C LYS G 139 -11.02 -2.95 15.67
N HIS G 140 -12.07 -3.26 16.43
CA HIS G 140 -12.76 -4.54 16.26
C HIS G 140 -14.27 -4.36 16.19
N MET G 141 -14.87 -3.78 17.23
CA MET G 141 -16.32 -3.65 17.32
C MET G 141 -16.90 -2.82 16.18
N THR G 146 -26.55 -5.11 15.18
CA THR G 146 -26.14 -5.84 16.38
C THR G 146 -24.81 -5.33 16.91
N THR G 147 -23.79 -5.36 16.04
CA THR G 147 -22.46 -4.90 16.46
C THR G 147 -22.42 -3.39 16.60
N GLN G 148 -23.21 -2.67 15.80
CA GLN G 148 -23.20 -1.21 15.84
C GLN G 148 -24.23 -0.62 16.80
N LYS G 149 -25.29 -1.36 17.11
CA LYS G 149 -26.29 -0.86 18.05
C LYS G 149 -25.67 -0.67 19.43
N LEU G 150 -24.93 -1.66 19.92
CA LEU G 150 -24.25 -1.52 21.20
C LEU G 150 -23.07 -0.57 21.09
N ARG G 151 -22.29 -0.69 20.01
CA ARG G 151 -21.07 0.11 19.87
C ARG G 151 -21.36 1.61 19.98
N ASN G 152 -22.45 2.07 19.36
CA ASN G 152 -22.81 3.48 19.45
C ASN G 152 -23.11 3.89 20.88
N ASP G 153 -23.61 2.96 21.71
CA ASP G 153 -23.90 3.28 23.09
C ASP G 153 -22.63 3.59 23.88
N LEU G 154 -21.57 2.83 23.63
CA LEU G 154 -20.35 2.99 24.44
C LEU G 154 -19.54 4.21 24.00
N LEU G 155 -19.46 4.49 22.70
CA LEU G 155 -18.84 5.74 22.26
C LEU G 155 -19.51 6.94 22.92
N ASN G 156 -20.83 6.88 23.06
CA ASN G 156 -21.57 7.93 23.76
C ASN G 156 -21.08 8.07 25.19
N ILE G 157 -20.77 6.95 25.84
CA ILE G 157 -20.28 6.98 27.22
C ILE G 157 -18.86 7.53 27.25
N ILE G 158 -17.99 7.05 26.36
CA ILE G 158 -16.61 7.53 26.31
C ILE G 158 -16.57 9.01 25.98
N ARG G 159 -17.57 9.50 25.23
CA ARG G 159 -17.64 10.93 24.95
C ARG G 159 -18.05 11.74 26.18
N GLU G 160 -18.64 11.10 27.19
CA GLU G 160 -19.10 11.80 28.38
C GLU G 160 -18.46 11.29 29.66
N LYS G 161 -17.63 10.26 29.60
CA LYS G 161 -17.01 9.65 30.78
C LYS G 161 -18.07 9.28 31.82
N ASN G 162 -19.08 8.55 31.38
CA ASN G 162 -20.25 8.26 32.21
C ASN G 162 -20.16 6.84 32.76
N LEU G 163 -19.29 6.68 33.76
CA LEU G 163 -19.11 5.39 34.42
C LEU G 163 -20.28 5.02 35.32
N ALA G 164 -21.30 5.86 35.42
CA ALA G 164 -22.52 5.54 36.15
C ALA G 164 -23.63 5.03 35.23
N HIS G 165 -23.38 4.95 33.93
CA HIS G 165 -24.38 4.44 33.00
C HIS G 165 -24.66 2.98 33.33
N PRO G 166 -25.93 2.57 33.44
CA PRO G 166 -26.23 1.16 33.75
C PRO G 166 -25.49 0.15 32.89
N VAL G 167 -25.32 0.41 31.58
CA VAL G 167 -24.84 -0.64 30.68
C VAL G 167 -23.44 -1.09 31.06
N ILE G 168 -22.59 -0.18 31.54
CA ILE G 168 -21.25 -0.58 31.95
C ILE G 168 -21.22 -1.00 33.43
N GLN G 169 -22.14 -0.48 34.25
CA GLN G 169 -22.25 -0.92 35.63
C GLN G 169 -23.04 -2.22 35.77
N ASN G 170 -23.94 -2.51 34.83
CA ASN G 170 -24.59 -3.82 34.80
C ASN G 170 -23.62 -4.92 34.38
N PHE G 171 -22.54 -4.56 33.67
CA PHE G 171 -21.57 -5.54 33.22
C PHE G 171 -20.88 -6.22 34.39
N SER G 172 -21.20 -7.49 34.63
CA SER G 172 -20.55 -8.28 35.67
C SER G 172 -19.43 -9.10 35.03
N TYR G 173 -18.19 -8.81 35.42
CA TYR G 173 -17.05 -9.49 34.82
C TYR G 173 -17.03 -10.97 35.18
N GLU G 174 -17.60 -11.34 36.33
CA GLU G 174 -17.56 -12.74 36.77
C GLU G 174 -18.37 -13.62 35.84
N THR G 175 -19.58 -13.21 35.49
CA THR G 175 -20.39 -14.01 34.55
C THR G 175 -19.71 -14.09 33.19
N PHE G 176 -19.04 -13.02 32.77
CA PHE G 176 -18.30 -13.05 31.51
C PHE G 176 -17.23 -14.13 31.51
N GLN G 177 -16.57 -14.34 32.65
CA GLN G 177 -15.55 -15.37 32.75
C GLN G 177 -16.16 -16.76 32.63
N GLN G 178 -17.28 -17.00 33.31
CA GLN G 178 -17.88 -18.33 33.30
C GLN G 178 -18.49 -18.66 31.94
N LYS G 179 -19.02 -17.67 31.23
CA LYS G 179 -19.56 -17.94 29.90
C LYS G 179 -18.45 -18.32 28.93
N MET G 180 -17.25 -17.75 29.10
CA MET G 180 -16.13 -18.09 28.22
C MET G 180 -15.63 -19.50 28.47
N LEU G 181 -15.58 -19.91 29.75
CA LEU G 181 -15.03 -21.22 30.07
C LEU G 181 -15.90 -22.34 29.50
N ARG G 182 -17.22 -22.22 29.69
CA ARG G 182 -18.13 -23.21 29.11
C ARG G 182 -17.93 -23.32 27.61
N PHE G 183 -17.72 -22.19 26.93
CA PHE G 183 -17.45 -22.21 25.51
C PHE G 183 -16.13 -22.90 25.20
N LEU G 184 -15.08 -22.56 25.94
CA LEU G 184 -13.76 -23.11 25.66
C LEU G 184 -13.66 -24.59 26.04
N GLU G 185 -14.48 -25.04 26.99
CA GLU G 185 -14.41 -26.43 27.44
C GLU G 185 -15.48 -27.31 26.81
N SER G 186 -16.47 -26.74 26.13
CA SER G 186 -17.39 -27.57 25.34
C SER G 186 -16.71 -28.15 24.11
N HIS G 187 -15.57 -27.58 23.72
CA HIS G 187 -14.75 -28.09 22.62
C HIS G 187 -13.62 -28.95 23.13
N LEU G 188 -13.78 -29.50 24.33
CA LEU G 188 -12.74 -30.21 25.07
C LEU G 188 -13.35 -31.45 25.69
N ASP G 189 -12.64 -32.56 25.61
CA ASP G 189 -13.16 -33.81 26.13
C ASP G 189 -13.14 -33.81 27.66
N ASP G 190 -14.24 -34.25 28.27
CA ASP G 190 -14.33 -34.46 29.71
C ASP G 190 -13.59 -35.74 30.06
N ALA G 191 -12.78 -36.23 29.11
CA ALA G 191 -11.93 -37.39 29.34
C ALA G 191 -11.06 -37.15 30.56
N GLU G 192 -11.24 -37.99 31.57
CA GLU G 192 -10.46 -37.87 32.79
C GLU G 192 -8.99 -38.08 32.49
N PRO G 193 -8.10 -37.18 32.93
CA PRO G 193 -6.67 -37.43 32.76
C PRO G 193 -6.23 -38.66 33.56
N TYR G 194 -5.08 -39.20 33.18
CA TYR G 194 -4.60 -40.45 33.75
C TYR G 194 -4.29 -40.35 35.23
N LEU G 195 -4.07 -39.14 35.76
CA LEU G 195 -3.55 -38.99 37.10
C LEU G 195 -4.64 -39.14 38.16
N LEU G 196 -5.78 -38.49 37.95
CA LEU G 196 -6.79 -38.36 39.01
C LEU G 196 -7.53 -39.65 39.28
N THR G 197 -7.58 -40.58 38.32
CA THR G 197 -8.27 -41.84 38.56
C THR G 197 -7.48 -42.78 39.44
N MET G 198 -6.19 -42.49 39.68
CA MET G 198 -5.35 -43.33 40.52
C MET G 198 -5.41 -42.94 41.99
N ALA G 199 -6.42 -42.16 42.40
CA ALA G 199 -6.51 -41.74 43.80
C ALA G 199 -6.70 -42.93 44.73
N LYS G 200 -7.58 -43.85 44.36
CA LYS G 200 -7.83 -45.04 45.16
C LYS G 200 -8.01 -46.27 44.25
N ARG H 3 -1.29 15.41 -9.43
CA ARG H 3 -1.72 16.60 -10.15
C ARG H 3 -2.54 16.24 -11.39
N ILE H 4 -3.16 15.07 -11.40
CA ILE H 4 -3.85 14.57 -12.58
C ILE H 4 -5.20 15.28 -12.73
N PRO H 5 -6.08 15.29 -11.73
CA PRO H 5 -7.24 16.20 -11.77
C PRO H 5 -7.05 17.47 -10.94
N ASN H 6 -5.88 17.66 -10.33
CA ASN H 6 -5.63 18.87 -9.56
C ASN H 6 -5.61 20.11 -10.45
N TYR H 7 -4.96 20.01 -11.61
CA TYR H 7 -4.94 21.10 -12.57
C TYR H 7 -5.48 20.63 -13.92
N GLN H 8 -6.62 19.93 -13.89
CA GLN H 8 -7.18 19.31 -15.09
C GLN H 8 -7.37 20.34 -16.20
N LEU H 9 -6.75 20.07 -17.35
CA LEU H 9 -6.82 20.96 -18.50
C LEU H 9 -7.78 20.47 -19.57
N SER H 10 -7.92 19.15 -19.74
CA SER H 10 -8.73 18.57 -20.80
C SER H 10 -10.15 18.33 -20.32
N PRO H 11 -11.14 18.45 -21.20
CA PRO H 11 -12.51 18.15 -20.85
C PRO H 11 -12.77 16.65 -20.98
N THR H 12 -14.03 16.26 -20.77
CA THR H 12 -14.45 14.88 -20.94
C THR H 12 -15.80 14.89 -21.68
N LYS H 13 -15.82 14.36 -22.89
CA LYS H 13 -17.03 14.33 -23.69
C LYS H 13 -18.11 13.51 -22.98
N LEU H 14 -19.27 14.13 -22.78
CA LEU H 14 -20.39 13.47 -22.11
C LEU H 14 -20.88 12.28 -22.91
N MET I 2 5.46 10.74 -51.29
CA MET I 2 4.08 11.21 -51.29
C MET I 2 3.16 10.15 -50.70
N ARG I 3 3.58 9.60 -49.56
CA ARG I 3 2.82 8.60 -48.82
C ARG I 3 2.96 8.95 -47.34
N ILE I 4 1.86 9.34 -46.71
CA ILE I 4 1.90 9.89 -45.35
C ILE I 4 2.27 8.81 -44.35
N PRO I 5 3.40 8.94 -43.66
CA PRO I 5 3.82 7.93 -42.69
C PRO I 5 3.06 8.08 -41.37
N ASN I 6 2.75 6.93 -40.76
CA ASN I 6 2.00 6.89 -39.51
C ASN I 6 2.88 6.34 -38.40
N TYR I 7 2.98 7.09 -37.30
CA TYR I 7 3.82 6.73 -36.16
C TYR I 7 3.00 6.69 -34.88
N GLN I 8 1.80 6.13 -34.93
CA GLN I 8 0.94 6.08 -33.75
C GLN I 8 1.58 5.23 -32.66
N LEU I 9 1.55 5.75 -31.43
CA LEU I 9 2.20 5.11 -30.30
C LEU I 9 1.23 4.55 -29.27
N SER I 10 0.07 5.19 -29.06
CA SER I 10 -0.88 4.80 -28.03
C SER I 10 -1.92 3.83 -28.59
N PRO I 11 -2.50 2.98 -27.73
CA PRO I 11 -3.50 2.02 -28.21
C PRO I 11 -4.90 2.62 -28.27
N THR I 12 -5.89 1.76 -28.46
CA THR I 12 -7.30 2.14 -28.41
C THR I 12 -8.05 1.02 -27.73
N LYS I 13 -8.65 1.32 -26.57
CA LYS I 13 -9.21 0.27 -25.72
C LYS I 13 -10.29 -0.52 -26.47
N LEU I 14 -10.22 -1.84 -26.34
CA LEU I 14 -11.09 -2.76 -27.08
C LEU I 14 -11.00 -2.53 -28.59
N PRO J 5 4.75 -27.05 12.96
CA PRO J 5 4.74 -28.48 12.59
C PRO J 5 4.03 -28.74 11.26
N ASN J 6 3.67 -27.66 10.57
CA ASN J 6 2.96 -27.74 9.29
C ASN J 6 3.83 -27.13 8.20
N TYR J 7 4.08 -27.89 7.14
CA TYR J 7 4.84 -27.41 6.01
C TYR J 7 4.06 -27.54 4.71
N GLN J 8 2.83 -27.05 4.67
CA GLN J 8 2.01 -27.18 3.47
C GLN J 8 2.63 -26.38 2.32
N LEU J 9 2.80 -27.04 1.17
CA LEU J 9 3.48 -26.45 0.03
C LEU J 9 2.54 -26.05 -1.11
N SER J 10 1.42 -26.74 -1.27
CA SER J 10 0.53 -26.49 -2.40
C SER J 10 -0.72 -25.72 -1.95
N PRO J 11 -1.32 -24.93 -2.84
CA PRO J 11 -2.50 -24.14 -2.44
C PRO J 11 -3.79 -24.93 -2.53
N THR J 12 -4.92 -24.22 -2.49
CA THR J 12 -6.24 -24.83 -2.62
C THR J 12 -7.12 -23.87 -3.40
N LYS J 13 -7.53 -24.26 -4.60
CA LYS J 13 -8.39 -23.41 -5.41
C LYS J 13 -9.74 -23.21 -4.72
N LEU J 14 -10.21 -21.97 -4.74
CA LEU J 14 -11.46 -21.62 -4.07
C LEU J 14 -12.66 -21.73 -5.02
N PRO K 5 -0.30 -45.49 -24.98
CA PRO K 5 -1.15 -44.69 -24.11
C PRO K 5 -0.38 -44.10 -22.92
N ASN K 6 -1.12 -43.58 -21.94
CA ASN K 6 -0.50 -42.97 -20.77
C ASN K 6 -0.29 -44.00 -19.66
N TYR K 7 0.41 -43.57 -18.61
CA TYR K 7 0.66 -44.43 -17.47
C TYR K 7 0.10 -43.81 -16.19
N GLN K 8 -1.14 -43.31 -16.25
CA GLN K 8 -1.71 -42.64 -15.08
C GLN K 8 -2.05 -43.66 -14.00
N LEU K 9 -1.69 -43.32 -12.77
CA LEU K 9 -1.87 -44.20 -11.62
C LEU K 9 -3.00 -43.80 -10.70
N SER K 10 -3.33 -42.50 -10.63
CA SER K 10 -4.29 -42.07 -9.60
C SER K 10 -5.69 -41.93 -10.19
N PRO K 11 -6.71 -42.19 -9.40
CA PRO K 11 -8.09 -42.06 -9.88
C PRO K 11 -8.58 -40.62 -9.80
N THR K 12 -9.81 -40.40 -10.26
CA THR K 12 -10.47 -39.11 -10.18
C THR K 12 -11.71 -39.25 -9.31
N LYS K 13 -11.87 -38.34 -8.35
CA LYS K 13 -13.01 -38.40 -7.45
C LYS K 13 -14.31 -38.15 -8.22
N LEU K 14 -15.37 -38.85 -7.80
CA LEU K 14 -16.66 -38.72 -8.48
C LEU K 14 -17.53 -37.65 -7.82
N PRO L 5 4.92 34.53 29.31
CA PRO L 5 5.29 35.91 29.67
C PRO L 5 6.62 35.97 30.41
N ASN L 6 7.04 34.85 30.99
CA ASN L 6 8.30 34.80 31.73
C ASN L 6 9.50 34.74 30.79
N TYR L 7 9.34 34.07 29.65
CA TYR L 7 10.47 33.76 28.77
C TYR L 7 10.19 34.20 27.34
N GLN L 8 9.55 35.35 27.16
CA GLN L 8 9.06 35.73 25.84
C GLN L 8 10.21 35.96 24.86
N LEU L 9 10.07 35.39 23.67
CA LEU L 9 11.03 35.56 22.58
C LEU L 9 10.59 36.55 21.51
N SER L 10 9.29 36.84 21.42
CA SER L 10 8.75 37.52 20.26
C SER L 10 8.42 39.00 20.56
N PRO L 11 8.48 39.86 19.55
CA PRO L 11 8.25 41.29 19.76
C PRO L 11 6.75 41.61 19.77
N THR L 12 6.47 42.91 19.87
CA THR L 12 5.12 43.46 19.77
C THR L 12 5.25 44.78 19.00
N LYS L 13 5.09 44.71 17.69
CA LYS L 13 5.33 45.87 16.84
C LYS L 13 4.33 46.98 17.13
N LEU L 14 4.85 48.17 17.43
CA LEU L 14 4.00 49.32 17.72
C LEU L 14 3.78 50.18 16.48
N TYR M 7 -3.69 27.73 3.46
CA TYR M 7 -3.68 26.67 4.45
C TYR M 7 -3.63 27.23 5.88
N GLN M 8 -4.18 28.42 6.07
CA GLN M 8 -4.09 29.09 7.36
C GLN M 8 -5.01 28.43 8.38
N LEU M 9 -4.47 28.22 9.58
CA LEU M 9 -5.21 27.64 10.70
C LEU M 9 -5.61 28.68 11.74
N SER M 10 -4.67 29.52 12.15
CA SER M 10 -4.94 30.54 13.15
C SER M 10 -5.85 31.62 12.57
N PRO M 11 -6.75 32.18 13.39
CA PRO M 11 -7.65 33.23 12.90
C PRO M 11 -7.00 34.60 12.81
N THR M 12 -7.81 35.61 12.52
CA THR M 12 -7.35 37.00 12.48
C THR M 12 -8.29 37.83 13.34
N LYS M 13 -7.74 38.49 14.35
CA LYS M 13 -8.54 39.27 15.29
C LYS M 13 -9.25 40.43 14.60
N PRO N 5 9.09 -18.79 24.44
CA PRO N 5 7.89 -17.94 24.44
C PRO N 5 6.85 -18.40 23.41
N ASN N 6 6.86 -19.69 23.11
CA ASN N 6 5.94 -20.22 22.09
C ASN N 6 4.50 -20.22 22.60
N TYR N 7 4.28 -20.78 23.79
CA TYR N 7 2.94 -20.97 24.35
C TYR N 7 2.95 -20.39 25.76
N GLN N 8 2.89 -19.06 25.87
CA GLN N 8 2.98 -18.40 27.16
C GLN N 8 1.66 -18.48 27.92
N LEU N 9 1.76 -18.71 29.23
CA LEU N 9 0.61 -18.76 30.13
C LEU N 9 0.61 -17.63 31.13
N SER N 10 1.74 -17.36 31.77
CA SER N 10 1.83 -16.34 32.81
C SER N 10 2.04 -14.96 32.18
N PRO N 11 1.60 -13.90 32.87
CA PRO N 11 1.77 -12.54 32.34
C PRO N 11 3.11 -11.92 32.69
N THR N 12 3.22 -10.61 32.50
CA THR N 12 4.41 -9.86 32.88
C THR N 12 3.97 -8.47 33.31
N LYS N 13 4.23 -8.12 34.56
CA LYS N 13 3.82 -6.83 35.11
C LYS N 13 4.62 -5.69 34.49
#